data_2NML
# 
_entry.id   2NML 
# 
_audit_conform.dict_name       mmcif_pdbx.dic 
_audit_conform.dict_version    5.383 
_audit_conform.dict_location   http://mmcif.pdb.org/dictionaries/ascii/mmcif_pdbx.dic 
# 
loop_
_database_2.database_id 
_database_2.database_code 
_database_2.pdbx_database_accession 
_database_2.pdbx_DOI 
PDB   2NML         pdb_00002nml 10.2210/pdb2nml/pdb 
RCSB  RCSB040046   ?            ?                   
WWPDB D_1000040046 ?            ?                   
# 
loop_
_pdbx_audit_revision_history.ordinal 
_pdbx_audit_revision_history.data_content_type 
_pdbx_audit_revision_history.major_revision 
_pdbx_audit_revision_history.minor_revision 
_pdbx_audit_revision_history.revision_date 
1 'Structure model' 1 0 2006-10-31 
2 'Structure model' 1 1 2008-05-01 
3 'Structure model' 1 2 2011-07-13 
4 'Structure model' 1 3 2017-10-18 
5 'Structure model' 1 4 2023-12-27 
# 
_pdbx_audit_revision_details.ordinal             1 
_pdbx_audit_revision_details.revision_ordinal    1 
_pdbx_audit_revision_details.data_content_type   'Structure model' 
_pdbx_audit_revision_details.provider            repository 
_pdbx_audit_revision_details.type                'Initial release' 
_pdbx_audit_revision_details.description         ? 
_pdbx_audit_revision_details.details             ? 
# 
loop_
_pdbx_audit_revision_group.ordinal 
_pdbx_audit_revision_group.revision_ordinal 
_pdbx_audit_revision_group.data_content_type 
_pdbx_audit_revision_group.group 
1 2 'Structure model' 'Version format compliance' 
2 3 'Structure model' 'Version format compliance' 
3 4 'Structure model' 'Refinement description'    
4 5 'Structure model' 'Data collection'           
5 5 'Structure model' 'Database references'       
# 
loop_
_pdbx_audit_revision_category.ordinal 
_pdbx_audit_revision_category.revision_ordinal 
_pdbx_audit_revision_category.data_content_type 
_pdbx_audit_revision_category.category 
1 4 'Structure model' software       
2 5 'Structure model' chem_comp_atom 
3 5 'Structure model' chem_comp_bond 
4 5 'Structure model' database_2     
# 
loop_
_pdbx_audit_revision_item.ordinal 
_pdbx_audit_revision_item.revision_ordinal 
_pdbx_audit_revision_item.data_content_type 
_pdbx_audit_revision_item.item 
1  4 'Structure model' '_software.classification'            
2  4 'Structure model' '_software.contact_author'            
3  4 'Structure model' '_software.contact_author_email'      
4  4 'Structure model' '_software.date'                      
5  4 'Structure model' '_software.language'                  
6  4 'Structure model' '_software.location'                  
7  4 'Structure model' '_software.name'                      
8  4 'Structure model' '_software.type'                      
9  4 'Structure model' '_software.version'                   
10 5 'Structure model' '_database_2.pdbx_DOI'                
11 5 'Structure model' '_database_2.pdbx_database_accession' 
# 
_pdbx_database_PDB_obs_spr.id               SPRSDE 
_pdbx_database_PDB_obs_spr.date             2006-10-31 
_pdbx_database_PDB_obs_spr.pdb_id           2NML 
_pdbx_database_PDB_obs_spr.replace_pdb_id   2I4F 
_pdbx_database_PDB_obs_spr.details          ? 
# 
_pdbx_database_status.entry_id                        2NML 
_pdbx_database_status.deposit_site                    RCSB 
_pdbx_database_status.process_site                    RCSB 
_pdbx_database_status.recvd_initial_deposition_date   2006-10-21 
_pdbx_database_status.status_code                     REL 
_pdbx_database_status.status_code_sf                  REL 
_pdbx_database_status.status_code_mr                  ? 
_pdbx_database_status.SG_entry                        ? 
_pdbx_database_status.pdb_format_compatible           Y 
_pdbx_database_status.status_code_cs                  ? 
_pdbx_database_status.methods_development_category    ? 
_pdbx_database_status.status_code_nmr_data            ? 
# 
loop_
_audit_author.name 
_audit_author.pdbx_ordinal 
'Jin, T.C.'          1 
'Guo, F.'            2 
'Serebriiskii, I.G.' 3 
'Howard, A.J.'       4 
'Zhang, Y.Z.'        5 
# 
_citation.id                        primary 
_citation.title                     
'A 1.55 A resolution X-ray crystal structure of HEF2/ERH and insights into its transcriptional and cell-cycle interaction networks.' 
_citation.journal_abbrev            Proteins 
_citation.journal_volume            68 
_citation.page_first                427 
_citation.page_last                 437 
_citation.year                      2007 
_citation.journal_id_ASTM           PSFGEY 
_citation.country                   US 
_citation.journal_id_ISSN           0887-3585 
_citation.journal_id_CSD            0867 
_citation.book_publisher            ? 
_citation.pdbx_database_id_PubMed   17444515 
_citation.pdbx_database_id_DOI      10.1002/prot.21343 
# 
loop_
_citation_author.citation_id 
_citation_author.name 
_citation_author.ordinal 
_citation_author.identifier_ORCID 
primary 'Jin, T.'            1 ? 
primary 'Guo, F.'            2 ? 
primary 'Serebriiskii, I.G.' 3 ? 
primary 'Howard, A.'         4 ? 
primary 'Zhang, Y.Z.'        5 ? 
# 
loop_
_entity.id 
_entity.type 
_entity.src_method 
_entity.pdbx_description 
_entity.formula_weight 
_entity.pdbx_number_of_molecules 
_entity.pdbx_ec 
_entity.pdbx_mutation 
_entity.pdbx_fragment 
_entity.details 
1 polymer man 'Enhancer of rudimentary homolog' 12273.927 1   ? ? ? ? 
2 water   nat water                             18.015    130 ? ? ? ? 
# 
_entity_name_com.entity_id   1 
_entity_name_com.name        'Enhancer of Filamentation 2, HEF2, ERH' 
# 
_entity_poly.entity_id                      1 
_entity_poly.type                           'polypeptide(L)' 
_entity_poly.nstd_linkage                   no 
_entity_poly.nstd_monomer                   no 
_entity_poly.pdbx_seq_one_letter_code       
;MSHTILLVQPTKRPEGRTYADYESVNECMEGVCKMYEEHLKRMNPNSPSITYDISQLFDFIDDLADLSCLVYRADTQTYQ
PYNKDWIKEKIYVLLRRQAQQAGK
;
_entity_poly.pdbx_seq_one_letter_code_can   
;MSHTILLVQPTKRPEGRTYADYESVNECMEGVCKMYEEHLKRMNPNSPSITYDISQLFDFIDDLADLSCLVYRADTQTYQ
PYNKDWIKEKIYVLLRRQAQQAGK
;
_entity_poly.pdbx_strand_id                 A 
_entity_poly.pdbx_target_identifier         ? 
# 
_pdbx_entity_nonpoly.entity_id   2 
_pdbx_entity_nonpoly.name        water 
_pdbx_entity_nonpoly.comp_id     HOH 
# 
loop_
_entity_poly_seq.entity_id 
_entity_poly_seq.num 
_entity_poly_seq.mon_id 
_entity_poly_seq.hetero 
1 1   MET n 
1 2   SER n 
1 3   HIS n 
1 4   THR n 
1 5   ILE n 
1 6   LEU n 
1 7   LEU n 
1 8   VAL n 
1 9   GLN n 
1 10  PRO n 
1 11  THR n 
1 12  LYS n 
1 13  ARG n 
1 14  PRO n 
1 15  GLU n 
1 16  GLY n 
1 17  ARG n 
1 18  THR n 
1 19  TYR n 
1 20  ALA n 
1 21  ASP n 
1 22  TYR n 
1 23  GLU n 
1 24  SER n 
1 25  VAL n 
1 26  ASN n 
1 27  GLU n 
1 28  CYS n 
1 29  MET n 
1 30  GLU n 
1 31  GLY n 
1 32  VAL n 
1 33  CYS n 
1 34  LYS n 
1 35  MET n 
1 36  TYR n 
1 37  GLU n 
1 38  GLU n 
1 39  HIS n 
1 40  LEU n 
1 41  LYS n 
1 42  ARG n 
1 43  MET n 
1 44  ASN n 
1 45  PRO n 
1 46  ASN n 
1 47  SER n 
1 48  PRO n 
1 49  SER n 
1 50  ILE n 
1 51  THR n 
1 52  TYR n 
1 53  ASP n 
1 54  ILE n 
1 55  SER n 
1 56  GLN n 
1 57  LEU n 
1 58  PHE n 
1 59  ASP n 
1 60  PHE n 
1 61  ILE n 
1 62  ASP n 
1 63  ASP n 
1 64  LEU n 
1 65  ALA n 
1 66  ASP n 
1 67  LEU n 
1 68  SER n 
1 69  CYS n 
1 70  LEU n 
1 71  VAL n 
1 72  TYR n 
1 73  ARG n 
1 74  ALA n 
1 75  ASP n 
1 76  THR n 
1 77  GLN n 
1 78  THR n 
1 79  TYR n 
1 80  GLN n 
1 81  PRO n 
1 82  TYR n 
1 83  ASN n 
1 84  LYS n 
1 85  ASP n 
1 86  TRP n 
1 87  ILE n 
1 88  LYS n 
1 89  GLU n 
1 90  LYS n 
1 91  ILE n 
1 92  TYR n 
1 93  VAL n 
1 94  LEU n 
1 95  LEU n 
1 96  ARG n 
1 97  ARG n 
1 98  GLN n 
1 99  ALA n 
1 100 GLN n 
1 101 GLN n 
1 102 ALA n 
1 103 GLY n 
1 104 LYS n 
# 
_entity_src_gen.entity_id                          1 
_entity_src_gen.pdbx_src_id                        1 
_entity_src_gen.pdbx_alt_source_flag               sample 
_entity_src_gen.pdbx_seq_type                      ? 
_entity_src_gen.pdbx_beg_seq_num                   ? 
_entity_src_gen.pdbx_end_seq_num                   ? 
_entity_src_gen.gene_src_common_name               human 
_entity_src_gen.gene_src_genus                     Homo 
_entity_src_gen.pdbx_gene_src_gene                 ERH 
_entity_src_gen.gene_src_species                   ? 
_entity_src_gen.gene_src_strain                    ? 
_entity_src_gen.gene_src_tissue                    ? 
_entity_src_gen.gene_src_tissue_fraction           ? 
_entity_src_gen.gene_src_details                   ? 
_entity_src_gen.pdbx_gene_src_fragment             ? 
_entity_src_gen.pdbx_gene_src_scientific_name      'Homo sapiens' 
_entity_src_gen.pdbx_gene_src_ncbi_taxonomy_id     9606 
_entity_src_gen.pdbx_gene_src_variant              ? 
_entity_src_gen.pdbx_gene_src_cell_line            ? 
_entity_src_gen.pdbx_gene_src_atcc                 ? 
_entity_src_gen.pdbx_gene_src_organ                ? 
_entity_src_gen.pdbx_gene_src_organelle            ? 
_entity_src_gen.pdbx_gene_src_cell                 ? 
_entity_src_gen.pdbx_gene_src_cellular_location    ? 
_entity_src_gen.host_org_common_name               ? 
_entity_src_gen.pdbx_host_org_scientific_name      'Escherichia coli' 
_entity_src_gen.pdbx_host_org_ncbi_taxonomy_id     562 
_entity_src_gen.host_org_genus                     Escherichia 
_entity_src_gen.pdbx_host_org_gene                 ? 
_entity_src_gen.pdbx_host_org_organ                ? 
_entity_src_gen.host_org_species                   ? 
_entity_src_gen.pdbx_host_org_tissue               ? 
_entity_src_gen.pdbx_host_org_tissue_fraction      ? 
_entity_src_gen.pdbx_host_org_strain               'BL21(DE3), B834(DE3)' 
_entity_src_gen.pdbx_host_org_variant              ? 
_entity_src_gen.pdbx_host_org_cell_line            ? 
_entity_src_gen.pdbx_host_org_atcc                 ? 
_entity_src_gen.pdbx_host_org_culture_collection   ? 
_entity_src_gen.pdbx_host_org_cell                 ? 
_entity_src_gen.pdbx_host_org_organelle            ? 
_entity_src_gen.pdbx_host_org_cellular_location    ? 
_entity_src_gen.pdbx_host_org_vector_type          plasmid 
_entity_src_gen.pdbx_host_org_vector               ? 
_entity_src_gen.host_org_details                   ? 
_entity_src_gen.expression_system_id               ? 
_entity_src_gen.plasmid_name                       pET29 
_entity_src_gen.plasmid_details                    ? 
_entity_src_gen.pdbx_description                   ? 
# 
loop_
_chem_comp.id 
_chem_comp.type 
_chem_comp.mon_nstd_flag 
_chem_comp.name 
_chem_comp.pdbx_synonyms 
_chem_comp.formula 
_chem_comp.formula_weight 
ALA 'L-peptide linking' y ALANINE         ? 'C3 H7 N O2'     89.093  
ARG 'L-peptide linking' y ARGININE        ? 'C6 H15 N4 O2 1' 175.209 
ASN 'L-peptide linking' y ASPARAGINE      ? 'C4 H8 N2 O3'    132.118 
ASP 'L-peptide linking' y 'ASPARTIC ACID' ? 'C4 H7 N O4'     133.103 
CYS 'L-peptide linking' y CYSTEINE        ? 'C3 H7 N O2 S'   121.158 
GLN 'L-peptide linking' y GLUTAMINE       ? 'C5 H10 N2 O3'   146.144 
GLU 'L-peptide linking' y 'GLUTAMIC ACID' ? 'C5 H9 N O4'     147.129 
GLY 'peptide linking'   y GLYCINE         ? 'C2 H5 N O2'     75.067  
HIS 'L-peptide linking' y HISTIDINE       ? 'C6 H10 N3 O2 1' 156.162 
HOH non-polymer         . WATER           ? 'H2 O'           18.015  
ILE 'L-peptide linking' y ISOLEUCINE      ? 'C6 H13 N O2'    131.173 
LEU 'L-peptide linking' y LEUCINE         ? 'C6 H13 N O2'    131.173 
LYS 'L-peptide linking' y LYSINE          ? 'C6 H15 N2 O2 1' 147.195 
MET 'L-peptide linking' y METHIONINE      ? 'C5 H11 N O2 S'  149.211 
PHE 'L-peptide linking' y PHENYLALANINE   ? 'C9 H11 N O2'    165.189 
PRO 'L-peptide linking' y PROLINE         ? 'C5 H9 N O2'     115.130 
SER 'L-peptide linking' y SERINE          ? 'C3 H7 N O3'     105.093 
THR 'L-peptide linking' y THREONINE       ? 'C4 H9 N O3'     119.119 
TRP 'L-peptide linking' y TRYPTOPHAN      ? 'C11 H12 N2 O2'  204.225 
TYR 'L-peptide linking' y TYROSINE        ? 'C9 H11 N O3'    181.189 
VAL 'L-peptide linking' y VALINE          ? 'C5 H11 N O2'    117.146 
# 
loop_
_pdbx_poly_seq_scheme.asym_id 
_pdbx_poly_seq_scheme.entity_id 
_pdbx_poly_seq_scheme.seq_id 
_pdbx_poly_seq_scheme.mon_id 
_pdbx_poly_seq_scheme.ndb_seq_num 
_pdbx_poly_seq_scheme.pdb_seq_num 
_pdbx_poly_seq_scheme.auth_seq_num 
_pdbx_poly_seq_scheme.pdb_mon_id 
_pdbx_poly_seq_scheme.auth_mon_id 
_pdbx_poly_seq_scheme.pdb_strand_id 
_pdbx_poly_seq_scheme.pdb_ins_code 
_pdbx_poly_seq_scheme.hetero 
A 1 1   MET 1   1   ?   ?   ?   A . n 
A 1 2   SER 2   2   2   SER SER A . n 
A 1 3   HIS 3   3   3   HIS HIS A . n 
A 1 4   THR 4   4   4   THR THR A . n 
A 1 5   ILE 5   5   5   ILE ILE A . n 
A 1 6   LEU 6   6   6   LEU LEU A . n 
A 1 7   LEU 7   7   7   LEU LEU A . n 
A 1 8   VAL 8   8   8   VAL VAL A . n 
A 1 9   GLN 9   9   9   GLN GLN A . n 
A 1 10  PRO 10  10  10  PRO PRO A . n 
A 1 11  THR 11  11  11  THR THR A . n 
A 1 12  LYS 12  12  12  LYS LYS A . n 
A 1 13  ARG 13  13  13  ARG ARG A . n 
A 1 14  PRO 14  14  14  PRO PRO A . n 
A 1 15  GLU 15  15  15  GLU GLU A . n 
A 1 16  GLY 16  16  16  GLY GLY A . n 
A 1 17  ARG 17  17  17  ARG ARG A . n 
A 1 18  THR 18  18  18  THR THR A . n 
A 1 19  TYR 19  19  19  TYR TYR A . n 
A 1 20  ALA 20  20  20  ALA ALA A . n 
A 1 21  ASP 21  21  21  ASP ASP A . n 
A 1 22  TYR 22  22  22  TYR TYR A . n 
A 1 23  GLU 23  23  23  GLU GLU A . n 
A 1 24  SER 24  24  24  SER SER A . n 
A 1 25  VAL 25  25  25  VAL VAL A . n 
A 1 26  ASN 26  26  26  ASN ASN A . n 
A 1 27  GLU 27  27  27  GLU GLU A . n 
A 1 28  CYS 28  28  28  CYS CYS A . n 
A 1 29  MET 29  29  29  MET MET A . n 
A 1 30  GLU 30  30  30  GLU GLU A . n 
A 1 31  GLY 31  31  31  GLY GLY A . n 
A 1 32  VAL 32  32  32  VAL VAL A . n 
A 1 33  CYS 33  33  33  CYS CYS A . n 
A 1 34  LYS 34  34  34  LYS LYS A . n 
A 1 35  MET 35  35  35  MET MET A . n 
A 1 36  TYR 36  36  36  TYR TYR A . n 
A 1 37  GLU 37  37  37  GLU GLU A . n 
A 1 38  GLU 38  38  38  GLU GLU A . n 
A 1 39  HIS 39  39  39  HIS HIS A . n 
A 1 40  LEU 40  40  40  LEU LEU A . n 
A 1 41  LYS 41  41  41  LYS LYS A . n 
A 1 42  ARG 42  42  42  ARG ARG A . n 
A 1 43  MET 43  43  43  MET MET A . n 
A 1 44  ASN 44  44  44  ASN ASN A . n 
A 1 45  PRO 45  45  45  PRO PRO A . n 
A 1 46  ASN 46  46  46  ASN ASN A . n 
A 1 47  SER 47  47  47  SER SER A . n 
A 1 48  PRO 48  48  48  PRO PRO A . n 
A 1 49  SER 49  49  49  SER SER A . n 
A 1 50  ILE 50  50  50  ILE ILE A . n 
A 1 51  THR 51  51  51  THR THR A . n 
A 1 52  TYR 52  52  52  TYR TYR A . n 
A 1 53  ASP 53  53  53  ASP ASP A . n 
A 1 54  ILE 54  54  54  ILE ILE A . n 
A 1 55  SER 55  55  55  SER SER A . n 
A 1 56  GLN 56  56  56  GLN GLN A . n 
A 1 57  LEU 57  57  57  LEU LEU A . n 
A 1 58  PHE 58  58  58  PHE PHE A . n 
A 1 59  ASP 59  59  59  ASP ASP A . n 
A 1 60  PHE 60  60  60  PHE PHE A . n 
A 1 61  ILE 61  61  61  ILE ILE A . n 
A 1 62  ASP 62  62  62  ASP ASP A . n 
A 1 63  ASP 63  63  63  ASP ASP A . n 
A 1 64  LEU 64  64  64  LEU LEU A . n 
A 1 65  ALA 65  65  65  ALA ALA A . n 
A 1 66  ASP 66  66  66  ASP ASP A . n 
A 1 67  LEU 67  67  67  LEU LEU A . n 
A 1 68  SER 68  68  68  SER SER A . n 
A 1 69  CYS 69  69  69  CYS CYS A . n 
A 1 70  LEU 70  70  70  LEU LEU A . n 
A 1 71  VAL 71  71  71  VAL VAL A . n 
A 1 72  TYR 72  72  72  TYR TYR A . n 
A 1 73  ARG 73  73  73  ARG ARG A . n 
A 1 74  ALA 74  74  74  ALA ALA A . n 
A 1 75  ASP 75  75  75  ASP ASP A . n 
A 1 76  THR 76  76  76  THR THR A . n 
A 1 77  GLN 77  77  77  GLN GLN A . n 
A 1 78  THR 78  78  78  THR THR A . n 
A 1 79  TYR 79  79  79  TYR TYR A . n 
A 1 80  GLN 80  80  80  GLN GLN A . n 
A 1 81  PRO 81  81  81  PRO PRO A . n 
A 1 82  TYR 82  82  82  TYR TYR A . n 
A 1 83  ASN 83  83  83  ASN ASN A . n 
A 1 84  LYS 84  84  84  LYS LYS A . n 
A 1 85  ASP 85  85  85  ASP ASP A . n 
A 1 86  TRP 86  86  86  TRP TRP A . n 
A 1 87  ILE 87  87  87  ILE ILE A . n 
A 1 88  LYS 88  88  88  LYS LYS A . n 
A 1 89  GLU 89  89  89  GLU GLU A . n 
A 1 90  LYS 90  90  90  LYS LYS A . n 
A 1 91  ILE 91  91  91  ILE ILE A . n 
A 1 92  TYR 92  92  92  TYR TYR A . n 
A 1 93  VAL 93  93  93  VAL VAL A . n 
A 1 94  LEU 94  94  94  LEU LEU A . n 
A 1 95  LEU 95  95  95  LEU LEU A . n 
A 1 96  ARG 96  96  96  ARG ARG A . n 
A 1 97  ARG 97  97  97  ARG ARG A . n 
A 1 98  GLN 98  98  98  GLN GLN A . n 
A 1 99  ALA 99  99  99  ALA ALA A . n 
A 1 100 GLN 100 100 100 GLN GLN A . n 
A 1 101 GLN 101 101 101 GLN GLN A . n 
A 1 102 ALA 102 102 ?   ?   ?   A . n 
A 1 103 GLY 103 103 ?   ?   ?   A . n 
A 1 104 LYS 104 104 ?   ?   ?   A . n 
# 
loop_
_pdbx_nonpoly_scheme.asym_id 
_pdbx_nonpoly_scheme.entity_id 
_pdbx_nonpoly_scheme.mon_id 
_pdbx_nonpoly_scheme.ndb_seq_num 
_pdbx_nonpoly_scheme.pdb_seq_num 
_pdbx_nonpoly_scheme.auth_seq_num 
_pdbx_nonpoly_scheme.pdb_mon_id 
_pdbx_nonpoly_scheme.auth_mon_id 
_pdbx_nonpoly_scheme.pdb_strand_id 
_pdbx_nonpoly_scheme.pdb_ins_code 
B 2 HOH 1   201 201 HOH HOH A . 
B 2 HOH 2   202 202 HOH HOH A . 
B 2 HOH 3   203 203 HOH HOH A . 
B 2 HOH 4   204 204 HOH HOH A . 
B 2 HOH 5   205 205 HOH HOH A . 
B 2 HOH 6   206 206 HOH HOH A . 
B 2 HOH 7   207 207 HOH HOH A . 
B 2 HOH 8   208 208 HOH HOH A . 
B 2 HOH 9   209 209 HOH HOH A . 
B 2 HOH 10  210 210 HOH HOH A . 
B 2 HOH 11  211 211 HOH HOH A . 
B 2 HOH 12  212 212 HOH HOH A . 
B 2 HOH 13  213 213 HOH HOH A . 
B 2 HOH 14  214 214 HOH HOH A . 
B 2 HOH 15  215 215 HOH HOH A . 
B 2 HOH 16  216 216 HOH HOH A . 
B 2 HOH 17  217 217 HOH HOH A . 
B 2 HOH 18  218 218 HOH HOH A . 
B 2 HOH 19  219 219 HOH HOH A . 
B 2 HOH 20  220 220 HOH HOH A . 
B 2 HOH 21  221 221 HOH HOH A . 
B 2 HOH 22  222 222 HOH HOH A . 
B 2 HOH 23  223 223 HOH HOH A . 
B 2 HOH 24  224 224 HOH HOH A . 
B 2 HOH 25  225 225 HOH HOH A . 
B 2 HOH 26  226 226 HOH HOH A . 
B 2 HOH 27  227 227 HOH HOH A . 
B 2 HOH 28  228 228 HOH HOH A . 
B 2 HOH 29  229 229 HOH HOH A . 
B 2 HOH 30  230 230 HOH HOH A . 
B 2 HOH 31  231 231 HOH HOH A . 
B 2 HOH 32  232 232 HOH HOH A . 
B 2 HOH 33  233 233 HOH HOH A . 
B 2 HOH 34  234 234 HOH HOH A . 
B 2 HOH 35  235 235 HOH HOH A . 
B 2 HOH 36  236 236 HOH HOH A . 
B 2 HOH 37  237 237 HOH HOH A . 
B 2 HOH 38  238 238 HOH HOH A . 
B 2 HOH 39  239 239 HOH HOH A . 
B 2 HOH 40  240 240 HOH HOH A . 
B 2 HOH 41  241 241 HOH HOH A . 
B 2 HOH 42  242 242 HOH HOH A . 
B 2 HOH 43  243 243 HOH HOH A . 
B 2 HOH 44  244 244 HOH HOH A . 
B 2 HOH 45  245 245 HOH HOH A . 
B 2 HOH 46  246 246 HOH HOH A . 
B 2 HOH 47  247 247 HOH HOH A . 
B 2 HOH 48  248 248 HOH HOH A . 
B 2 HOH 49  249 249 HOH HOH A . 
B 2 HOH 50  250 250 HOH HOH A . 
B 2 HOH 51  251 251 HOH HOH A . 
B 2 HOH 52  252 252 HOH HOH A . 
B 2 HOH 53  253 253 HOH HOH A . 
B 2 HOH 54  254 254 HOH HOH A . 
B 2 HOH 55  255 255 HOH HOH A . 
B 2 HOH 56  256 256 HOH HOH A . 
B 2 HOH 57  257 257 HOH HOH A . 
B 2 HOH 58  258 258 HOH HOH A . 
B 2 HOH 59  259 259 HOH HOH A . 
B 2 HOH 60  260 260 HOH HOH A . 
B 2 HOH 61  261 261 HOH HOH A . 
B 2 HOH 62  262 262 HOH HOH A . 
B 2 HOH 63  263 263 HOH HOH A . 
B 2 HOH 64  264 264 HOH HOH A . 
B 2 HOH 65  265 265 HOH HOH A . 
B 2 HOH 66  266 266 HOH HOH A . 
B 2 HOH 67  267 267 HOH HOH A . 
B 2 HOH 68  268 268 HOH HOH A . 
B 2 HOH 69  269 269 HOH HOH A . 
B 2 HOH 70  270 270 HOH HOH A . 
B 2 HOH 71  271 271 HOH HOH A . 
B 2 HOH 72  272 272 HOH HOH A . 
B 2 HOH 73  273 273 HOH HOH A . 
B 2 HOH 74  274 274 HOH HOH A . 
B 2 HOH 75  275 275 HOH HOH A . 
B 2 HOH 76  276 276 HOH HOH A . 
B 2 HOH 77  277 277 HOH HOH A . 
B 2 HOH 78  278 278 HOH HOH A . 
B 2 HOH 79  279 279 HOH HOH A . 
B 2 HOH 80  280 280 HOH HOH A . 
B 2 HOH 81  281 281 HOH HOH A . 
B 2 HOH 82  282 282 HOH HOH A . 
B 2 HOH 83  283 283 HOH HOH A . 
B 2 HOH 84  284 284 HOH HOH A . 
B 2 HOH 85  285 285 HOH HOH A . 
B 2 HOH 86  286 286 HOH HOH A . 
B 2 HOH 87  287 287 HOH HOH A . 
B 2 HOH 88  288 288 HOH HOH A . 
B 2 HOH 89  289 289 HOH HOH A . 
B 2 HOH 90  290 290 HOH HOH A . 
B 2 HOH 91  291 291 HOH HOH A . 
B 2 HOH 92  292 292 HOH HOH A . 
B 2 HOH 93  293 293 HOH HOH A . 
B 2 HOH 94  294 294 HOH HOH A . 
B 2 HOH 95  295 295 HOH HOH A . 
B 2 HOH 96  296 296 HOH HOH A . 
B 2 HOH 97  297 297 HOH HOH A . 
B 2 HOH 98  298 298 HOH HOH A . 
B 2 HOH 99  299 299 HOH HOH A . 
B 2 HOH 100 300 300 HOH HOH A . 
B 2 HOH 101 301 301 HOH HOH A . 
B 2 HOH 102 302 302 HOH HOH A . 
B 2 HOH 103 303 303 HOH HOH A . 
B 2 HOH 104 304 304 HOH HOH A . 
B 2 HOH 105 305 305 HOH HOH A . 
B 2 HOH 106 306 306 HOH HOH A . 
B 2 HOH 107 307 307 HOH HOH A . 
B 2 HOH 108 308 308 HOH HOH A . 
B 2 HOH 109 309 309 HOH HOH A . 
B 2 HOH 110 310 310 HOH HOH A . 
B 2 HOH 111 311 311 HOH HOH A . 
B 2 HOH 112 312 312 HOH HOH A . 
B 2 HOH 113 313 313 HOH HOH A . 
B 2 HOH 114 314 314 HOH HOH A . 
B 2 HOH 115 315 315 HOH HOH A . 
B 2 HOH 116 316 316 HOH HOH A . 
B 2 HOH 117 317 317 HOH HOH A . 
B 2 HOH 118 318 318 HOH HOH A . 
B 2 HOH 119 319 319 HOH HOH A . 
B 2 HOH 120 320 320 HOH HOH A . 
B 2 HOH 121 321 321 HOH HOH A . 
B 2 HOH 122 322 322 HOH HOH A . 
B 2 HOH 123 323 323 HOH HOH A . 
B 2 HOH 124 324 324 HOH HOH A . 
B 2 HOH 125 325 325 HOH HOH A . 
B 2 HOH 126 326 326 HOH HOH A . 
B 2 HOH 127 327 327 HOH HOH A . 
B 2 HOH 128 328 328 HOH HOH A . 
B 2 HOH 129 329 329 HOH HOH A . 
B 2 HOH 130 330 330 HOH HOH A . 
# 
loop_
_pdbx_unobs_or_zero_occ_atoms.id 
_pdbx_unobs_or_zero_occ_atoms.PDB_model_num 
_pdbx_unobs_or_zero_occ_atoms.polymer_flag 
_pdbx_unobs_or_zero_occ_atoms.occupancy_flag 
_pdbx_unobs_or_zero_occ_atoms.auth_asym_id 
_pdbx_unobs_or_zero_occ_atoms.auth_comp_id 
_pdbx_unobs_or_zero_occ_atoms.auth_seq_id 
_pdbx_unobs_or_zero_occ_atoms.PDB_ins_code 
_pdbx_unobs_or_zero_occ_atoms.auth_atom_id 
_pdbx_unobs_or_zero_occ_atoms.label_alt_id 
_pdbx_unobs_or_zero_occ_atoms.label_asym_id 
_pdbx_unobs_or_zero_occ_atoms.label_comp_id 
_pdbx_unobs_or_zero_occ_atoms.label_seq_id 
_pdbx_unobs_or_zero_occ_atoms.label_atom_id 
1  1 Y 1 A ARG 13 ? CG  ? A ARG 13 CG  
2  1 Y 1 A ARG 13 ? CD  ? A ARG 13 CD  
3  1 Y 1 A ARG 13 ? NE  ? A ARG 13 NE  
4  1 Y 1 A ARG 13 ? CZ  ? A ARG 13 CZ  
5  1 Y 1 A ARG 13 ? NH1 ? A ARG 13 NH1 
6  1 Y 1 A ARG 13 ? NH2 ? A ARG 13 NH2 
7  1 Y 1 A LYS 41 ? CE  ? A LYS 41 CE  
8  1 Y 1 A LYS 41 ? NZ  ? A LYS 41 NZ  
9  1 Y 1 A ILE 50 ? CB  ? A ILE 50 CB  
10 1 Y 1 A ILE 50 ? CG1 ? A ILE 50 CG1 
11 1 Y 1 A ILE 50 ? CG2 ? A ILE 50 CG2 
12 1 Y 1 A ILE 50 ? CD1 ? A ILE 50 CD1 
13 1 Y 1 A ARG 97 ? NE  ? A ARG 97 NE  
14 1 Y 1 A ARG 97 ? CZ  ? A ARG 97 CZ  
15 1 Y 1 A ARG 97 ? NH1 ? A ARG 97 NH1 
16 1 Y 1 A ARG 97 ? NH2 ? A ARG 97 NH2 
# 
loop_
_software.name 
_software.version 
_software.date 
_software.type 
_software.contact_author 
_software.contact_author_email 
_software.classification 
_software.location 
_software.language 
_software.citation_id 
_software.pdbx_ordinal 
DENZO       .     ?                package 'Zbyszek Otwinowski' zbyszek@mix.swmed.edu    'data reduction'  
http://www.lnls.br/infra/linhasluz/denzo-hkl.htm ?          ? 1 
SCALEPACK   .     ?                package 'Zbyszek Otwinowski' zbyszek@mix.swmed.edu    'data scaling'    
http://www.lnls.br/infra/linhasluz/denzo-hkl.htm ?          ? 2 
CNS         .     ?                package 'Axel T. Brunger'    axel.brunger@yale.edu    refinement        
http://cns.csb.yale.edu/v1.1/                    Fortran_77 ? 3 
PDB_EXTRACT 2.000 'April. 3, 2006' package PDB                  sw-help@rcsb.rutgers.edu 'data extraction' 
http://pdb.rutgers.edu/software/                 C++        ? 4 
HKL-2000    .     ?                ?       ?                    ?                        'data collection' ? ?          ? 5 
HKL-2000    .     ?                ?       ?                    ?                        'data reduction'  ? ?          ? 6 
SnB         .     ?                ?       ?                    ?                        phasing           ? ?          ? 7 
# 
_cell.length_a           53.739 
_cell.length_b           53.739 
_cell.length_c           67.448 
_cell.angle_alpha        90.000 
_cell.angle_beta         90.000 
_cell.angle_gamma        120.000 
_cell.entry_id           2NML 
_cell.pdbx_unique_axis   ? 
_cell.Z_PDB              6 
_cell.length_a_esd       ? 
_cell.length_b_esd       ? 
_cell.length_c_esd       ? 
_cell.angle_alpha_esd    ? 
_cell.angle_beta_esd     ? 
_cell.angle_gamma_esd    ? 
# 
_symmetry.space_group_name_H-M             'P 31 2 1' 
_symmetry.entry_id                         2NML 
_symmetry.Int_Tables_number                152 
_symmetry.pdbx_full_space_group_name_H-M   ? 
_symmetry.cell_setting                     ? 
_symmetry.space_group_name_Hall            ? 
# 
_exptl.crystals_number   1 
_exptl.entry_id          2NML 
_exptl.method            'X-RAY DIFFRACTION' 
# 
_exptl_crystal.id                    1 
_exptl_crystal.density_meas          ? 
_exptl_crystal.density_Matthews      2.29 
_exptl_crystal.density_percent_sol   46.28 
_exptl_crystal.description           ? 
_exptl_crystal.F_000                 ? 
_exptl_crystal.preparation           ? 
# 
_exptl_crystal_grow.crystal_id      1 
_exptl_crystal_grow.method          'VAPOR DIFFUSION, HANGING DROP' 
_exptl_crystal_grow.pH              5.6 
_exptl_crystal_grow.temp            277 
_exptl_crystal_grow.pdbx_details    
'PEG 4000, isopropanol, trisodium citrate dihydrate, pH 5.6, VAPOR DIFFUSION, HANGING DROP, temperature 277K' 
_exptl_crystal_grow.temp_details    ? 
_exptl_crystal_grow.pdbx_pH_range   . 
# 
loop_
_diffrn.id 
_diffrn.ambient_temp 
_diffrn.ambient_temp_details 
_diffrn.crystal_id 
1 100 ? 1 
2 ?   ? 1 
3 ?   ? 1 
# 
_diffrn_detector.diffrn_id              1 
_diffrn_detector.detector               CCD 
_diffrn_detector.type                   'ADSC QUANTUM 210' 
_diffrn_detector.pdbx_collection_date   2004-03-15 
_diffrn_detector.details                ? 
# 
loop_
_diffrn_radiation.diffrn_id 
_diffrn_radiation.pdbx_diffrn_protocol 
_diffrn_radiation.monochromator 
_diffrn_radiation.wavelength_id 
_diffrn_radiation.pdbx_monochromatic_or_laue_m_l 
_diffrn_radiation.pdbx_scattering_type 
1 'SINGLE WAVELENGTH' ? 1 M x-ray 
2 MAD                 ? 2 M x-ray 
# 
loop_
_diffrn_radiation_wavelength.id 
_diffrn_radiation_wavelength.wavelength 
_diffrn_radiation_wavelength.wt 
1 1.00000 1.0 
2 0.95000 1.0 
3 0.97950 1.0 
4 0.97900 1.0 
# 
loop_
_diffrn_source.diffrn_id 
_diffrn_source.source 
_diffrn_source.type 
_diffrn_source.pdbx_wavelength_list 
_diffrn_source.pdbx_wavelength 
_diffrn_source.pdbx_synchrotron_site 
_diffrn_source.pdbx_synchrotron_beamline 
1 SYNCHROTRON 'APS BEAMLINE 17-ID' 1.00000                     ? APS 17-ID 
2 SYNCHROTRON 'APS BEAMLINE 17-ID' '0.95000, 0.97950, 0.97900' ? APS 17-ID 
# 
_reflns.entry_id                     2NML 
_reflns.d_resolution_high            1.550 
_reflns.d_resolution_low             38.32 
_reflns.number_obs                   16613 
_reflns.pdbx_Rmerge_I_obs            0.051 
_reflns.pdbx_netI_over_sigmaI        15.000 
_reflns.pdbx_chi_squared             0.986 
_reflns.pdbx_redundancy              10.300 
_reflns.percent_possible_obs         99.700 
_reflns.observed_criterion_sigma_F   ? 
_reflns.observed_criterion_sigma_I   ? 
_reflns.number_all                   ? 
_reflns.pdbx_Rsym_value              ? 
_reflns.B_iso_Wilson_estimate        ? 
_reflns.R_free_details               ? 
_reflns.limit_h_max                  ? 
_reflns.limit_h_min                  ? 
_reflns.limit_k_max                  ? 
_reflns.limit_k_min                  ? 
_reflns.limit_l_max                  ? 
_reflns.limit_l_min                  ? 
_reflns.observed_criterion_F_max     ? 
_reflns.observed_criterion_F_min     ? 
_reflns.pdbx_scaling_rejects         ? 
_reflns.pdbx_diffrn_id               1,2 
_reflns.pdbx_ordinal                 1 
# 
_reflns_shell.d_res_high             1.55 
_reflns_shell.d_res_low              1.61 
_reflns_shell.number_measured_obs    ? 
_reflns_shell.number_measured_all    ? 
_reflns_shell.number_unique_obs      ? 
_reflns_shell.Rmerge_I_obs           0.606 
_reflns_shell.meanI_over_sigI_obs    ? 
_reflns_shell.pdbx_Rsym_value        ? 
_reflns_shell.pdbx_chi_squared       0.964 
_reflns_shell.pdbx_redundancy        7.10 
_reflns_shell.percent_possible_obs   ? 
_reflns_shell.number_unique_all      1570 
_reflns_shell.percent_possible_all   97.40 
_reflns_shell.pdbx_diffrn_id         ? 
_reflns_shell.pdbx_ordinal           1 
# 
_refine.entry_id                                 2NML 
_refine.ls_d_res_high                            1.550 
_refine.ls_d_res_low                             38.32 
_refine.pdbx_ls_sigma_F                          0.00 
_refine.ls_percent_reflns_obs                    94.800 
_refine.ls_number_reflns_obs                     15983 
_refine.ls_R_factor_R_work                       0.198 
_refine.ls_R_factor_R_free                       0.238 
_refine.ls_percent_reflns_R_free                 4.700 
_refine.ls_number_reflns_R_free                  786 
_refine.B_iso_mean                               28.268 
_refine.solvent_model_param_bsol                 85.441 
_refine.aniso_B[1][1]                            0.719 
_refine.aniso_B[2][2]                            0.719 
_refine.aniso_B[3][3]                            -1.437 
_refine.aniso_B[1][2]                            -0.013 
_refine.aniso_B[1][3]                            0.000 
_refine.aniso_B[2][3]                            0.000 
_refine.pdbx_ls_sigma_I                          ? 
_refine.ls_number_reflns_all                     15983 
_refine.ls_R_factor_all                          0.2 
_refine.ls_R_factor_obs                          0.2 
_refine.ls_redundancy_reflns_obs                 ? 
_refine.pdbx_data_cutoff_high_absF               ? 
_refine.pdbx_data_cutoff_low_absF                ? 
_refine.ls_number_parameters                     ? 
_refine.ls_number_restraints                     ? 
_refine.ls_R_factor_R_free_error                 ? 
_refine.ls_R_factor_R_free_error_details         ? 
_refine.pdbx_method_to_determine_struct          MAD 
_refine.pdbx_starting_model                      ? 
_refine.pdbx_ls_cross_valid_method               THROUGHOUT 
_refine.pdbx_R_Free_selection_details            RANDOM 
_refine.pdbx_stereochem_target_val_spec_case     ? 
_refine.pdbx_stereochemistry_target_values       'Engh & Huber' 
_refine.solvent_model_details                    ? 
_refine.solvent_model_param_ksol                 ? 
_refine.occupancy_max                            ? 
_refine.occupancy_min                            ? 
_refine.pdbx_isotropic_thermal_model             Isotropic 
_refine.details                                  ? 
_refine.B_iso_min                                ? 
_refine.B_iso_max                                ? 
_refine.correlation_coeff_Fo_to_Fc               ? 
_refine.correlation_coeff_Fo_to_Fc_free          ? 
_refine.pdbx_solvent_vdw_probe_radii             ? 
_refine.pdbx_solvent_ion_probe_radii             ? 
_refine.pdbx_solvent_shrinkage_radii             ? 
_refine.overall_SU_R_Cruickshank_DPI             ? 
_refine.overall_SU_R_free                        ? 
_refine.overall_SU_ML                            ? 
_refine.overall_SU_B                             ? 
_refine.pdbx_overall_ESU_R_Free                  ? 
_refine.pdbx_data_cutoff_high_rms_absF           ? 
_refine.pdbx_overall_ESU_R                       ? 
_refine.ls_wR_factor_R_free                      ? 
_refine.ls_wR_factor_R_work                      ? 
_refine.overall_FOM_free_R_set                   ? 
_refine.overall_FOM_work_R_set                   ? 
_refine.pdbx_refine_id                           'X-RAY DIFFRACTION' 
_refine.pdbx_diffrn_id                           1 
_refine.pdbx_TLS_residual_ADP_flag               ? 
_refine.pdbx_overall_phase_error                 ? 
_refine.pdbx_overall_SU_R_free_Cruickshank_DPI   ? 
_refine.pdbx_overall_SU_R_Blow_DPI               ? 
_refine.pdbx_overall_SU_R_free_Blow_DPI          ? 
# 
_refine_analyze.entry_id                        2NML 
_refine_analyze.Luzzati_coordinate_error_obs    0.181 
_refine_analyze.Luzzati_sigma_a_obs             ? 
_refine_analyze.Luzzati_d_res_low_obs           ? 
_refine_analyze.Luzzati_coordinate_error_free   ? 
_refine_analyze.Luzzati_sigma_a_free            ? 
_refine_analyze.Luzzati_d_res_low_free          ? 
_refine_analyze.number_disordered_residues      ? 
_refine_analyze.occupancy_sum_non_hydrogen      ? 
_refine_analyze.occupancy_sum_hydrogen          ? 
_refine_analyze.pdbx_Luzzati_d_res_high_obs     ? 
_refine_analyze.pdbx_refine_id                  'X-RAY DIFFRACTION' 
# 
_refine_hist.pdbx_refine_id                   'X-RAY DIFFRACTION' 
_refine_hist.cycle_id                         LAST 
_refine_hist.pdbx_number_atoms_protein        816 
_refine_hist.pdbx_number_atoms_nucleic_acid   0 
_refine_hist.pdbx_number_atoms_ligand         0 
_refine_hist.number_atoms_solvent             130 
_refine_hist.number_atoms_total               946 
_refine_hist.d_res_high                       1.550 
_refine_hist.d_res_low                        38.32 
# 
loop_
_refine_ls_restr.type 
_refine_ls_restr.number 
_refine_ls_restr.dev_ideal 
_refine_ls_restr.dev_ideal_target 
_refine_ls_restr.weight 
_refine_ls_restr.pdbx_refine_id 
_refine_ls_restr.pdbx_restraint_function 
c_bond_d    ? 0.004 ? ? 'X-RAY DIFFRACTION' ? 
c_angle_deg ? 1.044 ? ? 'X-RAY DIFFRACTION' ? 
# 
_refine_ls_shell.d_res_high                       1.55 
_refine_ls_shell.d_res_low                        1.61 
_refine_ls_shell.number_reflns_obs                1269 
_refine_ls_shell.number_reflns_R_free             70 
_refine_ls_shell.R_factor_R_work                  0.271 
_refine_ls_shell.R_factor_R_free                  0.29 
_refine_ls_shell.R_factor_R_free_error            0.031 
_refine_ls_shell.percent_reflns_obs               85.8 
_refine_ls_shell.percent_reflns_R_free            ? 
_refine_ls_shell.pdbx_total_number_of_bins_used   ? 
_refine_ls_shell.number_reflns_R_work             ? 
_refine_ls_shell.redundancy_reflns_obs            ? 
_refine_ls_shell.number_reflns_all                ? 
_refine_ls_shell.R_factor_all                     ? 
_refine_ls_shell.pdbx_refine_id                   'X-RAY DIFFRACTION' 
# 
loop_
_pdbx_xplor_file.serial_no 
_pdbx_xplor_file.param_file 
_pdbx_xplor_file.topol_file 
_pdbx_xplor_file.pdbx_refine_id 
1 CNS_TOPPAR:protein_rep.param ? 'X-RAY DIFFRACTION' 
2 CNS_TOPPAR:water_rep.param   ? 'X-RAY DIFFRACTION' 
# 
_struct.entry_id                  2NML 
_struct.title                     'Crystal structure of HEF2/ERH at 1.55 A resolution' 
_struct.pdbx_model_details        ? 
_struct.pdbx_CASP_flag            ? 
_struct.pdbx_model_type_details   ? 
# 
_struct_keywords.entry_id        2NML 
_struct_keywords.text            'HEF2/ERH fold, pseudo beta barrel, interaction network, transcription, cell cycle' 
_struct_keywords.pdbx_keywords   TRANSCRIPTION 
# 
loop_
_struct_asym.id 
_struct_asym.pdbx_blank_PDB_chainid_flag 
_struct_asym.pdbx_modified 
_struct_asym.entity_id 
_struct_asym.details 
A N N 1 ? 
B N N 2 ? 
# 
_struct_ref.id                         1 
_struct_ref.db_name                    UNP 
_struct_ref.db_code                    ERH_HUMAN 
_struct_ref.pdbx_db_accession          P84090 
_struct_ref.entity_id                  1 
_struct_ref.pdbx_seq_one_letter_code   
;MSHTILLVQPTKRPEGRTYADYESVNECMEGVCKMYEEHLKRMNPNSPSITYDISQLFDFIDDLADLSCLVYRADTQTYQ
PYNKDWIKEKIYVLLRRQAQQAGK
;
_struct_ref.pdbx_align_begin           1 
_struct_ref.pdbx_db_isoform            ? 
# 
_struct_ref_seq.align_id                      1 
_struct_ref_seq.ref_id                        1 
_struct_ref_seq.pdbx_PDB_id_code              2NML 
_struct_ref_seq.pdbx_strand_id                A 
_struct_ref_seq.seq_align_beg                 1 
_struct_ref_seq.pdbx_seq_align_beg_ins_code   ? 
_struct_ref_seq.seq_align_end                 104 
_struct_ref_seq.pdbx_seq_align_end_ins_code   ? 
_struct_ref_seq.pdbx_db_accession             P84090 
_struct_ref_seq.db_align_beg                  1 
_struct_ref_seq.pdbx_db_align_beg_ins_code    ? 
_struct_ref_seq.db_align_end                  104 
_struct_ref_seq.pdbx_db_align_end_ins_code    ? 
_struct_ref_seq.pdbx_auth_seq_align_beg       1 
_struct_ref_seq.pdbx_auth_seq_align_end       104 
# 
_pdbx_struct_assembly.id                   1 
_pdbx_struct_assembly.details              author_defined_assembly 
_pdbx_struct_assembly.method_details       ? 
_pdbx_struct_assembly.oligomeric_details   dimeric 
_pdbx_struct_assembly.oligomeric_count     2 
# 
_pdbx_struct_assembly_gen.assembly_id       1 
_pdbx_struct_assembly_gen.oper_expression   1,2 
_pdbx_struct_assembly_gen.asym_id_list      A,B 
# 
loop_
_pdbx_struct_oper_list.id 
_pdbx_struct_oper_list.type 
_pdbx_struct_oper_list.name 
_pdbx_struct_oper_list.symmetry_operation 
_pdbx_struct_oper_list.matrix[1][1] 
_pdbx_struct_oper_list.matrix[1][2] 
_pdbx_struct_oper_list.matrix[1][3] 
_pdbx_struct_oper_list.vector[1] 
_pdbx_struct_oper_list.matrix[2][1] 
_pdbx_struct_oper_list.matrix[2][2] 
_pdbx_struct_oper_list.matrix[2][3] 
_pdbx_struct_oper_list.vector[2] 
_pdbx_struct_oper_list.matrix[3][1] 
_pdbx_struct_oper_list.matrix[3][2] 
_pdbx_struct_oper_list.matrix[3][3] 
_pdbx_struct_oper_list.vector[3] 
1 'identity operation'         1_555 x,y,z  1.0000000000  0.0000000000 0.0000000000 0.0000000000  0.0000000000 1.0000000000  0.0000000000 0.0000000000  0.0000000000 0.0000000000 1.0000000000  0.0000000000   
2 'crystal symmetry operation' 4_555 y,x,-z -0.0351878872 0.6287039576 0.7768482132 17.1843688766 0.6287039576 -0.5903153982 0.5062203714 -0.7030448850 0.7768482132 0.5062203714 -0.3744967146 -20.7732731685 
# 
_struct_biol.id                    1 
_struct_biol.details               
'The biological assembly is a dimer generated from the monomer in the asymmetric unit by the operation:  y, x, -z.' 
_struct_biol.pdbx_parent_biol_id   ? 
# 
loop_
_struct_conf.conf_type_id 
_struct_conf.id 
_struct_conf.pdbx_PDB_helix_id 
_struct_conf.beg_label_comp_id 
_struct_conf.beg_label_asym_id 
_struct_conf.beg_label_seq_id 
_struct_conf.pdbx_beg_PDB_ins_code 
_struct_conf.end_label_comp_id 
_struct_conf.end_label_asym_id 
_struct_conf.end_label_seq_id 
_struct_conf.pdbx_end_PDB_ins_code 
_struct_conf.beg_auth_comp_id 
_struct_conf.beg_auth_asym_id 
_struct_conf.beg_auth_seq_id 
_struct_conf.end_auth_comp_id 
_struct_conf.end_auth_asym_id 
_struct_conf.end_auth_seq_id 
_struct_conf.pdbx_PDB_helix_class 
_struct_conf.details 
_struct_conf.pdbx_PDB_helix_length 
HELX_P HELX_P1 1 ARG A 13 ? ARG A 17  ? ARG A 13 ARG A 17  5 ? 5  
HELX_P HELX_P2 2 SER A 24 ? ASN A 44  ? SER A 24 ASN A 44  1 ? 21 
HELX_P HELX_P3 3 ASP A 53 ? LEU A 64  ? ASP A 53 LEU A 64  1 ? 12 
HELX_P HELX_P4 4 ASN A 83 ? GLN A 101 ? ASN A 83 GLN A 101 1 ? 19 
# 
_struct_conf_type.id          HELX_P 
_struct_conf_type.criteria    ? 
_struct_conf_type.reference   ? 
# 
_struct_sheet.id               A 
_struct_sheet.type             ? 
_struct_sheet.number_strands   4 
_struct_sheet.details          ? 
# 
loop_
_struct_sheet_order.sheet_id 
_struct_sheet_order.range_id_1 
_struct_sheet_order.range_id_2 
_struct_sheet_order.offset 
_struct_sheet_order.sense 
A 1 2 ? anti-parallel 
A 2 3 ? anti-parallel 
A 3 4 ? anti-parallel 
# 
loop_
_struct_sheet_range.sheet_id 
_struct_sheet_range.id 
_struct_sheet_range.beg_label_comp_id 
_struct_sheet_range.beg_label_asym_id 
_struct_sheet_range.beg_label_seq_id 
_struct_sheet_range.pdbx_beg_PDB_ins_code 
_struct_sheet_range.end_label_comp_id 
_struct_sheet_range.end_label_asym_id 
_struct_sheet_range.end_label_seq_id 
_struct_sheet_range.pdbx_end_PDB_ins_code 
_struct_sheet_range.beg_auth_comp_id 
_struct_sheet_range.beg_auth_asym_id 
_struct_sheet_range.beg_auth_seq_id 
_struct_sheet_range.end_auth_comp_id 
_struct_sheet_range.end_auth_asym_id 
_struct_sheet_range.end_auth_seq_id 
A 1 THR A 18 ? TYR A 22 ? THR A 18 TYR A 22 
A 2 THR A 4  ? GLN A 9  ? THR A 4  GLN A 9  
A 3 ASP A 66 ? ARG A 73 ? ASP A 66 ARG A 73 
A 4 THR A 78 ? TYR A 82 ? THR A 78 TYR A 82 
# 
loop_
_pdbx_struct_sheet_hbond.sheet_id 
_pdbx_struct_sheet_hbond.range_id_1 
_pdbx_struct_sheet_hbond.range_id_2 
_pdbx_struct_sheet_hbond.range_1_label_atom_id 
_pdbx_struct_sheet_hbond.range_1_label_comp_id 
_pdbx_struct_sheet_hbond.range_1_label_asym_id 
_pdbx_struct_sheet_hbond.range_1_label_seq_id 
_pdbx_struct_sheet_hbond.range_1_PDB_ins_code 
_pdbx_struct_sheet_hbond.range_1_auth_atom_id 
_pdbx_struct_sheet_hbond.range_1_auth_comp_id 
_pdbx_struct_sheet_hbond.range_1_auth_asym_id 
_pdbx_struct_sheet_hbond.range_1_auth_seq_id 
_pdbx_struct_sheet_hbond.range_2_label_atom_id 
_pdbx_struct_sheet_hbond.range_2_label_comp_id 
_pdbx_struct_sheet_hbond.range_2_label_asym_id 
_pdbx_struct_sheet_hbond.range_2_label_seq_id 
_pdbx_struct_sheet_hbond.range_2_PDB_ins_code 
_pdbx_struct_sheet_hbond.range_2_auth_atom_id 
_pdbx_struct_sheet_hbond.range_2_auth_comp_id 
_pdbx_struct_sheet_hbond.range_2_auth_asym_id 
_pdbx_struct_sheet_hbond.range_2_auth_seq_id 
A 1 2 O ALA A 20 ? O ALA A 20 N LEU A 6  ? N LEU A 6  
A 2 3 N LEU A 7  ? N LEU A 7  O SER A 68 ? O SER A 68 
A 3 4 N VAL A 71 ? N VAL A 71 O GLN A 80 ? O GLN A 80 
# 
loop_
_diffrn_reflns.diffrn_id 
_diffrn_reflns.pdbx_d_res_high 
_diffrn_reflns.pdbx_d_res_low 
_diffrn_reflns.pdbx_number_obs 
_diffrn_reflns.pdbx_Rmerge_I_obs 
_diffrn_reflns.pdbx_Rsym_value 
_diffrn_reflns.pdbx_chi_squared 
_diffrn_reflns.av_sigmaI_over_netI 
_diffrn_reflns.pdbx_redundancy 
_diffrn_reflns.pdbx_percent_possible_obs 
_diffrn_reflns.number 
_diffrn_reflns.pdbx_observed_criterion 
_diffrn_reflns.limit_h_max 
_diffrn_reflns.limit_h_min 
_diffrn_reflns.limit_k_max 
_diffrn_reflns.limit_k_min 
_diffrn_reflns.limit_l_max 
_diffrn_reflns.limit_l_min 
1 2.290 50.000 8479 0.062 ? 0.99 16.20 7.20 83.20 60809 ? ? ? ? ? ? ? 
2 2.320 50.000 8307 0.061 ? 1.01 14.90 7.20 84.50 59991 ? ? ? ? ? ? ? 
3 2.310 50.000 8425 0.065 ? 0.99 14.90 7.20 84.60 60676 ? ? ? ? ? ? ? 
# 
loop_
_pdbx_diffrn_reflns_shell.diffrn_id 
_pdbx_diffrn_reflns_shell.d_res_high 
_pdbx_diffrn_reflns_shell.d_res_low 
_pdbx_diffrn_reflns_shell.number_obs 
_pdbx_diffrn_reflns_shell.rejects 
_pdbx_diffrn_reflns_shell.Rmerge_I_obs 
_pdbx_diffrn_reflns_shell.Rsym_value 
_pdbx_diffrn_reflns_shell.chi_squared 
_pdbx_diffrn_reflns_shell.redundancy 
_pdbx_diffrn_reflns_shell.percent_possible_obs 
1 4.93 50.00 ? ? 0.062 ? 1.011 7.30 85.90 
1 3.92 4.93  ? ? 0.051 ? 0.909 7.30 81.80 
1 3.42 3.92  ? ? 0.052 ? 0.998 5.20 11.90 
1 3.11 3.42  ? ? 0.055 ? 0.936 7.40 94.80 
1 2.89 3.11  ? ? 0.064 ? 1.046 7.30 95.20 
1 2.72 2.89  ? ? 0.075 ? 0.967 7.40 95.20 
1 2.58 2.72  ? ? 0.091 ? 1.029 7.30 95.30 
1 2.47 2.58  ? ? 0.120 ? 0.972 7.40 95.90 
1 2.37 2.47  ? ? 0.153 ? 1.010 7.10 96.50 
1 2.29 2.37  ? ? 0.468 ? 1.024 6.10 79.90 
2 5.00 50.00 ? ? 0.057 ? 0.937 7.30 87.50 
2 3.97 5.00  ? ? 0.046 ? 1.021 7.30 88.50 
2 3.47 3.97  ? ? ?     ? ?     1.00 0.20  
2 3.15 3.47  ? ? 0.056 ? 1.056 7.00 92.80 
2 2.92 3.15  ? ? 0.065 ? 1.025 7.40 94.80 
2 2.75 2.92  ? ? 0.081 ? 0.959 7.30 95.50 
2 2.61 2.75  ? ? 0.109 ? 1.033 7.30 95.70 
2 2.50 2.61  ? ? 0.154 ? 0.988 7.30 96.00 
2 2.40 2.50  ? ? 0.190 ? 1.017 7.30 96.20 
2 2.32 2.40  ? ? 0.596 ? 1.016 6.70 96.10 
3 4.98 50.00 ? ? 0.065 ? 1.009 7.30 86.30 
3 3.95 4.98  ? ? 0.052 ? 0.940 7.40 86.30 
3 3.45 3.95  ? ? 0.053 ? 0.934 3.80 6.20  
3 3.13 3.45  ? ? 0.058 ? 0.999 7.30 94.30 
3 2.91 3.13  ? ? 0.066 ? 1.001 7.40 95.00 
3 2.74 2.91  ? ? 0.080 ? 1.001 7.30 95.90 
3 2.60 2.74  ? ? 0.102 ? 0.993 7.30 95.60 
3 2.49 2.60  ? ? 0.138 ? 0.938 7.30 96.10 
3 2.39 2.49  ? ? 0.173 ? 0.975 7.30 96.00 
3 2.31 2.39  ? ? 0.551 ? 1.055 6.40 94.30 
# 
loop_
_pdbx_unobs_or_zero_occ_residues.id 
_pdbx_unobs_or_zero_occ_residues.PDB_model_num 
_pdbx_unobs_or_zero_occ_residues.polymer_flag 
_pdbx_unobs_or_zero_occ_residues.occupancy_flag 
_pdbx_unobs_or_zero_occ_residues.auth_asym_id 
_pdbx_unobs_or_zero_occ_residues.auth_comp_id 
_pdbx_unobs_or_zero_occ_residues.auth_seq_id 
_pdbx_unobs_or_zero_occ_residues.PDB_ins_code 
_pdbx_unobs_or_zero_occ_residues.label_asym_id 
_pdbx_unobs_or_zero_occ_residues.label_comp_id 
_pdbx_unobs_or_zero_occ_residues.label_seq_id 
1 1 Y 1 A MET 1   ? A MET 1   
2 1 Y 1 A ALA 102 ? A ALA 102 
3 1 Y 1 A GLY 103 ? A GLY 103 
4 1 Y 1 A LYS 104 ? A LYS 104 
# 
loop_
_chem_comp_atom.comp_id 
_chem_comp_atom.atom_id 
_chem_comp_atom.type_symbol 
_chem_comp_atom.pdbx_aromatic_flag 
_chem_comp_atom.pdbx_stereo_config 
_chem_comp_atom.pdbx_ordinal 
ALA N    N N N 1   
ALA CA   C N S 2   
ALA C    C N N 3   
ALA O    O N N 4   
ALA CB   C N N 5   
ALA OXT  O N N 6   
ALA H    H N N 7   
ALA H2   H N N 8   
ALA HA   H N N 9   
ALA HB1  H N N 10  
ALA HB2  H N N 11  
ALA HB3  H N N 12  
ALA HXT  H N N 13  
ARG N    N N N 14  
ARG CA   C N S 15  
ARG C    C N N 16  
ARG O    O N N 17  
ARG CB   C N N 18  
ARG CG   C N N 19  
ARG CD   C N N 20  
ARG NE   N N N 21  
ARG CZ   C N N 22  
ARG NH1  N N N 23  
ARG NH2  N N N 24  
ARG OXT  O N N 25  
ARG H    H N N 26  
ARG H2   H N N 27  
ARG HA   H N N 28  
ARG HB2  H N N 29  
ARG HB3  H N N 30  
ARG HG2  H N N 31  
ARG HG3  H N N 32  
ARG HD2  H N N 33  
ARG HD3  H N N 34  
ARG HE   H N N 35  
ARG HH11 H N N 36  
ARG HH12 H N N 37  
ARG HH21 H N N 38  
ARG HH22 H N N 39  
ARG HXT  H N N 40  
ASN N    N N N 41  
ASN CA   C N S 42  
ASN C    C N N 43  
ASN O    O N N 44  
ASN CB   C N N 45  
ASN CG   C N N 46  
ASN OD1  O N N 47  
ASN ND2  N N N 48  
ASN OXT  O N N 49  
ASN H    H N N 50  
ASN H2   H N N 51  
ASN HA   H N N 52  
ASN HB2  H N N 53  
ASN HB3  H N N 54  
ASN HD21 H N N 55  
ASN HD22 H N N 56  
ASN HXT  H N N 57  
ASP N    N N N 58  
ASP CA   C N S 59  
ASP C    C N N 60  
ASP O    O N N 61  
ASP CB   C N N 62  
ASP CG   C N N 63  
ASP OD1  O N N 64  
ASP OD2  O N N 65  
ASP OXT  O N N 66  
ASP H    H N N 67  
ASP H2   H N N 68  
ASP HA   H N N 69  
ASP HB2  H N N 70  
ASP HB3  H N N 71  
ASP HD2  H N N 72  
ASP HXT  H N N 73  
CYS N    N N N 74  
CYS CA   C N R 75  
CYS C    C N N 76  
CYS O    O N N 77  
CYS CB   C N N 78  
CYS SG   S N N 79  
CYS OXT  O N N 80  
CYS H    H N N 81  
CYS H2   H N N 82  
CYS HA   H N N 83  
CYS HB2  H N N 84  
CYS HB3  H N N 85  
CYS HG   H N N 86  
CYS HXT  H N N 87  
GLN N    N N N 88  
GLN CA   C N S 89  
GLN C    C N N 90  
GLN O    O N N 91  
GLN CB   C N N 92  
GLN CG   C N N 93  
GLN CD   C N N 94  
GLN OE1  O N N 95  
GLN NE2  N N N 96  
GLN OXT  O N N 97  
GLN H    H N N 98  
GLN H2   H N N 99  
GLN HA   H N N 100 
GLN HB2  H N N 101 
GLN HB3  H N N 102 
GLN HG2  H N N 103 
GLN HG3  H N N 104 
GLN HE21 H N N 105 
GLN HE22 H N N 106 
GLN HXT  H N N 107 
GLU N    N N N 108 
GLU CA   C N S 109 
GLU C    C N N 110 
GLU O    O N N 111 
GLU CB   C N N 112 
GLU CG   C N N 113 
GLU CD   C N N 114 
GLU OE1  O N N 115 
GLU OE2  O N N 116 
GLU OXT  O N N 117 
GLU H    H N N 118 
GLU H2   H N N 119 
GLU HA   H N N 120 
GLU HB2  H N N 121 
GLU HB3  H N N 122 
GLU HG2  H N N 123 
GLU HG3  H N N 124 
GLU HE2  H N N 125 
GLU HXT  H N N 126 
GLY N    N N N 127 
GLY CA   C N N 128 
GLY C    C N N 129 
GLY O    O N N 130 
GLY OXT  O N N 131 
GLY H    H N N 132 
GLY H2   H N N 133 
GLY HA2  H N N 134 
GLY HA3  H N N 135 
GLY HXT  H N N 136 
HIS N    N N N 137 
HIS CA   C N S 138 
HIS C    C N N 139 
HIS O    O N N 140 
HIS CB   C N N 141 
HIS CG   C Y N 142 
HIS ND1  N Y N 143 
HIS CD2  C Y N 144 
HIS CE1  C Y N 145 
HIS NE2  N Y N 146 
HIS OXT  O N N 147 
HIS H    H N N 148 
HIS H2   H N N 149 
HIS HA   H N N 150 
HIS HB2  H N N 151 
HIS HB3  H N N 152 
HIS HD1  H N N 153 
HIS HD2  H N N 154 
HIS HE1  H N N 155 
HIS HE2  H N N 156 
HIS HXT  H N N 157 
HOH O    O N N 158 
HOH H1   H N N 159 
HOH H2   H N N 160 
ILE N    N N N 161 
ILE CA   C N S 162 
ILE C    C N N 163 
ILE O    O N N 164 
ILE CB   C N S 165 
ILE CG1  C N N 166 
ILE CG2  C N N 167 
ILE CD1  C N N 168 
ILE OXT  O N N 169 
ILE H    H N N 170 
ILE H2   H N N 171 
ILE HA   H N N 172 
ILE HB   H N N 173 
ILE HG12 H N N 174 
ILE HG13 H N N 175 
ILE HG21 H N N 176 
ILE HG22 H N N 177 
ILE HG23 H N N 178 
ILE HD11 H N N 179 
ILE HD12 H N N 180 
ILE HD13 H N N 181 
ILE HXT  H N N 182 
LEU N    N N N 183 
LEU CA   C N S 184 
LEU C    C N N 185 
LEU O    O N N 186 
LEU CB   C N N 187 
LEU CG   C N N 188 
LEU CD1  C N N 189 
LEU CD2  C N N 190 
LEU OXT  O N N 191 
LEU H    H N N 192 
LEU H2   H N N 193 
LEU HA   H N N 194 
LEU HB2  H N N 195 
LEU HB3  H N N 196 
LEU HG   H N N 197 
LEU HD11 H N N 198 
LEU HD12 H N N 199 
LEU HD13 H N N 200 
LEU HD21 H N N 201 
LEU HD22 H N N 202 
LEU HD23 H N N 203 
LEU HXT  H N N 204 
LYS N    N N N 205 
LYS CA   C N S 206 
LYS C    C N N 207 
LYS O    O N N 208 
LYS CB   C N N 209 
LYS CG   C N N 210 
LYS CD   C N N 211 
LYS CE   C N N 212 
LYS NZ   N N N 213 
LYS OXT  O N N 214 
LYS H    H N N 215 
LYS H2   H N N 216 
LYS HA   H N N 217 
LYS HB2  H N N 218 
LYS HB3  H N N 219 
LYS HG2  H N N 220 
LYS HG3  H N N 221 
LYS HD2  H N N 222 
LYS HD3  H N N 223 
LYS HE2  H N N 224 
LYS HE3  H N N 225 
LYS HZ1  H N N 226 
LYS HZ2  H N N 227 
LYS HZ3  H N N 228 
LYS HXT  H N N 229 
MET N    N N N 230 
MET CA   C N S 231 
MET C    C N N 232 
MET O    O N N 233 
MET CB   C N N 234 
MET CG   C N N 235 
MET SD   S N N 236 
MET CE   C N N 237 
MET OXT  O N N 238 
MET H    H N N 239 
MET H2   H N N 240 
MET HA   H N N 241 
MET HB2  H N N 242 
MET HB3  H N N 243 
MET HG2  H N N 244 
MET HG3  H N N 245 
MET HE1  H N N 246 
MET HE2  H N N 247 
MET HE3  H N N 248 
MET HXT  H N N 249 
PHE N    N N N 250 
PHE CA   C N S 251 
PHE C    C N N 252 
PHE O    O N N 253 
PHE CB   C N N 254 
PHE CG   C Y N 255 
PHE CD1  C Y N 256 
PHE CD2  C Y N 257 
PHE CE1  C Y N 258 
PHE CE2  C Y N 259 
PHE CZ   C Y N 260 
PHE OXT  O N N 261 
PHE H    H N N 262 
PHE H2   H N N 263 
PHE HA   H N N 264 
PHE HB2  H N N 265 
PHE HB3  H N N 266 
PHE HD1  H N N 267 
PHE HD2  H N N 268 
PHE HE1  H N N 269 
PHE HE2  H N N 270 
PHE HZ   H N N 271 
PHE HXT  H N N 272 
PRO N    N N N 273 
PRO CA   C N S 274 
PRO C    C N N 275 
PRO O    O N N 276 
PRO CB   C N N 277 
PRO CG   C N N 278 
PRO CD   C N N 279 
PRO OXT  O N N 280 
PRO H    H N N 281 
PRO HA   H N N 282 
PRO HB2  H N N 283 
PRO HB3  H N N 284 
PRO HG2  H N N 285 
PRO HG3  H N N 286 
PRO HD2  H N N 287 
PRO HD3  H N N 288 
PRO HXT  H N N 289 
SER N    N N N 290 
SER CA   C N S 291 
SER C    C N N 292 
SER O    O N N 293 
SER CB   C N N 294 
SER OG   O N N 295 
SER OXT  O N N 296 
SER H    H N N 297 
SER H2   H N N 298 
SER HA   H N N 299 
SER HB2  H N N 300 
SER HB3  H N N 301 
SER HG   H N N 302 
SER HXT  H N N 303 
THR N    N N N 304 
THR CA   C N S 305 
THR C    C N N 306 
THR O    O N N 307 
THR CB   C N R 308 
THR OG1  O N N 309 
THR CG2  C N N 310 
THR OXT  O N N 311 
THR H    H N N 312 
THR H2   H N N 313 
THR HA   H N N 314 
THR HB   H N N 315 
THR HG1  H N N 316 
THR HG21 H N N 317 
THR HG22 H N N 318 
THR HG23 H N N 319 
THR HXT  H N N 320 
TRP N    N N N 321 
TRP CA   C N S 322 
TRP C    C N N 323 
TRP O    O N N 324 
TRP CB   C N N 325 
TRP CG   C Y N 326 
TRP CD1  C Y N 327 
TRP CD2  C Y N 328 
TRP NE1  N Y N 329 
TRP CE2  C Y N 330 
TRP CE3  C Y N 331 
TRP CZ2  C Y N 332 
TRP CZ3  C Y N 333 
TRP CH2  C Y N 334 
TRP OXT  O N N 335 
TRP H    H N N 336 
TRP H2   H N N 337 
TRP HA   H N N 338 
TRP HB2  H N N 339 
TRP HB3  H N N 340 
TRP HD1  H N N 341 
TRP HE1  H N N 342 
TRP HE3  H N N 343 
TRP HZ2  H N N 344 
TRP HZ3  H N N 345 
TRP HH2  H N N 346 
TRP HXT  H N N 347 
TYR N    N N N 348 
TYR CA   C N S 349 
TYR C    C N N 350 
TYR O    O N N 351 
TYR CB   C N N 352 
TYR CG   C Y N 353 
TYR CD1  C Y N 354 
TYR CD2  C Y N 355 
TYR CE1  C Y N 356 
TYR CE2  C Y N 357 
TYR CZ   C Y N 358 
TYR OH   O N N 359 
TYR OXT  O N N 360 
TYR H    H N N 361 
TYR H2   H N N 362 
TYR HA   H N N 363 
TYR HB2  H N N 364 
TYR HB3  H N N 365 
TYR HD1  H N N 366 
TYR HD2  H N N 367 
TYR HE1  H N N 368 
TYR HE2  H N N 369 
TYR HH   H N N 370 
TYR HXT  H N N 371 
VAL N    N N N 372 
VAL CA   C N S 373 
VAL C    C N N 374 
VAL O    O N N 375 
VAL CB   C N N 376 
VAL CG1  C N N 377 
VAL CG2  C N N 378 
VAL OXT  O N N 379 
VAL H    H N N 380 
VAL H2   H N N 381 
VAL HA   H N N 382 
VAL HB   H N N 383 
VAL HG11 H N N 384 
VAL HG12 H N N 385 
VAL HG13 H N N 386 
VAL HG21 H N N 387 
VAL HG22 H N N 388 
VAL HG23 H N N 389 
VAL HXT  H N N 390 
# 
loop_
_chem_comp_bond.comp_id 
_chem_comp_bond.atom_id_1 
_chem_comp_bond.atom_id_2 
_chem_comp_bond.value_order 
_chem_comp_bond.pdbx_aromatic_flag 
_chem_comp_bond.pdbx_stereo_config 
_chem_comp_bond.pdbx_ordinal 
ALA N   CA   sing N N 1   
ALA N   H    sing N N 2   
ALA N   H2   sing N N 3   
ALA CA  C    sing N N 4   
ALA CA  CB   sing N N 5   
ALA CA  HA   sing N N 6   
ALA C   O    doub N N 7   
ALA C   OXT  sing N N 8   
ALA CB  HB1  sing N N 9   
ALA CB  HB2  sing N N 10  
ALA CB  HB3  sing N N 11  
ALA OXT HXT  sing N N 12  
ARG N   CA   sing N N 13  
ARG N   H    sing N N 14  
ARG N   H2   sing N N 15  
ARG CA  C    sing N N 16  
ARG CA  CB   sing N N 17  
ARG CA  HA   sing N N 18  
ARG C   O    doub N N 19  
ARG C   OXT  sing N N 20  
ARG CB  CG   sing N N 21  
ARG CB  HB2  sing N N 22  
ARG CB  HB3  sing N N 23  
ARG CG  CD   sing N N 24  
ARG CG  HG2  sing N N 25  
ARG CG  HG3  sing N N 26  
ARG CD  NE   sing N N 27  
ARG CD  HD2  sing N N 28  
ARG CD  HD3  sing N N 29  
ARG NE  CZ   sing N N 30  
ARG NE  HE   sing N N 31  
ARG CZ  NH1  sing N N 32  
ARG CZ  NH2  doub N N 33  
ARG NH1 HH11 sing N N 34  
ARG NH1 HH12 sing N N 35  
ARG NH2 HH21 sing N N 36  
ARG NH2 HH22 sing N N 37  
ARG OXT HXT  sing N N 38  
ASN N   CA   sing N N 39  
ASN N   H    sing N N 40  
ASN N   H2   sing N N 41  
ASN CA  C    sing N N 42  
ASN CA  CB   sing N N 43  
ASN CA  HA   sing N N 44  
ASN C   O    doub N N 45  
ASN C   OXT  sing N N 46  
ASN CB  CG   sing N N 47  
ASN CB  HB2  sing N N 48  
ASN CB  HB3  sing N N 49  
ASN CG  OD1  doub N N 50  
ASN CG  ND2  sing N N 51  
ASN ND2 HD21 sing N N 52  
ASN ND2 HD22 sing N N 53  
ASN OXT HXT  sing N N 54  
ASP N   CA   sing N N 55  
ASP N   H    sing N N 56  
ASP N   H2   sing N N 57  
ASP CA  C    sing N N 58  
ASP CA  CB   sing N N 59  
ASP CA  HA   sing N N 60  
ASP C   O    doub N N 61  
ASP C   OXT  sing N N 62  
ASP CB  CG   sing N N 63  
ASP CB  HB2  sing N N 64  
ASP CB  HB3  sing N N 65  
ASP CG  OD1  doub N N 66  
ASP CG  OD2  sing N N 67  
ASP OD2 HD2  sing N N 68  
ASP OXT HXT  sing N N 69  
CYS N   CA   sing N N 70  
CYS N   H    sing N N 71  
CYS N   H2   sing N N 72  
CYS CA  C    sing N N 73  
CYS CA  CB   sing N N 74  
CYS CA  HA   sing N N 75  
CYS C   O    doub N N 76  
CYS C   OXT  sing N N 77  
CYS CB  SG   sing N N 78  
CYS CB  HB2  sing N N 79  
CYS CB  HB3  sing N N 80  
CYS SG  HG   sing N N 81  
CYS OXT HXT  sing N N 82  
GLN N   CA   sing N N 83  
GLN N   H    sing N N 84  
GLN N   H2   sing N N 85  
GLN CA  C    sing N N 86  
GLN CA  CB   sing N N 87  
GLN CA  HA   sing N N 88  
GLN C   O    doub N N 89  
GLN C   OXT  sing N N 90  
GLN CB  CG   sing N N 91  
GLN CB  HB2  sing N N 92  
GLN CB  HB3  sing N N 93  
GLN CG  CD   sing N N 94  
GLN CG  HG2  sing N N 95  
GLN CG  HG3  sing N N 96  
GLN CD  OE1  doub N N 97  
GLN CD  NE2  sing N N 98  
GLN NE2 HE21 sing N N 99  
GLN NE2 HE22 sing N N 100 
GLN OXT HXT  sing N N 101 
GLU N   CA   sing N N 102 
GLU N   H    sing N N 103 
GLU N   H2   sing N N 104 
GLU CA  C    sing N N 105 
GLU CA  CB   sing N N 106 
GLU CA  HA   sing N N 107 
GLU C   O    doub N N 108 
GLU C   OXT  sing N N 109 
GLU CB  CG   sing N N 110 
GLU CB  HB2  sing N N 111 
GLU CB  HB3  sing N N 112 
GLU CG  CD   sing N N 113 
GLU CG  HG2  sing N N 114 
GLU CG  HG3  sing N N 115 
GLU CD  OE1  doub N N 116 
GLU CD  OE2  sing N N 117 
GLU OE2 HE2  sing N N 118 
GLU OXT HXT  sing N N 119 
GLY N   CA   sing N N 120 
GLY N   H    sing N N 121 
GLY N   H2   sing N N 122 
GLY CA  C    sing N N 123 
GLY CA  HA2  sing N N 124 
GLY CA  HA3  sing N N 125 
GLY C   O    doub N N 126 
GLY C   OXT  sing N N 127 
GLY OXT HXT  sing N N 128 
HIS N   CA   sing N N 129 
HIS N   H    sing N N 130 
HIS N   H2   sing N N 131 
HIS CA  C    sing N N 132 
HIS CA  CB   sing N N 133 
HIS CA  HA   sing N N 134 
HIS C   O    doub N N 135 
HIS C   OXT  sing N N 136 
HIS CB  CG   sing N N 137 
HIS CB  HB2  sing N N 138 
HIS CB  HB3  sing N N 139 
HIS CG  ND1  sing Y N 140 
HIS CG  CD2  doub Y N 141 
HIS ND1 CE1  doub Y N 142 
HIS ND1 HD1  sing N N 143 
HIS CD2 NE2  sing Y N 144 
HIS CD2 HD2  sing N N 145 
HIS CE1 NE2  sing Y N 146 
HIS CE1 HE1  sing N N 147 
HIS NE2 HE2  sing N N 148 
HIS OXT HXT  sing N N 149 
HOH O   H1   sing N N 150 
HOH O   H2   sing N N 151 
ILE N   CA   sing N N 152 
ILE N   H    sing N N 153 
ILE N   H2   sing N N 154 
ILE CA  C    sing N N 155 
ILE CA  CB   sing N N 156 
ILE CA  HA   sing N N 157 
ILE C   O    doub N N 158 
ILE C   OXT  sing N N 159 
ILE CB  CG1  sing N N 160 
ILE CB  CG2  sing N N 161 
ILE CB  HB   sing N N 162 
ILE CG1 CD1  sing N N 163 
ILE CG1 HG12 sing N N 164 
ILE CG1 HG13 sing N N 165 
ILE CG2 HG21 sing N N 166 
ILE CG2 HG22 sing N N 167 
ILE CG2 HG23 sing N N 168 
ILE CD1 HD11 sing N N 169 
ILE CD1 HD12 sing N N 170 
ILE CD1 HD13 sing N N 171 
ILE OXT HXT  sing N N 172 
LEU N   CA   sing N N 173 
LEU N   H    sing N N 174 
LEU N   H2   sing N N 175 
LEU CA  C    sing N N 176 
LEU CA  CB   sing N N 177 
LEU CA  HA   sing N N 178 
LEU C   O    doub N N 179 
LEU C   OXT  sing N N 180 
LEU CB  CG   sing N N 181 
LEU CB  HB2  sing N N 182 
LEU CB  HB3  sing N N 183 
LEU CG  CD1  sing N N 184 
LEU CG  CD2  sing N N 185 
LEU CG  HG   sing N N 186 
LEU CD1 HD11 sing N N 187 
LEU CD1 HD12 sing N N 188 
LEU CD1 HD13 sing N N 189 
LEU CD2 HD21 sing N N 190 
LEU CD2 HD22 sing N N 191 
LEU CD2 HD23 sing N N 192 
LEU OXT HXT  sing N N 193 
LYS N   CA   sing N N 194 
LYS N   H    sing N N 195 
LYS N   H2   sing N N 196 
LYS CA  C    sing N N 197 
LYS CA  CB   sing N N 198 
LYS CA  HA   sing N N 199 
LYS C   O    doub N N 200 
LYS C   OXT  sing N N 201 
LYS CB  CG   sing N N 202 
LYS CB  HB2  sing N N 203 
LYS CB  HB3  sing N N 204 
LYS CG  CD   sing N N 205 
LYS CG  HG2  sing N N 206 
LYS CG  HG3  sing N N 207 
LYS CD  CE   sing N N 208 
LYS CD  HD2  sing N N 209 
LYS CD  HD3  sing N N 210 
LYS CE  NZ   sing N N 211 
LYS CE  HE2  sing N N 212 
LYS CE  HE3  sing N N 213 
LYS NZ  HZ1  sing N N 214 
LYS NZ  HZ2  sing N N 215 
LYS NZ  HZ3  sing N N 216 
LYS OXT HXT  sing N N 217 
MET N   CA   sing N N 218 
MET N   H    sing N N 219 
MET N   H2   sing N N 220 
MET CA  C    sing N N 221 
MET CA  CB   sing N N 222 
MET CA  HA   sing N N 223 
MET C   O    doub N N 224 
MET C   OXT  sing N N 225 
MET CB  CG   sing N N 226 
MET CB  HB2  sing N N 227 
MET CB  HB3  sing N N 228 
MET CG  SD   sing N N 229 
MET CG  HG2  sing N N 230 
MET CG  HG3  sing N N 231 
MET SD  CE   sing N N 232 
MET CE  HE1  sing N N 233 
MET CE  HE2  sing N N 234 
MET CE  HE3  sing N N 235 
MET OXT HXT  sing N N 236 
PHE N   CA   sing N N 237 
PHE N   H    sing N N 238 
PHE N   H2   sing N N 239 
PHE CA  C    sing N N 240 
PHE CA  CB   sing N N 241 
PHE CA  HA   sing N N 242 
PHE C   O    doub N N 243 
PHE C   OXT  sing N N 244 
PHE CB  CG   sing N N 245 
PHE CB  HB2  sing N N 246 
PHE CB  HB3  sing N N 247 
PHE CG  CD1  doub Y N 248 
PHE CG  CD2  sing Y N 249 
PHE CD1 CE1  sing Y N 250 
PHE CD1 HD1  sing N N 251 
PHE CD2 CE2  doub Y N 252 
PHE CD2 HD2  sing N N 253 
PHE CE1 CZ   doub Y N 254 
PHE CE1 HE1  sing N N 255 
PHE CE2 CZ   sing Y N 256 
PHE CE2 HE2  sing N N 257 
PHE CZ  HZ   sing N N 258 
PHE OXT HXT  sing N N 259 
PRO N   CA   sing N N 260 
PRO N   CD   sing N N 261 
PRO N   H    sing N N 262 
PRO CA  C    sing N N 263 
PRO CA  CB   sing N N 264 
PRO CA  HA   sing N N 265 
PRO C   O    doub N N 266 
PRO C   OXT  sing N N 267 
PRO CB  CG   sing N N 268 
PRO CB  HB2  sing N N 269 
PRO CB  HB3  sing N N 270 
PRO CG  CD   sing N N 271 
PRO CG  HG2  sing N N 272 
PRO CG  HG3  sing N N 273 
PRO CD  HD2  sing N N 274 
PRO CD  HD3  sing N N 275 
PRO OXT HXT  sing N N 276 
SER N   CA   sing N N 277 
SER N   H    sing N N 278 
SER N   H2   sing N N 279 
SER CA  C    sing N N 280 
SER CA  CB   sing N N 281 
SER CA  HA   sing N N 282 
SER C   O    doub N N 283 
SER C   OXT  sing N N 284 
SER CB  OG   sing N N 285 
SER CB  HB2  sing N N 286 
SER CB  HB3  sing N N 287 
SER OG  HG   sing N N 288 
SER OXT HXT  sing N N 289 
THR N   CA   sing N N 290 
THR N   H    sing N N 291 
THR N   H2   sing N N 292 
THR CA  C    sing N N 293 
THR CA  CB   sing N N 294 
THR CA  HA   sing N N 295 
THR C   O    doub N N 296 
THR C   OXT  sing N N 297 
THR CB  OG1  sing N N 298 
THR CB  CG2  sing N N 299 
THR CB  HB   sing N N 300 
THR OG1 HG1  sing N N 301 
THR CG2 HG21 sing N N 302 
THR CG2 HG22 sing N N 303 
THR CG2 HG23 sing N N 304 
THR OXT HXT  sing N N 305 
TRP N   CA   sing N N 306 
TRP N   H    sing N N 307 
TRP N   H2   sing N N 308 
TRP CA  C    sing N N 309 
TRP CA  CB   sing N N 310 
TRP CA  HA   sing N N 311 
TRP C   O    doub N N 312 
TRP C   OXT  sing N N 313 
TRP CB  CG   sing N N 314 
TRP CB  HB2  sing N N 315 
TRP CB  HB3  sing N N 316 
TRP CG  CD1  doub Y N 317 
TRP CG  CD2  sing Y N 318 
TRP CD1 NE1  sing Y N 319 
TRP CD1 HD1  sing N N 320 
TRP CD2 CE2  doub Y N 321 
TRP CD2 CE3  sing Y N 322 
TRP NE1 CE2  sing Y N 323 
TRP NE1 HE1  sing N N 324 
TRP CE2 CZ2  sing Y N 325 
TRP CE3 CZ3  doub Y N 326 
TRP CE3 HE3  sing N N 327 
TRP CZ2 CH2  doub Y N 328 
TRP CZ2 HZ2  sing N N 329 
TRP CZ3 CH2  sing Y N 330 
TRP CZ3 HZ3  sing N N 331 
TRP CH2 HH2  sing N N 332 
TRP OXT HXT  sing N N 333 
TYR N   CA   sing N N 334 
TYR N   H    sing N N 335 
TYR N   H2   sing N N 336 
TYR CA  C    sing N N 337 
TYR CA  CB   sing N N 338 
TYR CA  HA   sing N N 339 
TYR C   O    doub N N 340 
TYR C   OXT  sing N N 341 
TYR CB  CG   sing N N 342 
TYR CB  HB2  sing N N 343 
TYR CB  HB3  sing N N 344 
TYR CG  CD1  doub Y N 345 
TYR CG  CD2  sing Y N 346 
TYR CD1 CE1  sing Y N 347 
TYR CD1 HD1  sing N N 348 
TYR CD2 CE2  doub Y N 349 
TYR CD2 HD2  sing N N 350 
TYR CE1 CZ   doub Y N 351 
TYR CE1 HE1  sing N N 352 
TYR CE2 CZ   sing Y N 353 
TYR CE2 HE2  sing N N 354 
TYR CZ  OH   sing N N 355 
TYR OH  HH   sing N N 356 
TYR OXT HXT  sing N N 357 
VAL N   CA   sing N N 358 
VAL N   H    sing N N 359 
VAL N   H2   sing N N 360 
VAL CA  C    sing N N 361 
VAL CA  CB   sing N N 362 
VAL CA  HA   sing N N 363 
VAL C   O    doub N N 364 
VAL C   OXT  sing N N 365 
VAL CB  CG1  sing N N 366 
VAL CB  CG2  sing N N 367 
VAL CB  HB   sing N N 368 
VAL CG1 HG11 sing N N 369 
VAL CG1 HG12 sing N N 370 
VAL CG1 HG13 sing N N 371 
VAL CG2 HG21 sing N N 372 
VAL CG2 HG22 sing N N 373 
VAL CG2 HG23 sing N N 374 
VAL OXT HXT  sing N N 375 
# 
_atom_sites.entry_id                    2NML 
_atom_sites.fract_transf_matrix[1][1]   -0.01572646 
_atom_sites.fract_transf_matrix[1][2]   0.00106231 
_atom_sites.fract_transf_matrix[1][3]   -0.01460278 
_atom_sites.fract_transf_matrix[2][1]   -0.01012256 
_atom_sites.fract_transf_matrix[2][2]   -0.01790692 
_atom_sites.fract_transf_matrix[2][3]   -0.00621026 
_atom_sites.fract_transf_matrix[3][1]   -0.00994091 
_atom_sites.fract_transf_matrix[3][2]   0.00185968 
_atom_sites.fract_transf_matrix[3][3]   0.01084114 
_atom_sites.fract_transf_vector[1]      1.346869 
_atom_sites.fract_transf_vector[2]      1.379200 
_atom_sites.fract_transf_vector[3]      0.198671 
# 
loop_
_atom_type.symbol 
C 
N 
O 
S 
# 
loop_
_atom_site.group_PDB 
_atom_site.id 
_atom_site.type_symbol 
_atom_site.label_atom_id 
_atom_site.label_alt_id 
_atom_site.label_comp_id 
_atom_site.label_asym_id 
_atom_site.label_entity_id 
_atom_site.label_seq_id 
_atom_site.pdbx_PDB_ins_code 
_atom_site.Cartn_x 
_atom_site.Cartn_y 
_atom_site.Cartn_z 
_atom_site.occupancy 
_atom_site.B_iso_or_equiv 
_atom_site.pdbx_formal_charge 
_atom_site.auth_seq_id 
_atom_site.auth_comp_id 
_atom_site.auth_asym_id 
_atom_site.auth_atom_id 
_atom_site.pdbx_PDB_model_num 
ATOM   1   N N   . SER A 1 2   ? 7.270   13.639  0.433   1.00 21.72 ? 2   SER A N   1 
ATOM   2   C CA  . SER A 1 2   ? 8.464   13.243  -0.368  1.00 20.15 ? 2   SER A CA  1 
ATOM   3   C C   . SER A 1 2   ? 8.073   12.199  -1.409  1.00 20.47 ? 2   SER A C   1 
ATOM   4   O O   . SER A 1 2   ? 7.322   11.271  -1.107  1.00 19.59 ? 2   SER A O   1 
ATOM   5   C CB  . SER A 1 2   ? 9.546   12.670  0.546   1.00 21.39 ? 2   SER A CB  1 
ATOM   6   O OG  . SER A 1 2   ? 10.743  12.455  -0.174  1.00 47.73 ? 2   SER A OG  1 
ATOM   7   N N   . HIS A 1 3   ? 8.586   12.367  -2.625  1.00 18.58 ? 3   HIS A N   1 
ATOM   8   C CA  . HIS A 1 3   ? 8.311   11.459  -3.739  1.00 17.63 ? 3   HIS A CA  1 
ATOM   9   C C   . HIS A 1 3   ? 8.491   10.017  -3.283  1.00 16.18 ? 3   HIS A C   1 
ATOM   10  O O   . HIS A 1 3   ? 9.551   9.638   -2.796  1.00 16.94 ? 3   HIS A O   1 
ATOM   11  C CB  . HIS A 1 3   ? 9.261   11.778  -4.897  1.00 17.67 ? 3   HIS A CB  1 
ATOM   12  C CG  . HIS A 1 3   ? 9.036   10.951  -6.126  1.00 17.56 ? 3   HIS A CG  1 
ATOM   13  N ND1 . HIS A 1 3   ? 7.790   10.760  -6.687  1.00 23.77 ? 3   HIS A ND1 1 
ATOM   14  C CD2 . HIS A 1 3   ? 9.912   10.314  -6.936  1.00 14.63 ? 3   HIS A CD2 1 
ATOM   15  C CE1 . HIS A 1 3   ? 7.912   10.044  -7.792  1.00 13.76 ? 3   HIS A CE1 1 
ATOM   16  N NE2 . HIS A 1 3   ? 9.191   9.762   -7.966  1.00 20.93 ? 3   HIS A NE2 1 
ATOM   17  N N   . THR A 1 4   ? 7.442   9.216   -3.453  1.00 14.40 ? 4   THR A N   1 
ATOM   18  C CA  . THR A 1 4   ? 7.473   7.818   -3.036  1.00 13.72 ? 4   THR A CA  1 
ATOM   19  C C   . THR A 1 4   ? 7.075   6.906   -4.189  1.00 14.39 ? 4   THR A C   1 
ATOM   20  O O   . THR A 1 4   ? 6.095   7.159   -4.889  1.00 16.21 ? 4   THR A O   1 
ATOM   21  C CB  . THR A 1 4   ? 6.520   7.596   -1.849  1.00 15.00 ? 4   THR A CB  1 
ATOM   22  O OG1 . THR A 1 4   ? 6.943   8.416   -0.753  1.00 18.50 ? 4   THR A OG1 1 
ATOM   23  C CG2 . THR A 1 4   ? 6.522   6.136   -1.410  1.00 14.94 ? 4   THR A CG2 1 
ATOM   24  N N   . ILE A 1 5   ? 7.852   5.848   -4.387  1.00 13.88 ? 5   ILE A N   1 
ATOM   25  C CA  . ILE A 1 5   ? 7.596   4.890   -5.460  1.00 12.50 ? 5   ILE A CA  1 
ATOM   26  C C   . ILE A 1 5   ? 7.187   3.555   -4.844  1.00 12.44 ? 5   ILE A C   1 
ATOM   27  O O   . ILE A 1 5   ? 7.892   3.013   -3.994  1.00 15.76 ? 5   ILE A O   1 
ATOM   28  C CB  . ILE A 1 5   ? 8.861   4.697   -6.328  1.00 13.32 ? 5   ILE A CB  1 
ATOM   29  C CG1 . ILE A 1 5   ? 9.302   6.047   -6.900  1.00 14.70 ? 5   ILE A CG1 1 
ATOM   30  C CG2 . ILE A 1 5   ? 8.576   3.715   -7.473  1.00 19.80 ? 5   ILE A CG2 1 
ATOM   31  C CD1 . ILE A 1 5   ? 10.687  6.037   -7.524  1.00 17.55 ? 5   ILE A CD1 1 
ATOM   32  N N   . LEU A 1 6   ? 6.040   3.040   -5.277  1.00 14.22 ? 6   LEU A N   1 
ATOM   33  C CA  . LEU A 1 6   ? 5.502   1.777   -4.776  1.00 11.88 ? 6   LEU A CA  1 
ATOM   34  C C   . LEU A 1 6   ? 5.717   0.665   -5.796  1.00 12.42 ? 6   LEU A C   1 
ATOM   35  O O   . LEU A 1 6   ? 5.335   0.804   -6.959  1.00 14.48 ? 6   LEU A O   1 
ATOM   36  C CB  . LEU A 1 6   ? 4.002   1.938   -4.503  1.00 12.94 ? 6   LEU A CB  1 
ATOM   37  C CG  . LEU A 1 6   ? 3.271   0.721   -3.937  1.00 15.04 ? 6   LEU A CG  1 
ATOM   38  C CD1 . LEU A 1 6   ? 3.745   0.456   -2.520  1.00 14.06 ? 6   LEU A CD1 1 
ATOM   39  C CD2 . LEU A 1 6   ? 1.768   0.977   -3.958  1.00 18.97 ? 6   LEU A CD2 1 
ATOM   40  N N   . LEU A 1 7   ? 6.327   -0.438  -5.360  1.00 14.40 ? 7   LEU A N   1 
ATOM   41  C CA  . LEU A 1 7   ? 6.588   -1.579  -6.236  1.00 13.28 ? 7   LEU A CA  1 
ATOM   42  C C   . LEU A 1 7   ? 5.712   -2.739  -5.779  1.00 15.91 ? 7   LEU A C   1 
ATOM   43  O O   . LEU A 1 7   ? 5.781   -3.157  -4.620  1.00 16.78 ? 7   LEU A O   1 
ATOM   44  C CB  . LEU A 1 7   ? 8.061   -1.988  -6.155  1.00 12.90 ? 7   LEU A CB  1 
ATOM   45  C CG  . LEU A 1 7   ? 9.090   -0.888  -6.440  1.00 14.94 ? 7   LEU A CG  1 
ATOM   46  C CD1 . LEU A 1 7   ? 10.497  -1.451  -6.274  1.00 17.05 ? 7   LEU A CD1 1 
ATOM   47  C CD2 . LEU A 1 7   ? 8.889   -0.352  -7.845  1.00 14.15 ? 7   LEU A CD2 1 
ATOM   48  N N   . VAL A 1 8   ? 4.908   -3.274  -6.695  1.00 13.54 ? 8   VAL A N   1 
ATOM   49  C CA  . VAL A 1 8   ? 4.000   -4.361  -6.352  1.00 16.42 ? 8   VAL A CA  1 
ATOM   50  C C   . VAL A 1 8   ? 4.093   -5.548  -7.300  1.00 14.29 ? 8   VAL A C   1 
ATOM   51  O O   . VAL A 1 8   ? 4.126   -5.373  -8.516  1.00 16.48 ? 8   VAL A O   1 
ATOM   52  C CB  . VAL A 1 8   ? 2.517   -3.890  -6.385  1.00 17.98 ? 8   VAL A CB  1 
ATOM   53  C CG1 . VAL A 1 8   ? 1.606   -4.982  -5.831  1.00 23.29 ? 8   VAL A CG1 1 
ATOM   54  C CG2 . VAL A 1 8   ? 2.353   -2.594  -5.607  1.00 23.51 ? 8   VAL A CG2 1 
ATOM   55  N N   . GLN A 1 9   ? 4.168   -6.750  -6.732  1.00 14.10 ? 9   GLN A N   1 
ATOM   56  C CA  . GLN A 1 9   ? 4.154   -7.976  -7.529  1.00 12.21 ? 9   GLN A CA  1 
ATOM   57  C C   . GLN A 1 9   ? 3.106   -8.846  -6.834  1.00 12.42 ? 9   GLN A C   1 
ATOM   58  O O   . GLN A 1 9   ? 3.381   -9.466  -5.807  1.00 18.43 ? 9   GLN A O   1 
ATOM   59  C CB  . GLN A 1 9   ? 5.499   -8.705  -7.530  1.00 18.32 ? 9   GLN A CB  1 
ATOM   60  C CG  . GLN A 1 9   ? 5.520   -9.833  -8.571  1.00 17.25 ? 9   GLN A CG  1 
ATOM   61  C CD  . GLN A 1 9   ? 6.808   -10.623 -8.579  1.00 24.95 ? 9   GLN A CD  1 
ATOM   62  O OE1 . GLN A 1 9   ? 7.878   -10.083 -8.326  1.00 23.70 ? 9   GLN A OE1 1 
ATOM   63  N NE2 . GLN A 1 9   ? 6.711   -11.916 -8.893  1.00 23.68 ? 9   GLN A NE2 1 
ATOM   64  N N   . PRO A 1 10  ? 1.880   -8.885  -7.381  1.00 17.97 ? 10  PRO A N   1 
ATOM   65  C CA  . PRO A 1 10  ? 0.771   -9.669  -6.822  1.00 20.53 ? 10  PRO A CA  1 
ATOM   66  C C   . PRO A 1 10  ? 1.060   -11.154 -6.620  1.00 21.53 ? 10  PRO A C   1 
ATOM   67  O O   . PRO A 1 10  ? 0.835   -11.696 -5.534  1.00 24.33 ? 10  PRO A O   1 
ATOM   68  C CB  . PRO A 1 10  ? -0.355  -9.433  -7.829  1.00 25.93 ? 10  PRO A CB  1 
ATOM   69  C CG  . PRO A 1 10  ? -0.064  -8.070  -8.345  1.00 30.02 ? 10  PRO A CG  1 
ATOM   70  C CD  . PRO A 1 10  ? 1.430   -8.120  -8.557  1.00 18.70 ? 10  PRO A CD  1 
ATOM   71  N N   . THR A 1 11  ? 1.556   -11.811 -7.663  1.00 21.57 ? 11  THR A N   1 
ATOM   72  C CA  . THR A 1 11  ? 1.846   -13.241 -7.581  1.00 23.68 ? 11  THR A CA  1 
ATOM   73  C C   . THR A 1 11  ? 3.242   -13.571 -8.092  1.00 30.82 ? 11  THR A C   1 
ATOM   74  O O   . THR A 1 11  ? 4.003   -12.679 -8.462  1.00 27.67 ? 11  THR A O   1 
ATOM   75  C CB  . THR A 1 11  ? 0.832   -14.058 -8.407  1.00 25.48 ? 11  THR A CB  1 
ATOM   76  O OG1 . THR A 1 11  ? 1.104   -13.882 -9.803  1.00 28.35 ? 11  THR A OG1 1 
ATOM   77  C CG2 . THR A 1 11  ? -0.583  -13.593 -8.120  1.00 33.15 ? 11  THR A CG2 1 
ATOM   78  N N   . LYS A 1 12  ? 3.576   -14.860 -8.116  1.00 25.66 ? 12  LYS A N   1 
ATOM   79  C CA  . LYS A 1 12  ? 4.885   -15.285 -8.594  1.00 22.88 ? 12  LYS A CA  1 
ATOM   80  C C   . LYS A 1 12  ? 5.084   -14.987 -10.074 1.00 22.68 ? 12  LYS A C   1 
ATOM   81  O O   . LYS A 1 12  ? 6.199   -15.082 -10.585 1.00 30.98 ? 12  LYS A O   1 
ATOM   82  C CB  . LYS A 1 12  ? 5.104   -16.782 -8.342  1.00 30.52 ? 12  LYS A CB  1 
ATOM   83  C CG  . LYS A 1 12  ? 5.504   -17.113 -6.914  1.00 33.66 ? 12  LYS A CG  1 
ATOM   84  C CD  . LYS A 1 12  ? 6.178   -18.477 -6.832  1.00 32.51 ? 12  LYS A CD  1 
ATOM   85  C CE  . LYS A 1 12  ? 6.760   -18.714 -5.446  1.00 41.81 ? 12  LYS A CE  1 
ATOM   86  N NZ  . LYS A 1 12  ? 7.525   -19.990 -5.365  1.00 36.81 ? 12  LYS A NZ  1 
ATOM   87  N N   . ARG A 1 13  ? 4.005   -14.627 -10.764 1.00 25.67 ? 13  ARG A N   1 
ATOM   88  C CA  . ARG A 1 13  ? 4.094   -14.301 -12.184 1.00 26.79 ? 13  ARG A CA  1 
ATOM   89  C C   . ARG A 1 13  ? 4.854   -12.985 -12.306 1.00 26.04 ? 13  ARG A C   1 
ATOM   90  O O   . ARG A 1 13  ? 4.393   -11.951 -11.826 1.00 23.03 ? 13  ARG A O   1 
ATOM   91  C CB  . ARG A 1 13  ? 2.696   -14.142 -12.786 1.00 28.62 ? 13  ARG A CB  1 
ATOM   92  N N   . PRO A 1 14  ? 6.031   -13.006 -12.951 1.00 27.02 ? 14  PRO A N   1 
ATOM   93  C CA  . PRO A 1 14  ? 6.832   -11.787 -13.112 1.00 25.90 ? 14  PRO A CA  1 
ATOM   94  C C   . PRO A 1 14  ? 6.166   -10.679 -13.925 1.00 25.80 ? 14  PRO A C   1 
ATOM   95  O O   . PRO A 1 14  ? 6.400   -9.495  -13.678 1.00 25.51 ? 14  PRO A O   1 
ATOM   96  C CB  . PRO A 1 14  ? 8.115   -12.304 -13.766 1.00 32.23 ? 14  PRO A CB  1 
ATOM   97  C CG  . PRO A 1 14  ? 7.632   -13.473 -14.568 1.00 36.99 ? 14  PRO A CG  1 
ATOM   98  C CD  . PRO A 1 14  ? 6.685   -14.153 -13.607 1.00 37.97 ? 14  PRO A CD  1 
ATOM   99  N N   . GLU A 1 15  ? 5.329   -11.058 -14.885 1.00 24.08 ? 15  GLU A N   1 
ATOM   100 C CA  . GLU A 1 15  ? 4.652   -10.081 -15.729 1.00 23.71 ? 15  GLU A CA  1 
ATOM   101 C C   . GLU A 1 15  ? 3.659   -9.210  -14.965 1.00 20.75 ? 15  GLU A C   1 
ATOM   102 O O   . GLU A 1 15  ? 3.176   -8.201  -15.488 1.00 25.87 ? 15  GLU A O   1 
ATOM   103 C CB  . GLU A 1 15  ? 3.930   -10.785 -16.883 1.00 34.55 ? 15  GLU A CB  1 
ATOM   104 C CG  . GLU A 1 15  ? 4.844   -11.595 -17.794 1.00 44.71 ? 15  GLU A CG  1 
ATOM   105 C CD  . GLU A 1 15  ? 5.228   -12.946 -17.212 1.00 44.74 ? 15  GLU A CD  1 
ATOM   106 O OE1 . GLU A 1 15  ? 6.141   -13.593 -17.768 1.00 47.47 ? 15  GLU A OE1 1 
ATOM   107 O OE2 . GLU A 1 15  ? 4.615   -13.369 -16.209 1.00 28.03 ? 15  GLU A OE2 1 
ATOM   108 N N   . GLY A 1 16  ? 3.362   -9.596  -13.728 1.00 19.66 ? 16  GLY A N   1 
ATOM   109 C CA  . GLY A 1 16  ? 2.424   -8.841  -12.917 1.00 17.70 ? 16  GLY A CA  1 
ATOM   110 C C   . GLY A 1 16  ? 3.069   -7.701  -12.149 1.00 18.08 ? 16  GLY A C   1 
ATOM   111 O O   . GLY A 1 16  ? 2.378   -6.935  -11.473 1.00 17.90 ? 16  GLY A O   1 
ATOM   112 N N   . ARG A 1 17  ? 4.388   -7.592  -12.243 1.00 16.44 ? 17  ARG A N   1 
ATOM   113 C CA  . ARG A 1 17  ? 5.103   -6.520  -11.557 1.00 14.49 ? 17  ARG A CA  1 
ATOM   114 C C   . ARG A 1 17  ? 4.660   -5.167  -12.099 1.00 20.63 ? 17  ARG A C   1 
ATOM   115 O O   . ARG A 1 17  ? 4.603   -4.954  -13.313 1.00 19.54 ? 17  ARG A O   1 
ATOM   116 C CB  . ARG A 1 17  ? 6.610   -6.691  -11.740 1.00 14.01 ? 17  ARG A CB  1 
ATOM   117 C CG  . ARG A 1 17  ? 7.180   -7.815  -10.895 1.00 16.86 ? 17  ARG A CG  1 
ATOM   118 C CD  . ARG A 1 17  ? 8.649   -8.064  -11.168 1.00 17.96 ? 17  ARG A CD  1 
ATOM   119 N NE  . ARG A 1 17  ? 8.877   -8.580  -12.515 1.00 16.78 ? 17  ARG A NE  1 
ATOM   120 C CZ  . ARG A 1 17  ? 10.076  -8.893  -12.999 1.00 22.55 ? 17  ARG A CZ  1 
ATOM   121 N NH1 . ARG A 1 17  ? 10.195  -9.353  -14.238 1.00 25.04 ? 17  ARG A NH1 1 
ATOM   122 N NH2 . ARG A 1 17  ? 11.154  -8.750  -12.240 1.00 22.88 ? 17  ARG A NH2 1 
ATOM   123 N N   . THR A 1 18  ? 4.327   -4.256  -11.192 1.00 16.01 ? 18  THR A N   1 
ATOM   124 C CA  . THR A 1 18  ? 3.912   -2.928  -11.601 1.00 16.53 ? 18  THR A CA  1 
ATOM   125 C C   . THR A 1 18  ? 4.318   -1.924  -10.531 1.00 17.25 ? 18  THR A C   1 
ATOM   126 O O   . THR A 1 18  ? 4.723   -2.303  -9.431  1.00 14.64 ? 18  THR A O   1 
ATOM   127 C CB  . THR A 1 18  ? 2.382   -2.870  -11.835 1.00 27.99 ? 18  THR A CB  1 
ATOM   128 O OG1 . THR A 1 18  ? 2.045   -1.637  -12.483 1.00 23.81 ? 18  THR A OG1 1 
ATOM   129 C CG2 . THR A 1 18  ? 1.625   -2.980  -10.515 1.00 21.47 ? 18  THR A CG2 1 
ATOM   130 N N   . TYR A 1 19  ? 4.239   -0.643  -10.862 1.00 17.34 ? 19  TYR A N   1 
ATOM   131 C CA  . TYR A 1 19  ? 4.589   0.384   -9.899  1.00 14.83 ? 19  TYR A CA  1 
ATOM   132 C C   . TYR A 1 19  ? 3.701   1.602   -10.055 1.00 15.47 ? 19  TYR A C   1 
ATOM   133 O O   . TYR A 1 19  ? 2.984   1.746   -11.046 1.00 15.46 ? 19  TYR A O   1 
ATOM   134 C CB  . TYR A 1 19  ? 6.064   0.802   -10.049 1.00 15.39 ? 19  TYR A CB  1 
ATOM   135 C CG  . TYR A 1 19  ? 6.387   1.585   -11.307 1.00 12.83 ? 19  TYR A CG  1 
ATOM   136 C CD1 . TYR A 1 19  ? 6.805   0.943   -12.476 1.00 14.45 ? 19  TYR A CD1 1 
ATOM   137 C CD2 . TYR A 1 19  ? 6.256   2.970   -11.333 1.00 14.76 ? 19  TYR A CD2 1 
ATOM   138 C CE1 . TYR A 1 19  ? 7.084   1.673   -13.643 1.00 13.80 ? 19  TYR A CE1 1 
ATOM   139 C CE2 . TYR A 1 19  ? 6.527   3.703   -12.487 1.00 15.74 ? 19  TYR A CE2 1 
ATOM   140 C CZ  . TYR A 1 19  ? 6.939   3.053   -13.634 1.00 14.85 ? 19  TYR A CZ  1 
ATOM   141 O OH  . TYR A 1 19  ? 7.210   3.786   -14.768 1.00 17.61 ? 19  TYR A OH  1 
ATOM   142 N N   . ALA A 1 20  ? 3.749   2.467   -9.049  1.00 14.33 ? 20  ALA A N   1 
ATOM   143 C CA  . ALA A 1 20  ? 2.995   3.713   -9.046  1.00 13.33 ? 20  ALA A CA  1 
ATOM   144 C C   . ALA A 1 20  ? 3.800   4.665   -8.180  1.00 15.62 ? 20  ALA A C   1 
ATOM   145 O O   . ALA A 1 20  ? 4.547   4.223   -7.309  1.00 18.53 ? 20  ALA A O   1 
ATOM   146 C CB  . ALA A 1 20  ? 1.613   3.499   -8.442  1.00 17.56 ? 20  ALA A CB  1 
ATOM   147 N N   . ASP A 1 21  ? 3.693   5.964   -8.423  1.00 16.04 ? 21  ASP A N   1 
ATOM   148 C CA  . ASP A 1 21  ? 4.423   6.892   -7.577  1.00 15.17 ? 21  ASP A CA  1 
ATOM   149 C C   . ASP A 1 21  ? 3.513   7.995   -7.063  1.00 15.19 ? 21  ASP A C   1 
ATOM   150 O O   . ASP A 1 21  ? 2.439   8.254   -7.622  1.00 17.13 ? 21  ASP A O   1 
ATOM   151 C CB  . ASP A 1 21  ? 5.691   7.444   -8.262  1.00 14.57 ? 21  ASP A CB  1 
ATOM   152 C CG  . ASP A 1 21  ? 5.419   8.178   -9.555  1.00 19.58 ? 21  ASP A CG  1 
ATOM   153 O OD1 . ASP A 1 21  ? 6.335   8.909   -9.990  1.00 23.46 ? 21  ASP A OD1 1 
ATOM   154 O OD2 . ASP A 1 21  ? 4.331   8.029   -10.142 1.00 21.25 ? 21  ASP A OD2 1 
ATOM   155 N N   . TYR A 1 22  ? 3.950   8.623   -5.974  1.00 12.86 ? 22  TYR A N   1 
ATOM   156 C CA  . TYR A 1 22  ? 3.160   9.634   -5.287  1.00 15.09 ? 22  TYR A CA  1 
ATOM   157 C C   . TYR A 1 22  ? 4.007   10.780  -4.746  1.00 16.23 ? 22  TYR A C   1 
ATOM   158 O O   . TYR A 1 22  ? 5.226   10.661  -4.609  1.00 15.96 ? 22  TYR A O   1 
ATOM   159 C CB  . TYR A 1 22  ? 2.420   8.969   -4.116  1.00 19.49 ? 22  TYR A CB  1 
ATOM   160 C CG  . TYR A 1 22  ? 1.713   7.671   -4.474  1.00 15.10 ? 22  TYR A CG  1 
ATOM   161 C CD1 . TYR A 1 22  ? 2.418   6.470   -4.589  1.00 18.02 ? 22  TYR A CD1 1 
ATOM   162 C CD2 . TYR A 1 22  ? 0.347   7.658   -4.740  1.00 17.05 ? 22  TYR A CD2 1 
ATOM   163 C CE1 . TYR A 1 22  ? 1.771   5.287   -4.967  1.00 19.32 ? 22  TYR A CE1 1 
ATOM   164 C CE2 . TYR A 1 22  ? -0.306  6.491   -5.114  1.00 17.29 ? 22  TYR A CE2 1 
ATOM   165 C CZ  . TYR A 1 22  ? 0.409   5.310   -5.229  1.00 17.84 ? 22  TYR A CZ  1 
ATOM   166 O OH  . TYR A 1 22  ? -0.256  4.160   -5.619  1.00 18.52 ? 22  TYR A OH  1 
ATOM   167 N N   . GLU A 1 23  ? 3.351   11.888  -4.415  1.00 16.39 ? 23  GLU A N   1 
ATOM   168 C CA  . GLU A 1 23  ? 4.057   13.053  -3.883  1.00 16.90 ? 23  GLU A CA  1 
ATOM   169 C C   . GLU A 1 23  ? 4.492   12.859  -2.436  1.00 19.50 ? 23  GLU A C   1 
ATOM   170 O O   . GLU A 1 23  ? 5.386   13.560  -1.958  1.00 22.77 ? 23  GLU A O   1 
ATOM   171 C CB  . GLU A 1 23  ? 3.173   14.305  -3.944  1.00 17.79 ? 23  GLU A CB  1 
ATOM   172 C CG  . GLU A 1 23  ? 3.011   14.941  -5.310  1.00 18.95 ? 23  GLU A CG  1 
ATOM   173 C CD  . GLU A 1 23  ? 2.272   16.269  -5.233  1.00 25.60 ? 23  GLU A CD  1 
ATOM   174 O OE1 . GLU A 1 23  ? 2.050   16.898  -6.286  1.00 24.73 ? 23  GLU A OE1 1 
ATOM   175 O OE2 . GLU A 1 23  ? 1.916   16.686  -4.109  1.00 21.93 ? 23  GLU A OE2 1 
ATOM   176 N N   . SER A 1 24  ? 3.856   11.923  -1.737  1.00 15.25 ? 24  SER A N   1 
ATOM   177 C CA  . SER A 1 24  ? 4.175   11.694  -0.333  1.00 18.26 ? 24  SER A CA  1 
ATOM   178 C C   . SER A 1 24  ? 3.945   10.258  0.110   1.00 18.55 ? 24  SER A C   1 
ATOM   179 O O   . SER A 1 24  ? 3.284   9.472   -0.574  1.00 16.30 ? 24  SER A O   1 
ATOM   180 C CB  . SER A 1 24  ? 3.318   12.608  0.549   1.00 18.80 ? 24  SER A CB  1 
ATOM   181 O OG  . SER A 1 24  ? 1.952   12.212  0.511   1.00 17.62 ? 24  SER A OG  1 
ATOM   182 N N   . VAL A 1 25  ? 4.484   9.941   1.281   1.00 17.99 ? 25  VAL A N   1 
ATOM   183 C CA  . VAL A 1 25  ? 4.340   8.620   1.872   1.00 16.75 ? 25  VAL A CA  1 
ATOM   184 C C   . VAL A 1 25  ? 2.866   8.350   2.172   1.00 16.79 ? 25  VAL A C   1 
ATOM   185 O O   . VAL A 1 25  ? 2.359   7.268   1.887   1.00 16.29 ? 25  VAL A O   1 
ATOM   186 C CB  . VAL A 1 25  ? 5.158   8.516   3.177   1.00 19.07 ? 25  VAL A CB  1 
ATOM   187 C CG1 . VAL A 1 25  ? 4.809   7.230   3.916   1.00 21.31 ? 25  VAL A CG1 1 
ATOM   188 C CG2 . VAL A 1 25  ? 6.648   8.552   2.851   1.00 23.44 ? 25  VAL A CG2 1 
ATOM   189 N N   . ASN A 1 26  ? 2.173   9.336   2.736   1.00 17.45 ? 26  ASN A N   1 
ATOM   190 C CA  . ASN A 1 26  ? 0.762   9.153   3.056   1.00 15.91 ? 26  ASN A CA  1 
ATOM   191 C C   . ASN A 1 26  ? -0.083  8.850   1.825   1.00 13.45 ? 26  ASN A C   1 
ATOM   192 O O   . ASN A 1 26  ? -0.979  8.008   1.876   1.00 17.82 ? 26  ASN A O   1 
ATOM   193 C CB  . ASN A 1 26  ? 0.213   10.382  3.788   1.00 19.88 ? 26  ASN A CB  1 
ATOM   194 C CG  . ASN A 1 26  ? 0.699   10.464  5.220   1.00 31.35 ? 26  ASN A CG  1 
ATOM   195 O OD1 . ASN A 1 26  ? 0.768   9.452   5.919   1.00 32.53 ? 26  ASN A OD1 1 
ATOM   196 N ND2 . ASN A 1 26  ? 1.025   11.670  5.672   1.00 39.22 ? 26  ASN A ND2 1 
ATOM   197 N N   . GLU A 1 27  ? 0.199   9.526   0.720   1.00 15.50 ? 27  GLU A N   1 
ATOM   198 C CA  . GLU A 1 27  ? -0.551  9.270   -0.501  1.00 17.04 ? 27  GLU A CA  1 
ATOM   199 C C   . GLU A 1 27  ? -0.225  7.877   -1.033  1.00 18.37 ? 27  GLU A C   1 
ATOM   200 O O   . GLU A 1 27  ? -1.087  7.212   -1.609  1.00 17.86 ? 27  GLU A O   1 
ATOM   201 C CB  . GLU A 1 27  ? -0.253  10.358  -1.533  1.00 20.30 ? 27  GLU A CB  1 
ATOM   202 C CG  . GLU A 1 27  ? -0.951  11.668  -1.175  1.00 20.65 ? 27  GLU A CG  1 
ATOM   203 C CD  . GLU A 1 27  ? -0.408  12.867  -1.920  1.00 27.58 ? 27  GLU A CD  1 
ATOM   204 O OE1 . GLU A 1 27  ? 0.739   13.274  -1.640  1.00 31.70 ? 27  GLU A OE1 1 
ATOM   205 O OE2 . GLU A 1 27  ? -1.131  13.401  -2.786  1.00 35.52 ? 27  GLU A OE2 1 
ATOM   206 N N   . CYS A 1 28  ? 1.010   7.425   -0.827  1.00 15.71 ? 28  CYS A N   1 
ATOM   207 C CA  . CYS A 1 28  ? 1.399   6.089   -1.266  1.00 14.43 ? 28  CYS A CA  1 
ATOM   208 C C   . CYS A 1 28  ? 0.641   5.065   -0.416  1.00 15.31 ? 28  CYS A C   1 
ATOM   209 O O   . CYS A 1 28  ? 0.112   4.084   -0.938  1.00 16.62 ? 28  CYS A O   1 
ATOM   210 C CB  . CYS A 1 28  ? 2.912   5.885   -1.104  1.00 14.41 ? 28  CYS A CB  1 
ATOM   211 S SG  . CYS A 1 28  ? 3.481   4.197   -1.512  1.00 19.42 ? 28  CYS A SG  1 
ATOM   212 N N   . MET A 1 29  ? 0.591   5.294   0.893   1.00 16.83 ? 29  MET A N   1 
ATOM   213 C CA  . MET A 1 29  ? -0.113  4.373   1.778   1.00 16.65 ? 29  MET A CA  1 
ATOM   214 C C   . MET A 1 29  ? -1.590  4.324   1.391   1.00 19.07 ? 29  MET A C   1 
ATOM   215 O O   . MET A 1 29  ? -2.208  3.265   1.418   1.00 15.79 ? 29  MET A O   1 
ATOM   216 C CB  . MET A 1 29  ? 0.057   4.794   3.242   1.00 17.83 ? 29  MET A CB  1 
ATOM   217 C CG  . MET A 1 29  ? 1.504   4.731   3.737   1.00 16.76 ? 29  MET A CG  1 
ATOM   218 S SD  . MET A 1 29  ? 2.324   3.146   3.408   1.00 20.72 ? 29  MET A SD  1 
ATOM   219 C CE  . MET A 1 29  ? 3.390   3.596   2.039   1.00 27.13 ? 29  MET A CE  1 
ATOM   220 N N   . GLU A 1 30  ? -2.150  5.473   1.028   1.00 15.91 ? 30  GLU A N   1 
ATOM   221 C CA  . GLU A 1 30  ? -3.544  5.534   0.601   1.00 18.09 ? 30  GLU A CA  1 
ATOM   222 C C   . GLU A 1 30  ? -3.676  4.680   -0.662  1.00 16.83 ? 30  GLU A C   1 
ATOM   223 O O   . GLU A 1 30  ? -4.676  3.984   -0.861  1.00 19.29 ? 30  GLU A O   1 
ATOM   224 C CB  . GLU A 1 30  ? -3.936  6.986   0.314   1.00 21.11 ? 30  GLU A CB  1 
ATOM   225 C CG  . GLU A 1 30  ? -5.197  7.163   -0.510  1.00 38.76 ? 30  GLU A CG  1 
ATOM   226 C CD  . GLU A 1 30  ? -5.548  8.626   -0.706  1.00 46.79 ? 30  GLU A CD  1 
ATOM   227 O OE1 . GLU A 1 30  ? -5.977  9.267   0.276   1.00 48.17 ? 30  GLU A OE1 1 
ATOM   228 O OE2 . GLU A 1 30  ? -5.382  9.138   -1.834  1.00 39.89 ? 30  GLU A OE2 1 
ATOM   229 N N   . GLY A 1 31  ? -2.648  4.736   -1.507  1.00 15.23 ? 31  GLY A N   1 
ATOM   230 C CA  . GLY A 1 31  ? -2.643  3.950   -2.729  1.00 18.54 ? 31  GLY A CA  1 
ATOM   231 C C   . GLY A 1 31  ? -2.686  2.460   -2.441  1.00 20.61 ? 31  GLY A C   1 
ATOM   232 O O   . GLY A 1 31  ? -3.364  1.706   -3.139  1.00 16.56 ? 31  GLY A O   1 
ATOM   233 N N   . VAL A 1 32  ? -1.957  2.019   -1.422  1.00 15.28 ? 32  VAL A N   1 
ATOM   234 C CA  . VAL A 1 32  ? -1.969  0.602   -1.077  1.00 16.04 ? 32  VAL A CA  1 
ATOM   235 C C   . VAL A 1 32  ? -3.368  0.210   -0.607  1.00 18.68 ? 32  VAL A C   1 
ATOM   236 O O   . VAL A 1 32  ? -3.883  -0.844  -0.982  1.00 17.62 ? 32  VAL A O   1 
ATOM   237 C CB  . VAL A 1 32  ? -0.940  0.284   0.026   1.00 17.89 ? 32  VAL A CB  1 
ATOM   238 C CG1 . VAL A 1 32  ? -1.060  -1.174  0.451   1.00 20.76 ? 32  VAL A CG1 1 
ATOM   239 C CG2 . VAL A 1 32  ? 0.465   0.558   -0.493  1.00 17.70 ? 32  VAL A CG2 1 
ATOM   240 N N   . CYS A 1 33  ? -3.982  1.061   0.209   1.00 15.28 ? 33  CYS A N   1 
ATOM   241 C CA  . CYS A 1 33  ? -5.330  0.793   0.704   1.00 16.20 ? 33  CYS A CA  1 
ATOM   242 C C   . CYS A 1 33  ? -6.318  0.710   -0.453  1.00 21.19 ? 33  CYS A C   1 
ATOM   243 O O   . CYS A 1 33  ? -7.192  -0.153  -0.465  1.00 19.32 ? 33  CYS A O   1 
ATOM   244 C CB  . CYS A 1 33  ? -5.789  1.892   1.661   1.00 17.05 ? 33  CYS A CB  1 
ATOM   245 S SG  . CYS A 1 33  ? -4.929  1.902   3.243   1.00 21.53 ? 33  CYS A SG  1 
ATOM   246 N N   . LYS A 1 34  ? -6.184  1.610   -1.422  1.00 16.78 ? 34  LYS A N   1 
ATOM   247 C CA  . LYS A 1 34  ? -7.091  1.600   -2.566  1.00 16.24 ? 34  LYS A CA  1 
ATOM   248 C C   . LYS A 1 34  ? -6.913  0.333   -3.390  1.00 19.27 ? 34  LYS A C   1 
ATOM   249 O O   . LYS A 1 34  ? -7.875  -0.180  -3.964  1.00 19.55 ? 34  LYS A O   1 
ATOM   250 C CB  . LYS A 1 34  ? -6.883  2.851   -3.424  1.00 21.15 ? 34  LYS A CB  1 
ATOM   251 C CG  . LYS A 1 34  ? -7.169  4.133   -2.654  1.00 33.08 ? 34  LYS A CG  1 
ATOM   252 C CD  . LYS A 1 34  ? -7.969  5.145   -3.462  1.00 50.66 ? 34  LYS A CD  1 
ATOM   253 C CE  . LYS A 1 34  ? -7.183  5.693   -4.638  1.00 54.84 ? 34  LYS A CE  1 
ATOM   254 N NZ  . LYS A 1 34  ? -7.927  6.787   -5.325  1.00 55.85 ? 34  LYS A NZ  1 
ATOM   255 N N   . MET A 1 35  ? -5.687  -0.181  -3.440  1.00 15.50 ? 35  MET A N   1 
ATOM   256 C CA  . MET A 1 35  ? -5.413  -1.415  -4.169  1.00 20.54 ? 35  MET A CA  1 
ATOM   257 C C   . MET A 1 35  ? -6.196  -2.556  -3.500  1.00 19.54 ? 35  MET A C   1 
ATOM   258 O O   . MET A 1 35  ? -6.813  -3.382  -4.173  1.00 17.30 ? 35  MET A O   1 
ATOM   259 C CB  . MET A 1 35  ? -3.910  -1.707  -4.144  1.00 20.71 ? 35  MET A CB  1 
ATOM   260 C CG  . MET A 1 35  ? -3.501  -2.953  -4.902  1.00 28.33 ? 35  MET A CG  1 
ATOM   261 S SD  . MET A 1 35  ? -1.707  -3.060  -5.061  1.00 31.72 ? 35  MET A SD  1 
ATOM   262 C CE  . MET A 1 35  ? -1.271  -3.700  -3.463  1.00 29.04 ? 35  MET A CE  1 
ATOM   263 N N   . TYR A 1 36  ? -6.171  -2.595  -2.171  1.00 18.53 ? 36  TYR A N   1 
ATOM   264 C CA  . TYR A 1 36  ? -6.897  -3.626  -1.435  1.00 16.18 ? 36  TYR A CA  1 
ATOM   265 C C   . TYR A 1 36  ? -8.398  -3.439  -1.634  1.00 16.72 ? 36  TYR A C   1 
ATOM   266 O O   . TYR A 1 36  ? -9.138  -4.401  -1.847  1.00 17.21 ? 36  TYR A O   1 
ATOM   267 C CB  . TYR A 1 36  ? -6.578  -3.539  0.060   1.00 15.69 ? 36  TYR A CB  1 
ATOM   268 C CG  . TYR A 1 36  ? -7.339  -4.536  0.909   1.00 19.09 ? 36  TYR A CG  1 
ATOM   269 C CD1 . TYR A 1 36  ? -7.978  -4.132  2.082   1.00 22.73 ? 36  TYR A CD1 1 
ATOM   270 C CD2 . TYR A 1 36  ? -7.410  -5.880  0.551   1.00 18.13 ? 36  TYR A CD2 1 
ATOM   271 C CE1 . TYR A 1 36  ? -8.669  -5.040  2.878   1.00 23.36 ? 36  TYR A CE1 1 
ATOM   272 C CE2 . TYR A 1 36  ? -8.100  -6.801  1.343   1.00 27.40 ? 36  TYR A CE2 1 
ATOM   273 C CZ  . TYR A 1 36  ? -8.727  -6.370  2.506   1.00 26.95 ? 36  TYR A CZ  1 
ATOM   274 O OH  . TYR A 1 36  ? -9.416  -7.266  3.296   1.00 28.59 ? 36  TYR A OH  1 
ATOM   275 N N   . GLU A 1 37  ? -8.846  -2.190  -1.573  1.00 18.75 ? 37  GLU A N   1 
ATOM   276 C CA  . GLU A 1 37  ? -10.263 -1.897  -1.738  1.00 18.68 ? 37  GLU A CA  1 
ATOM   277 C C   . GLU A 1 37  ? -10.775 -2.325  -3.110  1.00 19.04 ? 37  GLU A C   1 
ATOM   278 O O   . GLU A 1 37  ? -11.915 -2.774  -3.236  1.00 16.78 ? 37  GLU A O   1 
ATOM   279 C CB  . GLU A 1 37  ? -10.514 -0.406  -1.485  1.00 19.77 ? 37  GLU A CB  1 
ATOM   280 C CG  . GLU A 1 37  ? -10.305 -0.044  -0.021  1.00 20.87 ? 37  GLU A CG  1 
ATOM   281 C CD  . GLU A 1 37  ? -10.315 1.445   0.252   1.00 31.07 ? 37  GLU A CD  1 
ATOM   282 O OE1 . GLU A 1 37  ? -10.111 1.822   1.424   1.00 30.62 ? 37  GLU A OE1 1 
ATOM   283 O OE2 . GLU A 1 37  ? -10.521 2.234   -0.692  1.00 28.33 ? 37  GLU A OE2 1 
ATOM   284 N N   . GLU A 1 38  ? -9.934  -2.200  -4.133  1.00 17.47 ? 38  GLU A N   1 
ATOM   285 C CA  . GLU A 1 38  ? -10.327 -2.608  -5.479  1.00 20.58 ? 38  GLU A CA  1 
ATOM   286 C C   . GLU A 1 38  ? -10.494 -4.126  -5.493  1.00 20.02 ? 38  GLU A C   1 
ATOM   287 O O   . GLU A 1 38  ? -11.410 -4.653  -6.125  1.00 19.01 ? 38  GLU A O   1 
ATOM   288 C CB  . GLU A 1 38  ? -9.273  -2.181  -6.500  1.00 17.32 ? 38  GLU A CB  1 
ATOM   289 C CG  . GLU A 1 38  ? -9.510  -2.711  -7.907  1.00 24.47 ? 38  GLU A CG  1 
ATOM   290 C CD  . GLU A 1 38  ? -10.885 -2.360  -8.451  1.00 41.71 ? 38  GLU A CD  1 
ATOM   291 O OE1 . GLU A 1 38  ? -11.282 -1.179  -8.364  1.00 40.45 ? 38  GLU A OE1 1 
ATOM   292 O OE2 . GLU A 1 38  ? -11.565 -3.268  -8.975  1.00 50.36 ? 38  GLU A OE2 1 
ATOM   293 N N   . HIS A 1 39  ? -9.602  -4.823  -4.794  1.00 18.86 ? 39  HIS A N   1 
ATOM   294 C CA  . HIS A 1 39  ? -9.673  -6.278  -4.701  1.00 18.85 ? 39  HIS A CA  1 
ATOM   295 C C   . HIS A 1 39  ? -10.983 -6.671  -4.013  1.00 18.22 ? 39  HIS A C   1 
ATOM   296 O O   . HIS A 1 39  ? -11.687 -7.578  -4.466  1.00 18.64 ? 39  HIS A O   1 
ATOM   297 C CB  . HIS A 1 39  ? -8.483  -6.811  -3.893  1.00 20.80 ? 39  HIS A CB  1 
ATOM   298 C CG  . HIS A 1 39  ? -8.607  -8.253  -3.505  1.00 20.83 ? 39  HIS A CG  1 
ATOM   299 N ND1 . HIS A 1 39  ? -8.665  -9.274  -4.429  1.00 26.05 ? 39  HIS A ND1 1 
ATOM   300 C CD2 . HIS A 1 39  ? -8.684  -8.845  -2.287  1.00 24.80 ? 39  HIS A CD2 1 
ATOM   301 C CE1 . HIS A 1 39  ? -8.774  -10.432 -3.800  1.00 22.63 ? 39  HIS A CE1 1 
ATOM   302 N NE2 . HIS A 1 39  ? -8.788  -10.198 -2.500  1.00 20.49 ? 39  HIS A NE2 1 
ATOM   303 N N   . LEU A 1 40  ? -11.310 -5.984  -2.922  1.00 18.07 ? 40  LEU A N   1 
ATOM   304 C CA  . LEU A 1 40  ? -12.542 -6.267  -2.189  1.00 20.17 ? 40  LEU A CA  1 
ATOM   305 C C   . LEU A 1 40  ? -13.780 -6.011  -3.040  1.00 23.77 ? 40  LEU A C   1 
ATOM   306 O O   . LEU A 1 40  ? -14.761 -6.751  -2.951  1.00 24.57 ? 40  LEU A O   1 
ATOM   307 C CB  . LEU A 1 40  ? -12.614 -5.430  -0.909  1.00 20.35 ? 40  LEU A CB  1 
ATOM   308 C CG  . LEU A 1 40  ? -11.651 -5.844  0.207   1.00 23.12 ? 40  LEU A CG  1 
ATOM   309 C CD1 . LEU A 1 40  ? -11.891 -4.979  1.434   1.00 20.98 ? 40  LEU A CD1 1 
ATOM   310 C CD2 . LEU A 1 40  ? -11.864 -7.320  0.546   1.00 28.88 ? 40  LEU A CD2 1 
ATOM   311 N N   . LYS A 1 41  ? -13.738 -4.967  -3.863  1.00 18.08 ? 41  LYS A N   1 
ATOM   312 C CA  . LYS A 1 41  ? -14.873 -4.660  -4.725  1.00 21.48 ? 41  LYS A CA  1 
ATOM   313 C C   . LYS A 1 41  ? -15.099 -5.809  -5.708  1.00 20.39 ? 41  LYS A C   1 
ATOM   314 O O   . LYS A 1 41  ? -16.240 -6.190  -5.980  1.00 23.29 ? 41  LYS A O   1 
ATOM   315 C CB  . LYS A 1 41  ? -14.629 -3.354  -5.494  1.00 27.69 ? 41  LYS A CB  1 
ATOM   316 C CG  . LYS A 1 41  ? -14.516 -2.126  -4.604  1.00 47.91 ? 41  LYS A CG  1 
ATOM   317 C CD  . LYS A 1 41  ? -14.369 -0.853  -5.425  1.00 38.05 ? 41  LYS A CD  1 
ATOM   318 N N   . ARG A 1 42  ? -14.008 -6.365  -6.227  1.00 18.95 ? 42  ARG A N   1 
ATOM   319 C CA  . ARG A 1 42  ? -14.089 -7.471  -7.174  1.00 16.94 ? 42  ARG A CA  1 
ATOM   320 C C   . ARG A 1 42  ? -14.615 -8.744  -6.511  1.00 20.77 ? 42  ARG A C   1 
ATOM   321 O O   . ARG A 1 42  ? -15.346 -9.515  -7.136  1.00 23.84 ? 42  ARG A O   1 
ATOM   322 C CB  . ARG A 1 42  ? -12.714 -7.736  -7.788  1.00 18.80 ? 42  ARG A CB  1 
ATOM   323 C CG  . ARG A 1 42  ? -12.205 -6.576  -8.617  1.00 21.86 ? 42  ARG A CG  1 
ATOM   324 C CD  . ARG A 1 42  ? -10.839 -6.856  -9.195  1.00 25.84 ? 42  ARG A CD  1 
ATOM   325 N NE  . ARG A 1 42  ? -10.333 -5.689  -9.910  1.00 31.23 ? 42  ARG A NE  1 
ATOM   326 C CZ  . ARG A 1 42  ? -9.139  -5.626  -10.488 1.00 34.32 ? 42  ARG A CZ  1 
ATOM   327 N NH1 . ARG A 1 42  ? -8.318  -6.667  -10.437 1.00 35.62 ? 42  ARG A NH1 1 
ATOM   328 N NH2 . ARG A 1 42  ? -8.765  -4.518  -11.112 1.00 29.58 ? 42  ARG A NH2 1 
ATOM   329 N N   . MET A 1 43  ? -14.258 -8.952  -5.246  1.00 17.78 ? 43  MET A N   1 
ATOM   330 C CA  . MET A 1 43  ? -14.698 -10.138 -4.513  1.00 19.73 ? 43  MET A CA  1 
ATOM   331 C C   . MET A 1 43  ? -16.088 -9.981  -3.882  1.00 18.84 ? 43  MET A C   1 
ATOM   332 O O   . MET A 1 43  ? -16.662 -10.949 -3.376  1.00 21.46 ? 43  MET A O   1 
ATOM   333 C CB  . MET A 1 43  ? -13.682 -10.490 -3.423  1.00 16.59 ? 43  MET A CB  1 
ATOM   334 C CG  . MET A 1 43  ? -12.249 -10.698 -3.920  1.00 18.21 ? 43  MET A CG  1 
ATOM   335 S SD  . MET A 1 43  ? -12.056 -12.088 -5.077  1.00 21.24 ? 43  MET A SD  1 
ATOM   336 C CE  . MET A 1 43  ? -12.065 -13.471 -3.935  1.00 21.66 ? 43  MET A CE  1 
ATOM   337 N N   . ASN A 1 44  ? -16.615 -8.758  -3.901  1.00 17.06 ? 44  ASN A N   1 
ATOM   338 C CA  . ASN A 1 44  ? -17.939 -8.449  -3.349  1.00 21.62 ? 44  ASN A CA  1 
ATOM   339 C C   . ASN A 1 44  ? -18.590 -7.486  -4.343  1.00 25.77 ? 44  ASN A C   1 
ATOM   340 O O   . ASN A 1 44  ? -18.937 -6.358  -3.998  1.00 22.59 ? 44  ASN A O   1 
ATOM   341 C CB  . ASN A 1 44  ? -17.799 -7.760  -1.983  1.00 21.55 ? 44  ASN A CB  1 
ATOM   342 C CG  . ASN A 1 44  ? -17.095 -8.625  -0.950  1.00 22.37 ? 44  ASN A CG  1 
ATOM   343 O OD1 . ASN A 1 44  ? -17.722 -9.438  -0.269  1.00 22.69 ? 44  ASN A OD1 1 
ATOM   344 N ND2 . ASN A 1 44  ? -15.782 -8.458  -0.833  1.00 22.04 ? 44  ASN A ND2 1 
ATOM   345 N N   . PRO A 1 45  ? -18.779 -7.936  -5.593  1.00 21.44 ? 45  PRO A N   1 
ATOM   346 C CA  . PRO A 1 45  ? -19.369 -7.154  -6.686  1.00 22.85 ? 45  PRO A CA  1 
ATOM   347 C C   . PRO A 1 45  ? -20.727 -6.474  -6.505  1.00 24.47 ? 45  PRO A C   1 
ATOM   348 O O   . PRO A 1 45  ? -20.998 -5.472  -7.165  1.00 31.78 ? 45  PRO A O   1 
ATOM   349 C CB  . PRO A 1 45  ? -19.368 -8.143  -7.854  1.00 26.48 ? 45  PRO A CB  1 
ATOM   350 C CG  . PRO A 1 45  ? -19.532 -9.461  -7.176  1.00 27.35 ? 45  PRO A CG  1 
ATOM   351 C CD  . PRO A 1 45  ? -18.589 -9.341  -6.007  1.00 23.92 ? 45  PRO A CD  1 
ATOM   352 N N   . ASN A 1 46  ? -21.582 -7.000  -5.638  1.00 23.03 ? 46  ASN A N   1 
ATOM   353 C CA  . ASN A 1 46  ? -22.889 -6.380  -5.444  1.00 31.58 ? 46  ASN A CA  1 
ATOM   354 C C   . ASN A 1 46  ? -22.937 -5.506  -4.194  1.00 33.42 ? 46  ASN A C   1 
ATOM   355 O O   . ASN A 1 46  ? -24.013 -5.141  -3.723  1.00 34.05 ? 46  ASN A O   1 
ATOM   356 C CB  . ASN A 1 46  ? -23.984 -7.453  -5.388  1.00 32.92 ? 46  ASN A CB  1 
ATOM   357 C CG  . ASN A 1 46  ? -23.764 -8.455  -4.279  1.00 37.19 ? 46  ASN A CG  1 
ATOM   358 O OD1 . ASN A 1 46  ? -22.697 -9.057  -4.175  1.00 46.77 ? 46  ASN A OD1 1 
ATOM   359 N ND2 . ASN A 1 46  ? -24.780 -8.650  -3.446  1.00 38.13 ? 46  ASN A ND2 1 
ATOM   360 N N   . SER A 1 47  ? -21.764 -5.163  -3.670  1.00 24.16 ? 47  SER A N   1 
ATOM   361 C CA  . SER A 1 47  ? -21.675 -4.326  -2.477  1.00 27.95 ? 47  SER A CA  1 
ATOM   362 C C   . SER A 1 47  ? -21.050 -2.976  -2.821  1.00 25.02 ? 47  SER A C   1 
ATOM   363 O O   . SER A 1 47  ? -19.863 -2.895  -3.136  1.00 34.95 ? 47  SER A O   1 
ATOM   364 C CB  . SER A 1 47  ? -20.832 -5.025  -1.404  1.00 34.12 ? 47  SER A CB  1 
ATOM   365 O OG  . SER A 1 47  ? -21.403 -6.266  -1.029  1.00 53.61 ? 47  SER A OG  1 
ATOM   366 N N   . PRO A 1 48  ? -21.848 -1.896  -2.777  1.00 27.53 ? 48  PRO A N   1 
ATOM   367 C CA  . PRO A 1 48  ? -21.342 -0.555  -3.089  1.00 28.90 ? 48  PRO A CA  1 
ATOM   368 C C   . PRO A 1 48  ? -20.526 0.046   -1.945  1.00 35.76 ? 48  PRO A C   1 
ATOM   369 O O   . PRO A 1 48  ? -19.829 1.043   -2.124  1.00 52.19 ? 48  PRO A O   1 
ATOM   370 C CB  . PRO A 1 48  ? -22.619 0.231   -3.371  1.00 27.99 ? 48  PRO A CB  1 
ATOM   371 C CG  . PRO A 1 48  ? -23.586 -0.383  -2.410  1.00 30.16 ? 48  PRO A CG  1 
ATOM   372 C CD  . PRO A 1 48  ? -23.309 -1.867  -2.568  1.00 29.08 ? 48  PRO A CD  1 
ATOM   373 N N   . SER A 1 49  ? -20.625 -0.566  -0.769  1.00 35.94 ? 49  SER A N   1 
ATOM   374 C CA  . SER A 1 49  ? -19.897 -0.102  0.406   1.00 46.35 ? 49  SER A CA  1 
ATOM   375 C C   . SER A 1 49  ? -19.061 -1.241  0.978   1.00 45.62 ? 49  SER A C   1 
ATOM   376 O O   . SER A 1 49  ? -19.599 -2.211  1.513   1.00 48.07 ? 49  SER A O   1 
ATOM   377 C CB  . SER A 1 49  ? -20.873 0.410   1.468   1.00 52.06 ? 49  SER A CB  1 
ATOM   378 O OG  . SER A 1 49  ? -21.620 1.515   0.985   1.00 66.50 ? 49  SER A OG  1 
ATOM   379 N N   . ILE A 1 50  ? -17.744 -1.123  0.855   1.00 37.38 ? 50  ILE A N   1 
ATOM   380 C CA  . ILE A 1 50  ? -16.832 -2.145  1.356   1.00 45.19 ? 50  ILE A CA  1 
ATOM   381 C C   . ILE A 1 50  ? -16.218 -1.718  2.681   1.00 37.43 ? 50  ILE A C   1 
ATOM   382 O O   . ILE A 1 50  ? -15.726 -0.594  2.815   1.00 44.07 ? 50  ILE A O   1 
ATOM   383 N N   . THR A 1 51  ? -16.243 -2.621  3.654   1.00 38.34 ? 51  THR A N   1 
ATOM   384 C CA  . THR A 1 51  ? -15.680 -2.336  4.968   1.00 41.71 ? 51  THR A CA  1 
ATOM   385 C C   . THR A 1 51  ? -14.722 -3.452  5.363   1.00 41.88 ? 51  THR A C   1 
ATOM   386 O O   . THR A 1 51  ? -14.942 -4.617  5.028   1.00 36.85 ? 51  THR A O   1 
ATOM   387 C CB  . THR A 1 51  ? -16.786 -2.226  6.031   1.00 49.03 ? 51  THR A CB  1 
ATOM   388 O OG1 . THR A 1 51  ? -16.204 -1.919  7.303   1.00 70.30 ? 51  THR A OG1 1 
ATOM   389 C CG2 . THR A 1 51  ? -17.549 -3.536  6.143   1.00 42.05 ? 51  THR A CG2 1 
ATOM   390 N N   . TYR A 1 52  ? -13.657 -3.096  6.074   1.00 23.48 ? 52  TYR A N   1 
ATOM   391 C CA  . TYR A 1 52  ? -12.679 -4.085  6.503   1.00 20.37 ? 52  TYR A CA  1 
ATOM   392 C C   . TYR A 1 52  ? -11.917 -3.619  7.738   1.00 26.83 ? 52  TYR A C   1 
ATOM   393 O O   . TYR A 1 52  ? -11.894 -2.430  8.047   1.00 31.05 ? 52  TYR A O   1 
ATOM   394 C CB  . TYR A 1 52  ? -11.680 -4.364  5.375   1.00 23.18 ? 52  TYR A CB  1 
ATOM   395 C CG  . TYR A 1 52  ? -10.949 -3.132  4.879   1.00 23.23 ? 52  TYR A CG  1 
ATOM   396 C CD1 . TYR A 1 52  ? -11.509 -2.305  3.903   1.00 23.36 ? 52  TYR A CD1 1 
ATOM   397 C CD2 . TYR A 1 52  ? -9.694  -2.794  5.387   1.00 24.21 ? 52  TYR A CD2 1 
ATOM   398 C CE1 . TYR A 1 52  ? -10.832 -1.174  3.443   1.00 25.53 ? 52  TYR A CE1 1 
ATOM   399 C CE2 . TYR A 1 52  ? -9.009  -1.663  4.937   1.00 25.11 ? 52  TYR A CE2 1 
ATOM   400 C CZ  . TYR A 1 52  ? -9.585  -0.861  3.964   1.00 26.04 ? 52  TYR A CZ  1 
ATOM   401 O OH  . TYR A 1 52  ? -8.912  0.249   3.500   1.00 25.70 ? 52  TYR A OH  1 
ATOM   402 N N   . ASP A 1 53  ? -11.306 -4.559  8.453   1.00 27.50 ? 53  ASP A N   1 
ATOM   403 C CA  . ASP A 1 53  ? -10.525 -4.196  9.624   1.00 35.15 ? 53  ASP A CA  1 
ATOM   404 C C   . ASP A 1 53  ? -9.054  -4.215  9.217   1.00 35.65 ? 53  ASP A C   1 
ATOM   405 O O   . ASP A 1 53  ? -8.700  -4.790  8.183   1.00 28.55 ? 53  ASP A O   1 
ATOM   406 C CB  . ASP A 1 53  ? -10.796 -5.157  10.792  1.00 28.80 ? 53  ASP A CB  1 
ATOM   407 C CG  . ASP A 1 53  ? -10.331 -6.571  10.524  1.00 39.73 ? 53  ASP A CG  1 
ATOM   408 O OD1 . ASP A 1 53  ? -10.770 -7.478  11.262  1.00 65.33 ? 53  ASP A OD1 1 
ATOM   409 O OD2 . ASP A 1 53  ? -9.526  -6.782  9.594   1.00 57.58 ? 53  ASP A OD2 1 
ATOM   410 N N   . ILE A 1 54  ? -8.206  -3.579  10.016  1.00 30.52 ? 54  ILE A N   1 
ATOM   411 C CA  . ILE A 1 54  ? -6.781  -3.505  9.719   1.00 31.22 ? 54  ILE A CA  1 
ATOM   412 C C   . ILE A 1 54  ? -6.109  -4.861  9.518   1.00 29.48 ? 54  ILE A C   1 
ATOM   413 O O   . ILE A 1 54  ? -5.233  -5.002  8.665   1.00 28.15 ? 54  ILE A O   1 
ATOM   414 C CB  . ILE A 1 54  ? -6.023  -2.740  10.830  1.00 35.48 ? 54  ILE A CB  1 
ATOM   415 C CG1 . ILE A 1 54  ? -4.567  -2.528  10.414  1.00 38.40 ? 54  ILE A CG1 1 
ATOM   416 C CG2 . ILE A 1 54  ? -6.081  -3.524  12.135  1.00 31.01 ? 54  ILE A CG2 1 
ATOM   417 C CD1 . ILE A 1 54  ? -4.407  -1.696  9.166   1.00 34.12 ? 54  ILE A CD1 1 
ATOM   418 N N   . SER A 1 55  ? -6.517  -5.861  10.292  1.00 25.05 ? 55  SER A N   1 
ATOM   419 C CA  . SER A 1 55  ? -5.903  -7.180  10.176  1.00 23.02 ? 55  SER A CA  1 
ATOM   420 C C   . SER A 1 55  ? -6.131  -7.816  8.811   1.00 20.91 ? 55  SER A C   1 
ATOM   421 O O   . SER A 1 55  ? -5.286  -8.559  8.320   1.00 25.05 ? 55  SER A O   1 
ATOM   422 C CB  . SER A 1 55  ? -6.423  -8.118  11.270  1.00 29.65 ? 55  SER A CB  1 
ATOM   423 O OG  . SER A 1 55  ? -7.784  -8.445  11.061  1.00 30.73 ? 55  SER A OG  1 
ATOM   424 N N   . GLN A 1 56  ? -7.277  -7.526  8.203   1.00 22.76 ? 56  GLN A N   1 
ATOM   425 C CA  . GLN A 1 56  ? -7.595  -8.084  6.894   1.00 21.67 ? 56  GLN A CA  1 
ATOM   426 C C   . GLN A 1 56  ? -6.720  -7.457  5.813   1.00 20.82 ? 56  GLN A C   1 
ATOM   427 O O   . GLN A 1 56  ? -6.303  -8.136  4.873   1.00 22.38 ? 56  GLN A O   1 
ATOM   428 C CB  . GLN A 1 56  ? -9.080  -7.874  6.588   1.00 21.93 ? 56  GLN A CB  1 
ATOM   429 C CG  . GLN A 1 56  ? -9.978  -8.668  7.531   1.00 26.30 ? 56  GLN A CG  1 
ATOM   430 C CD  . GLN A 1 56  ? -11.449 -8.376  7.334   1.00 31.87 ? 56  GLN A CD  1 
ATOM   431 O OE1 . GLN A 1 56  ? -11.882 -7.226  7.406   1.00 28.86 ? 56  GLN A OE1 1 
ATOM   432 N NE2 . GLN A 1 56  ? -12.230 -9.422  7.091   1.00 35.39 ? 56  GLN A NE2 1 
ATOM   433 N N   . LEU A 1 57  ? -6.446  -6.164  5.950   1.00 27.05 ? 57  LEU A N   1 
ATOM   434 C CA  . LEU A 1 57  ? -5.589  -5.464  5.000   1.00 24.02 ? 57  LEU A CA  1 
ATOM   435 C C   . LEU A 1 57  ? -4.174  -6.009  5.165   1.00 21.13 ? 57  LEU A C   1 
ATOM   436 O O   . LEU A 1 57  ? -3.449  -6.197  4.186   1.00 21.87 ? 57  LEU A O   1 
ATOM   437 C CB  . LEU A 1 57  ? -5.608  -3.958  5.272   1.00 23.02 ? 57  LEU A CB  1 
ATOM   438 C CG  . LEU A 1 57  ? -4.566  -3.091  4.554   1.00 22.15 ? 57  LEU A CG  1 
ATOM   439 C CD1 . LEU A 1 57  ? -4.639  -3.291  3.048   1.00 25.59 ? 57  LEU A CD1 1 
ATOM   440 C CD2 . LEU A 1 57  ? -4.809  -1.634  4.912   1.00 26.39 ? 57  LEU A CD2 1 
ATOM   441 N N   . PHE A 1 58  ? -3.780  -6.264  6.411   1.00 22.26 ? 58  PHE A N   1 
ATOM   442 C CA  . PHE A 1 58  ? -2.454  -6.810  6.676   1.00 24.46 ? 58  PHE A CA  1 
ATOM   443 C C   . PHE A 1 58  ? -2.325  -8.197  6.056   1.00 26.84 ? 58  PHE A C   1 
ATOM   444 O O   . PHE A 1 58  ? -1.283  -8.537  5.497   1.00 22.38 ? 58  PHE A O   1 
ATOM   445 C CB  . PHE A 1 58  ? -2.191  -6.887  8.184   1.00 24.29 ? 58  PHE A CB  1 
ATOM   446 C CG  . PHE A 1 58  ? -1.713  -5.592  8.793   1.00 33.77 ? 58  PHE A CG  1 
ATOM   447 C CD1 . PHE A 1 58  ? -1.831  -4.390  8.103   1.00 24.65 ? 58  PHE A CD1 1 
ATOM   448 C CD2 . PHE A 1 58  ? -1.157  -5.577  10.069  1.00 39.46 ? 58  PHE A CD2 1 
ATOM   449 C CE1 . PHE A 1 58  ? -1.404  -3.190  8.674   1.00 29.92 ? 58  PHE A CE1 1 
ATOM   450 C CE2 . PHE A 1 58  ? -0.727  -4.382  10.651  1.00 29.72 ? 58  PHE A CE2 1 
ATOM   451 C CZ  . PHE A 1 58  ? -0.852  -3.188  9.950   1.00 32.47 ? 58  PHE A CZ  1 
ATOM   452 N N   . ASP A 1 59  ? -3.381  -9.000  6.155   1.00 22.90 ? 59  ASP A N   1 
ATOM   453 C CA  . ASP A 1 59  ? -3.355  -10.343 5.581   1.00 23.72 ? 59  ASP A CA  1 
ATOM   454 C C   . ASP A 1 59  ? -3.184  -10.256 4.068   1.00 24.44 ? 59  ASP A C   1 
ATOM   455 O O   . ASP A 1 59  ? -2.448  -11.039 3.470   1.00 22.85 ? 59  ASP A O   1 
ATOM   456 C CB  . ASP A 1 59  ? -4.645  -11.108 5.904   1.00 22.50 ? 59  ASP A CB  1 
ATOM   457 C CG  . ASP A 1 59  ? -4.757  -11.475 7.372   1.00 33.55 ? 59  ASP A CG  1 
ATOM   458 O OD1 . ASP A 1 59  ? -3.729  -11.851 7.974   1.00 34.59 ? 59  ASP A OD1 1 
ATOM   459 O OD2 . ASP A 1 59  ? -5.877  -11.402 7.921   1.00 38.79 ? 59  ASP A OD2 1 
ATOM   460 N N   . PHE A 1 60  ? -3.875  -9.298  3.459   1.00 22.62 ? 60  PHE A N   1 
ATOM   461 C CA  . PHE A 1 60  ? -3.807  -9.077  2.015   1.00 25.02 ? 60  PHE A CA  1 
ATOM   462 C C   . PHE A 1 60  ? -2.372  -8.760  1.607   1.00 21.68 ? 60  PHE A C   1 
ATOM   463 O O   . PHE A 1 60  ? -1.849  -9.307  0.635   1.00 20.67 ? 60  PHE A O   1 
ATOM   464 C CB  . PHE A 1 60  ? -4.717  -7.908  1.631   1.00 19.05 ? 60  PHE A CB  1 
ATOM   465 C CG  . PHE A 1 60  ? -4.579  -7.466  0.199   1.00 18.90 ? 60  PHE A CG  1 
ATOM   466 C CD1 . PHE A 1 60  ? -5.101  -8.229  -0.838  1.00 23.25 ? 60  PHE A CD1 1 
ATOM   467 C CD2 . PHE A 1 60  ? -3.927  -6.275  -0.108  1.00 21.55 ? 60  PHE A CD2 1 
ATOM   468 C CE1 . PHE A 1 60  ? -4.977  -7.811  -2.165  1.00 29.81 ? 60  PHE A CE1 1 
ATOM   469 C CE2 . PHE A 1 60  ? -3.798  -5.847  -1.431  1.00 21.06 ? 60  PHE A CE2 1 
ATOM   470 C CZ  . PHE A 1 60  ? -4.323  -6.619  -2.460  1.00 22.60 ? 60  PHE A CZ  1 
ATOM   471 N N   . ILE A 1 61  ? -1.746  -7.861  2.356   1.00 20.80 ? 61  ILE A N   1 
ATOM   472 C CA  . ILE A 1 61  ? -0.375  -7.470  2.082   1.00 21.63 ? 61  ILE A CA  1 
ATOM   473 C C   . ILE A 1 61  ? 0.555   -8.671  2.213   1.00 21.76 ? 61  ILE A C   1 
ATOM   474 O O   . ILE A 1 61  ? 1.454   -8.850  1.394   1.00 22.23 ? 61  ILE A O   1 
ATOM   475 C CB  . ILE A 1 61  ? 0.069   -6.334  3.033   1.00 18.60 ? 61  ILE A CB  1 
ATOM   476 C CG1 . ILE A 1 61  ? -0.643  -5.038  2.628   1.00 21.32 ? 61  ILE A CG1 1 
ATOM   477 C CG2 . ILE A 1 61  ? 1.587   -6.173  3.005   1.00 18.39 ? 61  ILE A CG2 1 
ATOM   478 C CD1 . ILE A 1 61  ? -0.483  -3.903  3.611   1.00 21.50 ? 61  ILE A CD1 1 
ATOM   479 N N   . ASP A 1 62  ? 0.330   -9.506  3.227   1.00 20.86 ? 62  ASP A N   1 
ATOM   480 C CA  . ASP A 1 62  ? 1.171   -10.684 3.414   1.00 23.29 ? 62  ASP A CA  1 
ATOM   481 C C   . ASP A 1 62  ? 1.075   -11.637 2.231   1.00 22.44 ? 62  ASP A C   1 
ATOM   482 O O   . ASP A 1 62  ? 2.054   -12.288 1.873   1.00 24.60 ? 62  ASP A O   1 
ATOM   483 C CB  . ASP A 1 62  ? 0.784   -11.447 4.686   1.00 24.07 ? 62  ASP A CB  1 
ATOM   484 C CG  . ASP A 1 62  ? 1.218   -10.739 5.946   1.00 35.58 ? 62  ASP A CG  1 
ATOM   485 O OD1 . ASP A 1 62  ? 2.275   -10.078 5.913   1.00 40.14 ? 62  ASP A OD1 1 
ATOM   486 O OD2 . ASP A 1 62  ? 0.515   -10.858 6.972   1.00 32.50 ? 62  ASP A OD2 1 
ATOM   487 N N   . ASP A 1 63  ? -0.107  -11.719 1.629   1.00 21.00 ? 63  ASP A N   1 
ATOM   488 C CA  . ASP A 1 63  ? -0.323  -12.620 0.501   1.00 23.45 ? 63  ASP A CA  1 
ATOM   489 C C   . ASP A 1 63  ? 0.314   -12.167 -0.808  1.00 22.55 ? 63  ASP A C   1 
ATOM   490 O O   . ASP A 1 63  ? 0.520   -12.975 -1.713  1.00 23.06 ? 63  ASP A O   1 
ATOM   491 C CB  . ASP A 1 63  ? -1.820  -12.849 0.288   1.00 24.81 ? 63  ASP A CB  1 
ATOM   492 C CG  . ASP A 1 63  ? -2.459  -13.604 1.434   1.00 35.31 ? 63  ASP A CG  1 
ATOM   493 O OD1 . ASP A 1 63  ? -1.900  -14.644 1.844   1.00 34.74 ? 63  ASP A OD1 1 
ATOM   494 O OD2 . ASP A 1 63  ? -3.521  -13.161 1.920   1.00 43.92 ? 63  ASP A OD2 1 
ATOM   495 N N   . LEU A 1 64  ? 0.608   -10.877 -0.923  1.00 18.88 ? 64  LEU A N   1 
ATOM   496 C CA  . LEU A 1 64  ? 1.242   -10.372 -2.134  1.00 18.85 ? 64  LEU A CA  1 
ATOM   497 C C   . LEU A 1 64  ? 2.626   -10.998 -2.241  1.00 20.58 ? 64  LEU A C   1 
ATOM   498 O O   . LEU A 1 64  ? 3.310   -11.167 -1.238  1.00 20.53 ? 64  LEU A O   1 
ATOM   499 C CB  . LEU A 1 64  ? 1.369   -8.847  -2.067  1.00 17.48 ? 64  LEU A CB  1 
ATOM   500 C CG  . LEU A 1 64  ? 0.057   -8.062  -2.059  1.00 16.44 ? 64  LEU A CG  1 
ATOM   501 C CD1 . LEU A 1 64  ? 0.352   -6.592  -1.778  1.00 21.31 ? 64  LEU A CD1 1 
ATOM   502 C CD2 . LEU A 1 64  ? -0.643  -8.212  -3.400  1.00 19.45 ? 64  LEU A CD2 1 
ATOM   503 N N   . ALA A 1 65  ? 3.038   -11.346 -3.456  1.00 19.33 ? 65  ALA A N   1 
ATOM   504 C CA  . ALA A 1 65  ? 4.350   -11.950 -3.650  1.00 18.97 ? 65  ALA A CA  1 
ATOM   505 C C   . ALA A 1 65  ? 5.455   -10.977 -3.240  1.00 19.64 ? 65  ALA A C   1 
ATOM   506 O O   . ALA A 1 65  ? 6.474   -11.378 -2.678  1.00 19.54 ? 65  ALA A O   1 
ATOM   507 C CB  . ALA A 1 65  ? 4.525   -12.366 -5.108  1.00 22.42 ? 65  ALA A CB  1 
ATOM   508 N N   . ASP A 1 66  ? 5.252   -9.692  -3.510  1.00 20.25 ? 66  ASP A N   1 
ATOM   509 C CA  . ASP A 1 66  ? 6.254   -8.691  -3.164  1.00 14.37 ? 66  ASP A CA  1 
ATOM   510 C C   . ASP A 1 66  ? 5.601   -7.319  -3.074  1.00 17.74 ? 66  ASP A C   1 
ATOM   511 O O   . ASP A 1 66  ? 4.766   -6.961  -3.905  1.00 20.21 ? 66  ASP A O   1 
ATOM   512 C CB  . ASP A 1 66  ? 7.349   -8.675  -4.238  1.00 16.32 ? 66  ASP A CB  1 
ATOM   513 C CG  . ASP A 1 66  ? 8.677   -8.116  -3.737  1.00 21.48 ? 66  ASP A CG  1 
ATOM   514 O OD1 . ASP A 1 66  ? 8.854   -7.963  -2.510  1.00 24.32 ? 66  ASP A OD1 1 
ATOM   515 O OD2 . ASP A 1 66  ? 9.557   -7.848  -4.581  1.00 23.06 ? 66  ASP A OD2 1 
ATOM   516 N N   . LEU A 1 67  ? 5.962   -6.565  -2.045  1.00 16.89 ? 67  LEU A N   1 
ATOM   517 C CA  . LEU A 1 67  ? 5.450   -5.210  -1.884  1.00 14.22 ? 67  LEU A CA  1 
ATOM   518 C C   . LEU A 1 67  ? 6.523   -4.422  -1.159  1.00 17.72 ? 67  LEU A C   1 
ATOM   519 O O   . LEU A 1 67  ? 6.967   -4.817  -0.085  1.00 17.95 ? 67  LEU A O   1 
ATOM   520 C CB  . LEU A 1 67  ? 4.157   -5.170  -1.066  1.00 14.72 ? 67  LEU A CB  1 
ATOM   521 C CG  . LEU A 1 67  ? 3.559   -3.753  -0.993  1.00 15.45 ? 67  LEU A CG  1 
ATOM   522 C CD1 . LEU A 1 67  ? 2.981   -3.387  -2.360  1.00 17.94 ? 67  LEU A CD1 1 
ATOM   523 C CD2 . LEU A 1 67  ? 2.480   -3.671  0.078   1.00 16.15 ? 67  LEU A CD2 1 
ATOM   524 N N   . SER A 1 68  ? 6.948   -3.316  -1.752  1.00 14.82 ? 68  SER A N   1 
ATOM   525 C CA  . SER A 1 68  ? 7.969   -2.485  -1.133  1.00 15.50 ? 68  SER A CA  1 
ATOM   526 C C   . SER A 1 68  ? 7.848   -1.076  -1.681  1.00 16.78 ? 68  SER A C   1 
ATOM   527 O O   . SER A 1 68  ? 7.090   -0.831  -2.623  1.00 15.67 ? 68  SER A O   1 
ATOM   528 C CB  . SER A 1 68  ? 9.366   -3.041  -1.433  1.00 18.12 ? 68  SER A CB  1 
ATOM   529 O OG  . SER A 1 68  ? 9.629   -3.059  -2.827  1.00 21.54 ? 68  SER A OG  1 
ATOM   530 N N   . CYS A 1 69  ? 8.575   -0.138  -1.087  1.00 15.22 ? 69  CYS A N   1 
ATOM   531 C CA  . CYS A 1 69  ? 8.533   1.225   -1.596  1.00 15.74 ? 69  CYS A CA  1 
ATOM   532 C C   . CYS A 1 69  ? 9.866   1.925   -1.415  1.00 15.81 ? 69  CYS A C   1 
ATOM   533 O O   . CYS A 1 69  ? 10.748  1.447   -0.693  1.00 16.76 ? 69  CYS A O   1 
ATOM   534 C CB  . CYS A 1 69  ? 7.411   2.032   -0.936  1.00 15.13 ? 69  CYS A CB  1 
ATOM   535 S SG  . CYS A 1 69  ? 7.613   2.374   0.816   1.00 21.17 ? 69  CYS A SG  1 
ATOM   536 N N   . LEU A 1 70  ? 10.003  3.052   -2.099  1.00 13.61 ? 70  LEU A N   1 
ATOM   537 C CA  . LEU A 1 70  ? 11.211  3.861   -2.072  1.00 14.22 ? 70  LEU A CA  1 
ATOM   538 C C   . LEU A 1 70  ? 10.791  5.304   -1.806  1.00 16.78 ? 70  LEU A C   1 
ATOM   539 O O   . LEU A 1 70  ? 9.945   5.851   -2.512  1.00 16.17 ? 70  LEU A O   1 
ATOM   540 C CB  . LEU A 1 70  ? 11.921  3.755   -3.422  1.00 15.14 ? 70  LEU A CB  1 
ATOM   541 C CG  . LEU A 1 70  ? 12.429  2.366   -3.829  1.00 17.92 ? 70  LEU A CG  1 
ATOM   542 C CD1 . LEU A 1 70  ? 12.297  2.191   -5.335  1.00 32.76 ? 70  LEU A CD1 1 
ATOM   543 C CD2 . LEU A 1 70  ? 13.878  2.192   -3.394  1.00 19.70 ? 70  LEU A CD2 1 
ATOM   544 N N   . VAL A 1 71  ? 11.387  5.916   -0.788  1.00 15.72 ? 71  VAL A N   1 
ATOM   545 C CA  . VAL A 1 71  ? 11.049  7.285   -0.413  1.00 15.95 ? 71  VAL A CA  1 
ATOM   546 C C   . VAL A 1 71  ? 12.241  8.210   -0.608  1.00 14.14 ? 71  VAL A C   1 
ATOM   547 O O   . VAL A 1 71  ? 13.333  7.955   -0.096  1.00 17.08 ? 71  VAL A O   1 
ATOM   548 C CB  . VAL A 1 71  ? 10.591  7.340   1.065   1.00 19.54 ? 71  VAL A CB  1 
ATOM   549 C CG1 . VAL A 1 71  ? 10.205  8.762   1.447   1.00 16.84 ? 71  VAL A CG1 1 
ATOM   550 C CG2 . VAL A 1 71  ? 9.415   6.388   1.272   1.00 18.16 ? 71  VAL A CG2 1 
ATOM   551 N N   . TYR A 1 72  ? 12.027  9.289   -1.348  1.00 15.10 ? 72  TYR A N   1 
ATOM   552 C CA  . TYR A 1 72  ? 13.104  10.230  -1.612  1.00 16.43 ? 72  TYR A CA  1 
ATOM   553 C C   . TYR A 1 72  ? 13.586  10.940  -0.356  1.00 16.68 ? 72  TYR A C   1 
ATOM   554 O O   . TYR A 1 72  ? 12.791  11.389  0.470   1.00 20.23 ? 72  TYR A O   1 
ATOM   555 C CB  . TYR A 1 72  ? 12.669  11.265  -2.651  1.00 14.54 ? 72  TYR A CB  1 
ATOM   556 C CG  . TYR A 1 72  ? 13.768  12.233  -3.032  1.00 18.12 ? 72  TYR A CG  1 
ATOM   557 C CD1 . TYR A 1 72  ? 13.833  13.503  -2.463  1.00 24.83 ? 72  TYR A CD1 1 
ATOM   558 C CD2 . TYR A 1 72  ? 14.745  11.872  -3.957  1.00 19.75 ? 72  TYR A CD2 1 
ATOM   559 C CE1 . TYR A 1 72  ? 14.845  14.394  -2.810  1.00 25.67 ? 72  TYR A CE1 1 
ATOM   560 C CE2 . TYR A 1 72  ? 15.764  12.755  -4.310  1.00 23.80 ? 72  TYR A CE2 1 
ATOM   561 C CZ  . TYR A 1 72  ? 15.805  14.014  -3.733  1.00 26.81 ? 72  TYR A CZ  1 
ATOM   562 O OH  . TYR A 1 72  ? 16.804  14.895  -4.083  1.00 29.26 ? 72  TYR A OH  1 
ATOM   563 N N   . ARG A 1 73  ? 14.906  11.027  -0.232  1.00 16.75 ? 73  ARG A N   1 
ATOM   564 C CA  . ARG A 1 73  ? 15.543  11.689  0.900   1.00 22.35 ? 73  ARG A CA  1 
ATOM   565 C C   . ARG A 1 73  ? 16.359  12.855  0.359   1.00 20.63 ? 73  ARG A C   1 
ATOM   566 O O   . ARG A 1 73  ? 17.326  12.658  -0.369  1.00 20.60 ? 73  ARG A O   1 
ATOM   567 C CB  . ARG A 1 73  ? 16.445  10.708  1.648   1.00 23.20 ? 73  ARG A CB  1 
ATOM   568 C CG  . ARG A 1 73  ? 15.686  9.546   2.279   1.00 29.00 ? 73  ARG A CG  1 
ATOM   569 C CD  . ARG A 1 73  ? 14.507  10.060  3.096   1.00 33.44 ? 73  ARG A CD  1 
ATOM   570 N NE  . ARG A 1 73  ? 13.740  8.988   3.726   1.00 39.74 ? 73  ARG A NE  1 
ATOM   571 C CZ  . ARG A 1 73  ? 12.597  9.177   4.375   1.00 41.81 ? 73  ARG A CZ  1 
ATOM   572 N NH1 . ARG A 1 73  ? 12.083  10.396  4.476   1.00 50.84 ? 73  ARG A NH1 1 
ATOM   573 N NH2 . ARG A 1 73  ? 11.964  8.150   4.924   1.00 33.41 ? 73  ARG A NH2 1 
ATOM   574 N N   . ALA A 1 74  ? 15.955  14.067  0.720   1.00 28.57 ? 74  ALA A N   1 
ATOM   575 C CA  . ALA A 1 74  ? 16.621  15.277  0.252   1.00 27.02 ? 74  ALA A CA  1 
ATOM   576 C C   . ALA A 1 74  ? 18.070  15.412  0.705   1.00 28.40 ? 74  ALA A C   1 
ATOM   577 O O   . ALA A 1 74  ? 18.890  15.988  -0.008  1.00 28.84 ? 74  ALA A O   1 
ATOM   578 C CB  . ALA A 1 74  ? 15.824  16.503  0.688   1.00 26.98 ? 74  ALA A CB  1 
ATOM   579 N N   . ASP A 1 75  ? 18.387  14.891  1.885   1.00 31.76 ? 75  ASP A N   1 
ATOM   580 C CA  . ASP A 1 75  ? 19.748  14.983  2.408   1.00 35.28 ? 75  ASP A CA  1 
ATOM   581 C C   . ASP A 1 75  ? 20.782  14.332  1.497   1.00 36.48 ? 75  ASP A C   1 
ATOM   582 O O   . ASP A 1 75  ? 21.889  14.844  1.336   1.00 33.88 ? 75  ASP A O   1 
ATOM   583 C CB  . ASP A 1 75  ? 19.827  14.344  3.798   1.00 33.63 ? 75  ASP A CB  1 
ATOM   584 C CG  . ASP A 1 75  ? 19.189  15.202  4.875   1.00 53.82 ? 75  ASP A CG  1 
ATOM   585 O OD1 . ASP A 1 75  ? 18.018  15.601  4.708   1.00 51.91 ? 75  ASP A OD1 1 
ATOM   586 O OD2 . ASP A 1 75  ? 19.860  15.475  5.892   1.00 84.37 ? 75  ASP A OD2 1 
ATOM   587 N N   . THR A 1 76  ? 20.417  13.205  0.895   1.00 29.69 ? 76  THR A N   1 
ATOM   588 C CA  . THR A 1 76  ? 21.333  12.484  0.021   1.00 26.45 ? 76  THR A CA  1 
ATOM   589 C C   . THR A 1 76  ? 20.893  12.477  -1.441  1.00 19.86 ? 76  THR A C   1 
ATOM   590 O O   . THR A 1 76  ? 21.652  12.076  -2.320  1.00 25.30 ? 76  THR A O   1 
ATOM   591 C CB  . THR A 1 76  ? 21.477  11.023  0.481   1.00 32.88 ? 76  THR A CB  1 
ATOM   592 O OG1 . THR A 1 76  ? 20.180  10.420  0.558   1.00 24.24 ? 76  THR A OG1 1 
ATOM   593 C CG2 . THR A 1 76  ? 22.141  10.959  1.849   1.00 37.17 ? 76  THR A CG2 1 
ATOM   594 N N   . GLN A 1 77  ? 19.670  12.934  -1.686  1.00 19.12 ? 77  GLN A N   1 
ATOM   595 C CA  . GLN A 1 77  ? 19.100  12.959  -3.028  1.00 24.57 ? 77  GLN A CA  1 
ATOM   596 C C   . GLN A 1 77  ? 19.058  11.552  -3.612  1.00 26.72 ? 77  GLN A C   1 
ATOM   597 O O   . GLN A 1 77  ? 19.384  11.330  -4.781  1.00 22.44 ? 77  GLN A O   1 
ATOM   598 C CB  . GLN A 1 77  ? 19.895  13.894  -3.942  1.00 29.16 ? 77  GLN A CB  1 
ATOM   599 C CG  . GLN A 1 77  ? 19.864  15.340  -3.484  1.00 37.66 ? 77  GLN A CG  1 
ATOM   600 C CD  . GLN A 1 77  ? 20.269  16.307  -4.576  1.00 51.41 ? 77  GLN A CD  1 
ATOM   601 O OE1 . GLN A 1 77  ? 21.362  16.211  -5.136  1.00 82.51 ? 77  GLN A OE1 1 
ATOM   602 N NE2 . GLN A 1 77  ? 19.387  17.250  -4.883  1.00 57.03 ? 77  GLN A NE2 1 
ATOM   603 N N   . THR A 1 78  ? 18.659  10.604  -2.770  1.00 20.16 ? 78  THR A N   1 
ATOM   604 C CA  . THR A 1 78  ? 18.536  9.202   -3.158  1.00 16.99 ? 78  THR A CA  1 
ATOM   605 C C   . THR A 1 78  ? 17.239  8.679   -2.552  1.00 14.93 ? 78  THR A C   1 
ATOM   606 O O   . THR A 1 78  ? 16.572  9.392   -1.809  1.00 17.11 ? 78  THR A O   1 
ATOM   607 C CB  . THR A 1 78  ? 19.708  8.355   -2.628  1.00 21.87 ? 78  THR A CB  1 
ATOM   608 O OG1 . THR A 1 78  ? 19.753  8.441   -1.200  1.00 20.96 ? 78  THR A OG1 1 
ATOM   609 C CG2 . THR A 1 78  ? 21.030  8.842   -3.217  1.00 21.98 ? 78  THR A CG2 1 
ATOM   610 N N   . TYR A 1 79  ? 16.887  7.437   -2.875  1.00 16.35 ? 79  TYR A N   1 
ATOM   611 C CA  . TYR A 1 79  ? 15.660  6.828   -2.379  1.00 16.18 ? 79  TYR A CA  1 
ATOM   612 C C   . TYR A 1 79  ? 15.896  5.776   -1.311  1.00 15.67 ? 79  TYR A C   1 
ATOM   613 O O   . TYR A 1 79  ? 16.643  4.821   -1.515  1.00 17.84 ? 79  TYR A O   1 
ATOM   614 C CB  . TYR A 1 79  ? 14.887  6.200   -3.542  1.00 14.17 ? 79  TYR A CB  1 
ATOM   615 C CG  . TYR A 1 79  ? 14.248  7.227   -4.441  1.00 15.67 ? 79  TYR A CG  1 
ATOM   616 C CD1 . TYR A 1 79  ? 12.926  7.630   -4.241  1.00 17.50 ? 79  TYR A CD1 1 
ATOM   617 C CD2 . TYR A 1 79  ? 14.981  7.839   -5.456  1.00 14.18 ? 79  TYR A CD2 1 
ATOM   618 C CE1 . TYR A 1 79  ? 12.351  8.621   -5.030  1.00 18.06 ? 79  TYR A CE1 1 
ATOM   619 C CE2 . TYR A 1 79  ? 14.416  8.831   -6.249  1.00 14.20 ? 79  TYR A CE2 1 
ATOM   620 C CZ  . TYR A 1 79  ? 13.102  9.216   -6.029  1.00 15.58 ? 79  TYR A CZ  1 
ATOM   621 O OH  . TYR A 1 79  ? 12.556  10.209  -6.807  1.00 20.85 ? 79  TYR A OH  1 
ATOM   622 N N   . GLN A 1 80  ? 15.240  5.962   -0.172  1.00 15.37 ? 80  GLN A N   1 
ATOM   623 C CA  . GLN A 1 80  ? 15.352  5.029   0.943   1.00 18.48 ? 80  GLN A CA  1 
ATOM   624 C C   . GLN A 1 80  ? 14.364  3.876   0.763   1.00 17.15 ? 80  GLN A C   1 
ATOM   625 O O   . GLN A 1 80  ? 13.169  4.095   0.588   1.00 18.39 ? 80  GLN A O   1 
ATOM   626 C CB  . GLN A 1 80  ? 15.057  5.760   2.257   1.00 19.34 ? 80  GLN A CB  1 
ATOM   627 C CG  . GLN A 1 80  ? 14.966  4.863   3.484   1.00 19.28 ? 80  GLN A CG  1 
ATOM   628 C CD  . GLN A 1 80  ? 16.268  4.156   3.796   1.00 28.46 ? 80  GLN A CD  1 
ATOM   629 O OE1 . GLN A 1 80  ? 17.320  4.788   3.895   1.00 29.23 ? 80  GLN A OE1 1 
ATOM   630 N NE2 . GLN A 1 80  ? 16.202  2.840   3.965   1.00 29.91 ? 80  GLN A NE2 1 
ATOM   631 N N   . PRO A 1 81  ? 14.860  2.632   0.791   1.00 16.11 ? 81  PRO A N   1 
ATOM   632 C CA  . PRO A 1 81  ? 13.970  1.479   0.630   1.00 15.92 ? 81  PRO A CA  1 
ATOM   633 C C   . PRO A 1 81  ? 13.299  1.049   1.932   1.00 17.46 ? 81  PRO A C   1 
ATOM   634 O O   . PRO A 1 81  ? 13.910  1.093   3.004   1.00 18.06 ? 81  PRO A O   1 
ATOM   635 C CB  . PRO A 1 81  ? 14.904  0.404   0.089   1.00 18.50 ? 81  PRO A CB  1 
ATOM   636 C CG  . PRO A 1 81  ? 16.185  0.705   0.823   1.00 17.90 ? 81  PRO A CG  1 
ATOM   637 C CD  . PRO A 1 81  ? 16.275  2.221   0.712   1.00 15.96 ? 81  PRO A CD  1 
ATOM   638 N N   . TYR A 1 82  ? 12.038  0.639   1.825   1.00 17.80 ? 82  TYR A N   1 
ATOM   639 C CA  . TYR A 1 82  ? 11.258  0.172   2.968   1.00 14.93 ? 82  TYR A CA  1 
ATOM   640 C C   . TYR A 1 82  ? 10.511  -1.096  2.559   1.00 19.78 ? 82  TYR A C   1 
ATOM   641 O O   . TYR A 1 82  ? 10.053  -1.212  1.421   1.00 18.07 ? 82  TYR A O   1 
ATOM   642 C CB  . TYR A 1 82  ? 10.263  1.247   3.413   1.00 16.32 ? 82  TYR A CB  1 
ATOM   643 C CG  . TYR A 1 82  ? 10.913  2.451   4.053   1.00 17.27 ? 82  TYR A CG  1 
ATOM   644 C CD1 . TYR A 1 82  ? 11.546  2.351   5.294   1.00 18.61 ? 82  TYR A CD1 1 
ATOM   645 C CD2 . TYR A 1 82  ? 10.888  3.694   3.424   1.00 20.67 ? 82  TYR A CD2 1 
ATOM   646 C CE1 . TYR A 1 82  ? 12.134  3.461   5.894   1.00 21.98 ? 82  TYR A CE1 1 
ATOM   647 C CE2 . TYR A 1 82  ? 11.473  4.813   4.017   1.00 18.57 ? 82  TYR A CE2 1 
ATOM   648 C CZ  . TYR A 1 82  ? 12.092  4.686   5.251   1.00 23.68 ? 82  TYR A CZ  1 
ATOM   649 O OH  . TYR A 1 82  ? 12.665  5.789   5.842   1.00 29.25 ? 82  TYR A OH  1 
ATOM   650 N N   . ASN A 1 83  ? 10.388  -2.041  3.487   1.00 18.76 ? 83  ASN A N   1 
ATOM   651 C CA  . ASN A 1 83  ? 9.724   -3.310  3.205   1.00 16.70 ? 83  ASN A CA  1 
ATOM   652 C C   . ASN A 1 83  ? 8.246   -3.373  3.591   1.00 16.68 ? 83  ASN A C   1 
ATOM   653 O O   . ASN A 1 83  ? 7.662   -2.383  4.037   1.00 19.22 ? 83  ASN A O   1 
ATOM   654 C CB  . ASN A 1 83  ? 10.503  -4.465  3.868   1.00 17.68 ? 83  ASN A CB  1 
ATOM   655 C CG  . ASN A 1 83  ? 10.555  -4.366  5.395   1.00 22.87 ? 83  ASN A CG  1 
ATOM   656 O OD1 . ASN A 1 83  ? 11.428  -4.969  6.032   1.00 27.73 ? 83  ASN A OD1 1 
ATOM   657 N ND2 . ASN A 1 83  ? 9.624   -3.632  5.985   1.00 17.50 ? 83  ASN A ND2 1 
ATOM   658 N N   . LYS A 1 84  ? 7.649   -4.549  3.403   1.00 18.75 ? 84  LYS A N   1 
ATOM   659 C CA  . LYS A 1 84  ? 6.241   -4.772  3.721   1.00 22.58 ? 84  LYS A CA  1 
ATOM   660 C C   . LYS A 1 84  ? 5.856   -4.364  5.133   1.00 20.15 ? 84  LYS A C   1 
ATOM   661 O O   . LYS A 1 84  ? 4.806   -3.760  5.343   1.00 22.66 ? 84  LYS A O   1 
ATOM   662 C CB  . LYS A 1 84  ? 5.866   -6.244  3.554   1.00 25.97 ? 84  LYS A CB  1 
ATOM   663 C CG  . LYS A 1 84  ? 5.542   -6.697  2.156   1.00 38.51 ? 84  LYS A CG  1 
ATOM   664 C CD  . LYS A 1 84  ? 5.049   -8.132  2.225   1.00 37.69 ? 84  LYS A CD  1 
ATOM   665 C CE  . LYS A 1 84  ? 4.574   -8.647  0.889   1.00 36.56 ? 84  LYS A CE  1 
ATOM   666 N NZ  . LYS A 1 84  ? 4.066   -10.032 1.055   1.00 25.02 ? 84  LYS A NZ  1 
ATOM   667 N N   . ASP A 1 85  ? 6.689   -4.721  6.109   1.00 17.10 ? 85  ASP A N   1 
ATOM   668 C CA  . ASP A 1 85  ? 6.391   -4.391  7.495   1.00 20.82 ? 85  ASP A CA  1 
ATOM   669 C C   . ASP A 1 85  ? 6.317   -2.893  7.748   1.00 17.88 ? 85  ASP A C   1 
ATOM   670 O O   . ASP A 1 85  ? 5.463   -2.428  8.499   1.00 19.69 ? 85  ASP A O   1 
ATOM   671 C CB  . ASP A 1 85  ? 7.418   -5.031  8.432   1.00 22.88 ? 85  ASP A CB  1 
ATOM   672 C CG  . ASP A 1 85  ? 7.295   -6.541  8.483   1.00 36.82 ? 85  ASP A CG  1 
ATOM   673 O OD1 . ASP A 1 85  ? 6.176   -7.055  8.268   1.00 41.30 ? 85  ASP A OD1 1 
ATOM   674 O OD2 . ASP A 1 85  ? 8.311   -7.212  8.752   1.00 41.54 ? 85  ASP A OD2 1 
ATOM   675 N N   . TRP A 1 86  ? 7.215   -2.138  7.125   1.00 19.10 ? 86  TRP A N   1 
ATOM   676 C CA  . TRP A 1 86  ? 7.224   -0.693  7.290   1.00 17.17 ? 86  TRP A CA  1 
ATOM   677 C C   . TRP A 1 86  ? 5.933   -0.136  6.690   1.00 15.33 ? 86  TRP A C   1 
ATOM   678 O O   . TRP A 1 86  ? 5.309   0.763   7.254   1.00 18.40 ? 86  TRP A O   1 
ATOM   679 C CB  . TRP A 1 86  ? 8.424   -0.089  6.569   1.00 17.30 ? 86  TRP A CB  1 
ATOM   680 C CG  . TRP A 1 86  ? 8.603   1.371   6.798   1.00 20.17 ? 86  TRP A CG  1 
ATOM   681 C CD1 . TRP A 1 86  ? 9.276   1.963   7.831   1.00 19.85 ? 86  TRP A CD1 1 
ATOM   682 C CD2 . TRP A 1 86  ? 8.147   2.435   5.955   1.00 17.60 ? 86  TRP A CD2 1 
ATOM   683 N NE1 . TRP A 1 86  ? 9.275   3.328   7.676   1.00 23.04 ? 86  TRP A NE1 1 
ATOM   684 C CE2 . TRP A 1 86  ? 8.590   3.647   6.530   1.00 18.55 ? 86  TRP A CE2 1 
ATOM   685 C CE3 . TRP A 1 86  ? 7.410   2.484   4.762   1.00 20.21 ? 86  TRP A CE3 1 
ATOM   686 C CZ2 . TRP A 1 86  ? 8.320   4.895   5.959   1.00 22.64 ? 86  TRP A CZ2 1 
ATOM   687 C CZ3 . TRP A 1 86  ? 7.141   3.730   4.192   1.00 20.02 ? 86  TRP A CZ3 1 
ATOM   688 C CH2 . TRP A 1 86  ? 7.599   4.916   4.791   1.00 20.56 ? 86  TRP A CH2 1 
ATOM   689 N N   . ILE A 1 87  ? 5.543   -0.680  5.542   1.00 17.22 ? 87  ILE A N   1 
ATOM   690 C CA  . ILE A 1 87  ? 4.328   -0.235  4.869   1.00 16.90 ? 87  ILE A CA  1 
ATOM   691 C C   . ILE A 1 87  ? 3.102   -0.528  5.733   1.00 17.39 ? 87  ILE A C   1 
ATOM   692 O O   . ILE A 1 87  ? 2.237   0.330   5.905   1.00 19.22 ? 87  ILE A O   1 
ATOM   693 C CB  . ILE A 1 87  ? 4.203   -0.908  3.487   1.00 13.93 ? 87  ILE A CB  1 
ATOM   694 C CG1 . ILE A 1 87  ? 5.285   -0.343  2.562   1.00 13.50 ? 87  ILE A CG1 1 
ATOM   695 C CG2 . ILE A 1 87  ? 2.809   -0.694  2.915   1.00 15.74 ? 87  ILE A CG2 1 
ATOM   696 C CD1 . ILE A 1 87  ? 5.392   -1.054  1.216   1.00 21.42 ? 87  ILE A CD1 1 
ATOM   697 N N   . LYS A 1 88  ? 3.030   -1.732  6.289   1.00 18.42 ? 88  LYS A N   1 
ATOM   698 C CA  . LYS A 1 88  ? 1.905   -2.077  7.153   1.00 17.13 ? 88  LYS A CA  1 
ATOM   699 C C   . LYS A 1 88  ? 1.807   -1.072  8.300   1.00 19.05 ? 88  LYS A C   1 
ATOM   700 O O   . LYS A 1 88  ? 0.724   -0.584  8.624   1.00 20.53 ? 88  LYS A O   1 
ATOM   701 C CB  . LYS A 1 88  ? 2.079   -3.475  7.750   1.00 18.60 ? 88  LYS A CB  1 
ATOM   702 C CG  . LYS A 1 88  ? 1.941   -4.632  6.782   1.00 26.04 ? 88  LYS A CG  1 
ATOM   703 C CD  . LYS A 1 88  ? 2.083   -5.924  7.567   1.00 32.98 ? 88  LYS A CD  1 
ATOM   704 C CE  . LYS A 1 88  ? 2.264   -7.136  6.689   1.00 42.34 ? 88  LYS A CE  1 
ATOM   705 N NZ  . LYS A 1 88  ? 2.596   -8.310  7.546   1.00 32.80 ? 88  LYS A NZ  1 
ATOM   706 N N   . GLU A 1 89  ? 2.942   -0.757  8.915   1.00 20.87 ? 89  GLU A N   1 
ATOM   707 C CA  . GLU A 1 89  ? 2.945   0.179   10.032  1.00 28.87 ? 89  GLU A CA  1 
ATOM   708 C C   . GLU A 1 89  ? 2.544   1.602   9.651   1.00 23.13 ? 89  GLU A C   1 
ATOM   709 O O   . GLU A 1 89  ? 1.840   2.271   10.407  1.00 24.56 ? 89  GLU A O   1 
ATOM   710 C CB  . GLU A 1 89  ? 4.312   0.183   10.719  1.00 27.93 ? 89  GLU A CB  1 
ATOM   711 C CG  . GLU A 1 89  ? 4.619   -1.099  11.480  1.00 25.29 ? 89  GLU A CG  1 
ATOM   712 C CD  . GLU A 1 89  ? 3.518   -1.472  12.466  1.00 30.93 ? 89  GLU A CD  1 
ATOM   713 O OE1 . GLU A 1 89  ? 3.119   -0.608  13.275  1.00 35.33 ? 89  GLU A OE1 1 
ATOM   714 O OE2 . GLU A 1 89  ? 3.055   -2.631  12.433  1.00 71.16 ? 89  GLU A OE2 1 
ATOM   715 N N   . LYS A 1 90  ? 2.983   2.066   8.483   1.00 19.76 ? 90  LYS A N   1 
ATOM   716 C CA  . LYS A 1 90  ? 2.637   3.412   8.040   1.00 23.57 ? 90  LYS A CA  1 
ATOM   717 C C   . LYS A 1 90  ? 1.157   3.499   7.695   1.00 22.99 ? 90  LYS A C   1 
ATOM   718 O O   . LYS A 1 90  ? 0.537   4.552   7.846   1.00 24.21 ? 90  LYS A O   1 
ATOM   719 C CB  . LYS A 1 90  ? 3.487   3.823   6.833   1.00 21.16 ? 90  LYS A CB  1 
ATOM   720 C CG  . LYS A 1 90  ? 4.908   4.234   7.193   1.00 23.67 ? 90  LYS A CG  1 
ATOM   721 C CD  . LYS A 1 90  ? 4.896   5.439   8.133   1.00 26.86 ? 90  LYS A CD  1 
ATOM   722 C CE  . LYS A 1 90  ? 6.299   5.871   8.512   1.00 30.75 ? 90  LYS A CE  1 
ATOM   723 N NZ  . LYS A 1 90  ? 7.032   4.799   9.235   1.00 57.91 ? 90  LYS A NZ  1 
ATOM   724 N N   . ILE A 1 91  ? 0.597   2.390   7.223   1.00 19.60 ? 91  ILE A N   1 
ATOM   725 C CA  . ILE A 1 91  ? -0.821  2.342   6.893   1.00 20.91 ? 91  ILE A CA  1 
ATOM   726 C C   . ILE A 1 91  ? -1.606  2.403   8.198   1.00 29.77 ? 91  ILE A C   1 
ATOM   727 O O   . ILE A 1 91  ? -2.630  3.078   8.291   1.00 25.79 ? 91  ILE A O   1 
ATOM   728 C CB  . ILE A 1 91  ? -1.175  1.047   6.132   1.00 21.74 ? 91  ILE A CB  1 
ATOM   729 C CG1 . ILE A 1 91  ? -0.657  1.144   4.696   1.00 19.07 ? 91  ILE A CG1 1 
ATOM   730 C CG2 . ILE A 1 91  ? -2.683  0.815   6.151   1.00 27.75 ? 91  ILE A CG2 1 
ATOM   731 C CD1 . ILE A 1 91  ? -0.833  -0.125  3.898   1.00 21.54 ? 91  ILE A CD1 1 
ATOM   732 N N   . TYR A 1 92  ? -1.110  1.707   9.215   1.00 24.84 ? 92  TYR A N   1 
ATOM   733 C CA  . TYR A 1 92  ? -1.776  1.701   10.509  1.00 28.50 ? 92  TYR A CA  1 
ATOM   734 C C   . TYR A 1 92  ? -1.864  3.120   11.067  1.00 23.70 ? 92  TYR A C   1 
ATOM   735 O O   . TYR A 1 92  ? -2.934  3.556   11.492  1.00 37.26 ? 92  TYR A O   1 
ATOM   736 C CB  . TYR A 1 92  ? -1.031  0.783   11.489  1.00 28.01 ? 92  TYR A CB  1 
ATOM   737 C CG  . TYR A 1 92  ? -1.656  0.720   12.866  1.00 29.72 ? 92  TYR A CG  1 
ATOM   738 C CD1 . TYR A 1 92  ? -1.341  1.666   13.840  1.00 31.17 ? 92  TYR A CD1 1 
ATOM   739 C CD2 . TYR A 1 92  ? -2.582  -0.272  13.186  1.00 37.26 ? 92  TYR A CD2 1 
ATOM   740 C CE1 . TYR A 1 92  ? -1.934  1.626   15.102  1.00 41.29 ? 92  TYR A CE1 1 
ATOM   741 C CE2 . TYR A 1 92  ? -3.181  -0.322  14.444  1.00 49.84 ? 92  TYR A CE2 1 
ATOM   742 C CZ  . TYR A 1 92  ? -2.853  0.630   15.396  1.00 43.36 ? 92  TYR A CZ  1 
ATOM   743 O OH  . TYR A 1 92  ? -3.443  0.587   16.638  1.00 59.76 ? 92  TYR A OH  1 
ATOM   744 N N   . VAL A 1 93  ? -0.749  3.847   11.050  1.00 23.23 ? 93  VAL A N   1 
ATOM   745 C CA  . VAL A 1 93  ? -0.737  5.214   11.568  1.00 29.04 ? 93  VAL A CA  1 
ATOM   746 C C   . VAL A 1 93  ? -1.663  6.113   10.754  1.00 30.45 ? 93  VAL A C   1 
ATOM   747 O O   . VAL A 1 93  ? -2.290  7.024   11.294  1.00 33.60 ? 93  VAL A O   1 
ATOM   748 C CB  . VAL A 1 93  ? 0.689   5.823   11.558  1.00 42.94 ? 93  VAL A CB  1 
ATOM   749 C CG1 . VAL A 1 93  ? 1.642   4.924   12.323  1.00 46.87 ? 93  VAL A CG1 1 
ATOM   750 C CG2 . VAL A 1 93  ? 1.171   6.025   10.135  1.00 70.52 ? 93  VAL A CG2 1 
ATOM   751 N N   . LEU A 1 94  ? -1.746  5.851   9.454   1.00 26.90 ? 94  LEU A N   1 
ATOM   752 C CA  . LEU A 1 94  ? -2.605  6.637   8.577   1.00 29.22 ? 94  LEU A CA  1 
ATOM   753 C C   . LEU A 1 94  ? -4.073  6.394   8.894   1.00 22.68 ? 94  LEU A C   1 
ATOM   754 O O   . LEU A 1 94  ? -4.843  7.337   9.074   1.00 33.75 ? 94  LEU A O   1 
ATOM   755 C CB  . LEU A 1 94  ? -2.344  6.279   7.111   1.00 31.58 ? 94  LEU A CB  1 
ATOM   756 C CG  . LEU A 1 94  ? -3.293  6.918   6.091   1.00 33.48 ? 94  LEU A CG  1 
ATOM   757 C CD1 . LEU A 1 94  ? -3.162  8.430   6.147   1.00 35.54 ? 94  LEU A CD1 1 
ATOM   758 C CD2 . LEU A 1 94  ? -2.971  6.406   4.695   1.00 35.26 ? 94  LEU A CD2 1 
ATOM   759 N N   . LEU A 1 95  ? -4.456  5.125   8.965   1.00 23.54 ? 95  LEU A N   1 
ATOM   760 C CA  . LEU A 1 95  ? -5.837  4.759   9.239   1.00 27.21 ? 95  LEU A CA  1 
ATOM   761 C C   . LEU A 1 95  ? -6.303  5.159   10.635  1.00 39.30 ? 95  LEU A C   1 
ATOM   762 O O   . LEU A 1 95  ? -7.448  5.576   10.814  1.00 34.15 ? 95  LEU A O   1 
ATOM   763 C CB  . LEU A 1 95  ? -6.033  3.255   9.028   1.00 25.78 ? 95  LEU A CB  1 
ATOM   764 C CG  . LEU A 1 95  ? -5.878  2.763   7.583   1.00 27.28 ? 95  LEU A CG  1 
ATOM   765 C CD1 . LEU A 1 95  ? -6.060  1.253   7.527   1.00 41.13 ? 95  LEU A CD1 1 
ATOM   766 C CD2 . LEU A 1 95  ? -6.901  3.453   6.695   1.00 34.86 ? 95  LEU A CD2 1 
ATOM   767 N N   . ARG A 1 96  ? -5.420  5.042   11.622  1.00 36.25 ? 96  ARG A N   1 
ATOM   768 C CA  . ARG A 1 96  ? -5.781  5.401   12.989  1.00 39.52 ? 96  ARG A CA  1 
ATOM   769 C C   . ARG A 1 96  ? -5.965  6.912   13.105  1.00 32.66 ? 96  ARG A C   1 
ATOM   770 O O   . ARG A 1 96  ? -6.809  7.389   13.864  1.00 44.08 ? 96  ARG A O   1 
ATOM   771 C CB  . ARG A 1 96  ? -4.705  4.927   13.974  1.00 41.67 ? 96  ARG A CB  1 
ATOM   772 C CG  . ARG A 1 96  ? -3.403  5.706   13.915  1.00 43.65 ? 96  ARG A CG  1 
ATOM   773 C CD  . ARG A 1 96  ? -2.366  5.126   14.869  1.00 50.09 ? 96  ARG A CD  1 
ATOM   774 N NE  . ARG A 1 96  ? -2.839  5.068   16.251  1.00 43.81 ? 96  ARG A NE  1 
ATOM   775 C CZ  . ARG A 1 96  ? -3.143  6.131   16.988  1.00 36.10 ? 96  ARG A CZ  1 
ATOM   776 N NH1 . ARG A 1 96  ? -3.565  5.974   18.237  1.00 45.24 ? 96  ARG A NH1 1 
ATOM   777 N NH2 . ARG A 1 96  ? -3.028  7.351   16.481  1.00 48.71 ? 96  ARG A NH2 1 
ATOM   778 N N   . ARG A 1 97  ? -5.175  7.661   12.344  1.00 32.59 ? 97  ARG A N   1 
ATOM   779 C CA  . ARG A 1 97  ? -5.264  9.113   12.367  1.00 31.12 ? 97  ARG A CA  1 
ATOM   780 C C   . ARG A 1 97  ? -6.557  9.578   11.705  1.00 41.86 ? 97  ARG A C   1 
ATOM   781 O O   . ARG A 1 97  ? -7.249  10.451  12.227  1.00 51.25 ? 97  ARG A O   1 
ATOM   782 C CB  . ARG A 1 97  ? -4.062  9.733   11.649  1.00 36.86 ? 97  ARG A CB  1 
ATOM   783 C CG  . ARG A 1 97  ? -3.956  11.243  11.808  1.00 54.45 ? 97  ARG A CG  1 
ATOM   784 C CD  . ARG A 1 97  ? -2.767  11.799  11.042  1.00 71.67 ? 97  ARG A CD  1 
ATOM   785 N N   . GLN A 1 98  ? -6.886  8.989   10.558  1.00 34.33 ? 98  GLN A N   1 
ATOM   786 C CA  . GLN A 1 98  ? -8.103  9.358   9.844   1.00 33.39 ? 98  GLN A CA  1 
ATOM   787 C C   . GLN A 1 98  ? -9.319  9.002   10.685  1.00 49.69 ? 98  GLN A C   1 
ATOM   788 O O   . GLN A 1 98  ? -10.386 9.601   10.544  1.00 48.53 ? 98  GLN A O   1 
ATOM   789 C CB  . GLN A 1 98  ? -8.172  8.636   8.496   1.00 43.23 ? 98  GLN A CB  1 
ATOM   790 C CG  . GLN A 1 98  ? -6.945  8.850   7.625   1.00 41.34 ? 98  GLN A CG  1 
ATOM   791 C CD  . GLN A 1 98  ? -7.156  8.406   6.192   1.00 40.26 ? 98  GLN A CD  1 
ATOM   792 O OE1 . GLN A 1 98  ? -7.624  7.298   5.934   1.00 42.94 ? 98  GLN A OE1 1 
ATOM   793 N NE2 . GLN A 1 98  ? -6.802  9.272   5.250   1.00 33.73 ? 98  GLN A NE2 1 
ATOM   794 N N   . ALA A 1 99  ? -9.148  8.019   11.562  1.00 47.00 ? 99  ALA A N   1 
ATOM   795 C CA  . ALA A 1 99  ? -10.221 7.577   12.440  1.00 47.74 ? 99  ALA A CA  1 
ATOM   796 C C   . ALA A 1 99  ? -10.438 8.590   13.559  1.00 44.85 ? 99  ALA A C   1 
ATOM   797 O O   . ALA A 1 99  ? -11.573 8.871   13.941  1.00 48.08 ? 99  ALA A O   1 
ATOM   798 C CB  . ALA A 1 99  ? -9.883  6.213   13.028  1.00 38.25 ? 99  ALA A CB  1 
ATOM   799 N N   . GLN A 1 100 ? -9.343  9.140   14.077  1.00 48.10 ? 100 GLN A N   1 
ATOM   800 C CA  . GLN A 1 100 ? -9.418  10.121  15.155  1.00 58.76 ? 100 GLN A CA  1 
ATOM   801 C C   . GLN A 1 100 ? -9.611  11.543  14.637  1.00 71.09 ? 100 GLN A C   1 
ATOM   802 O O   . GLN A 1 100 ? -9.781  12.477  15.421  1.00 88.16 ? 100 GLN A O   1 
ATOM   803 C CB  . GLN A 1 100 ? -8.159  10.051  16.026  1.00 59.40 ? 100 GLN A CB  1 
ATOM   804 C CG  . GLN A 1 100 ? -6.857  10.271  15.274  1.00 63.09 ? 100 GLN A CG  1 
ATOM   805 C CD  . GLN A 1 100 ? -5.638  10.115  16.163  1.00 64.44 ? 100 GLN A CD  1 
ATOM   806 O OE1 . GLN A 1 100 ? -5.477  9.102   16.844  1.00 69.13 ? 100 GLN A OE1 1 
ATOM   807 N NE2 . GLN A 1 100 ? -4.767  11.118  16.158  1.00 43.58 ? 100 GLN A NE2 1 
ATOM   808 N N   . GLN A 1 101 ? -9.582  11.709  13.318  1.00 73.77 ? 101 GLN A N   1 
ATOM   809 C CA  . GLN A 1 101 ? -9.767  13.024  12.714  1.00 67.44 ? 101 GLN A CA  1 
ATOM   810 C C   . GLN A 1 101 ? -11.252 13.349  12.572  1.00 75.02 ? 101 GLN A C   1 
ATOM   811 O O   . GLN A 1 101 ? -11.996 12.433  12.164  1.00 60.74 ? 101 GLN A O   1 
ATOM   812 C CB  . GLN A 1 101 ? -9.099  13.089  11.338  1.00 59.01 ? 101 GLN A CB  1 
ATOM   813 C CG  . GLN A 1 101 ? -7.581  13.163  11.377  1.00 53.61 ? 101 GLN A CG  1 
ATOM   814 C CD  . GLN A 1 101 ? -6.972  13.312  9.996   1.00 49.33 ? 101 GLN A CD  1 
ATOM   815 O OE1 . GLN A 1 101 ? -7.170  12.467  9.123   1.00 56.76 ? 101 GLN A OE1 1 
ATOM   816 N NE2 . GLN A 1 101 ? -6.228  14.393  9.790   1.00 69.93 ? 101 GLN A NE2 1 
HETATM 817 O O   . HOH B 2 .   ? 9.245   -8.084  -7.303  1.00 21.69 ? 201 HOH A O   1 
HETATM 818 O O   . HOH B 2 .   ? 2.265   -10.758 -10.348 1.00 24.84 ? 202 HOH A O   1 
HETATM 819 O O   . HOH B 2 .   ? 0.817   6.838   -9.687  1.00 23.23 ? 203 HOH A O   1 
HETATM 820 O O   . HOH B 2 .   ? 7.892   -5.180  -4.662  1.00 24.52 ? 204 HOH A O   1 
HETATM 821 O O   . HOH B 2 .   ? -3.818  1.949   -5.819  1.00 21.34 ? 205 HOH A O   1 
HETATM 822 O O   . HOH B 2 .   ? 6.294   12.058  2.572   1.00 23.83 ? 206 HOH A O   1 
HETATM 823 O O   . HOH B 2 .   ? 12.532  -3.409  -2.812  1.00 26.76 ? 207 HOH A O   1 
HETATM 824 O O   . HOH B 2 .   ? 3.171   11.777  3.982   1.00 24.22 ? 208 HOH A O   1 
HETATM 825 O O   . HOH B 2 .   ? 11.260  -5.645  -4.783  1.00 33.03 ? 209 HOH A O   1 
HETATM 826 O O   . HOH B 2 .   ? 9.059   7.744   -10.503 1.00 29.89 ? 210 HOH A O   1 
HETATM 827 O O   . HOH B 2 .   ? -2.777  4.390   -6.490  1.00 24.35 ? 211 HOH A O   1 
HETATM 828 O O   . HOH B 2 .   ? -14.324 -10.138 0.948   1.00 25.62 ? 212 HOH A O   1 
HETATM 829 O O   . HOH B 2 .   ? 11.936  -1.501  5.885   1.00 26.92 ? 213 HOH A O   1 
HETATM 830 O O   . HOH B 2 .   ? -2.958  8.256   -3.181  1.00 26.32 ? 214 HOH A O   1 
HETATM 831 O O   . HOH B 2 .   ? 7.830   -8.083  -0.054  1.00 26.18 ? 215 HOH A O   1 
HETATM 832 O O   . HOH B 2 .   ? 4.248   6.523   -12.595 1.00 32.10 ? 216 HOH A O   1 
HETATM 833 O O   . HOH B 2 .   ? 0.648   0.561   -11.701 1.00 29.63 ? 217 HOH A O   1 
HETATM 834 O O   . HOH B 2 .   ? 9.067   -6.292  1.416   1.00 27.94 ? 218 HOH A O   1 
HETATM 835 O O   . HOH B 2 .   ? 5.999   10.238  -12.167 1.00 28.43 ? 219 HOH A O   1 
HETATM 836 O O   . HOH B 2 .   ? -18.345 -3.803  -5.181  1.00 32.06 ? 220 HOH A O   1 
HETATM 837 O O   . HOH B 2 .   ? 11.999  -9.278  -4.342  1.00 30.57 ? 221 HOH A O   1 
HETATM 838 O O   . HOH B 2 .   ? 12.195  -1.134  -1.568  1.00 36.71 ? 222 HOH A O   1 
HETATM 839 O O   . HOH B 2 .   ? -17.035 -9.909  3.189   1.00 34.36 ? 223 HOH A O   1 
HETATM 840 O O   . HOH B 2 .   ? 12.686  -3.432  0.566   1.00 40.61 ? 224 HOH A O   1 
HETATM 841 O O   . HOH B 2 .   ? 19.393  9.253   2.829   1.00 43.24 ? 225 HOH A O   1 
HETATM 842 O O   . HOH B 2 .   ? 2.021   9.217   -10.908 1.00 37.09 ? 226 HOH A O   1 
HETATM 843 O O   . HOH B 2 .   ? 13.717  11.223  -8.914  1.00 32.60 ? 227 HOH A O   1 
HETATM 844 O O   . HOH B 2 .   ? -16.510 -12.395 -1.107  1.00 29.47 ? 228 HOH A O   1 
HETATM 845 O O   . HOH B 2 .   ? -8.061  -11.927 6.369   1.00 39.18 ? 229 HOH A O   1 
HETATM 846 O O   . HOH B 2 .   ? 12.966  -10.294 -15.285 1.00 43.11 ? 230 HOH A O   1 
HETATM 847 O O   . HOH B 2 .   ? -0.278  -6.518  -11.562 1.00 39.98 ? 231 HOH A O   1 
HETATM 848 O O   . HOH B 2 .   ? 16.603  17.397  -3.230  1.00 39.82 ? 232 HOH A O   1 
HETATM 849 O O   . HOH B 2 .   ? -13.719 -0.042  6.691   1.00 41.25 ? 233 HOH A O   1 
HETATM 850 O O   . HOH B 2 .   ? -6.340  -4.444  -6.616  1.00 34.18 ? 234 HOH A O   1 
HETATM 851 O O   . HOH B 2 .   ? -8.041  -5.613  13.063  1.00 37.17 ? 235 HOH A O   1 
HETATM 852 O O   . HOH B 2 .   ? -4.385  6.460   -4.414  1.00 34.83 ? 236 HOH A O   1 
HETATM 853 O O   . HOH B 2 .   ? 1.238   16.002  -1.517  1.00 32.40 ? 237 HOH A O   1 
HETATM 854 O O   . HOH B 2 .   ? 11.621  -7.027  -1.908  1.00 31.71 ? 238 HOH A O   1 
HETATM 855 O O   . HOH B 2 .   ? -11.492 2.592   -3.057  1.00 40.92 ? 239 HOH A O   1 
HETATM 856 O O   . HOH B 2 .   ? -24.596 -10.085 -0.839  1.00 47.34 ? 240 HOH A O   1 
HETATM 857 O O   . HOH B 2 .   ? 18.592  1.187   3.884   1.00 34.73 ? 241 HOH A O   1 
HETATM 858 O O   . HOH B 2 .   ? 5.185   -11.719 3.160   1.00 42.53 ? 242 HOH A O   1 
HETATM 859 O O   . HOH B 2 .   ? -0.468  13.486  -7.238  1.00 54.70 ? 243 HOH A O   1 
HETATM 860 O O   . HOH B 2 .   ? 0.580   11.667  -9.858  1.00 55.50 ? 244 HOH A O   1 
HETATM 861 O O   . HOH B 2 .   ? 13.294  -5.672  -3.444  1.00 21.63 ? 245 HOH A O   1 
HETATM 862 O O   . HOH B 2 .   ? 11.559  -5.826  0.606   1.00 29.44 ? 246 HOH A O   1 
HETATM 863 O O   . HOH B 2 .   ? -12.488 -11.328 -0.374  1.00 31.41 ? 247 HOH A O   1 
HETATM 864 O O   . HOH B 2 .   ? -3.693  -7.231  -6.312  1.00 66.69 ? 248 HOH A O   1 
HETATM 865 O O   . HOH B 2 .   ? -0.928  0.383   -7.034  1.00 41.62 ? 249 HOH A O   1 
HETATM 866 O O   . HOH B 2 .   ? 16.446  13.637  4.000   1.00 43.44 ? 250 HOH A O   1 
HETATM 867 O O   . HOH B 2 .   ? 8.887   -7.078  5.515   1.00 44.87 ? 251 HOH A O   1 
HETATM 868 O O   . HOH B 2 .   ? -0.836  0.849   -9.523  1.00 30.95 ? 252 HOH A O   1 
HETATM 869 O O   . HOH B 2 .   ? 0.351   13.735  1.962   1.00 49.88 ? 253 HOH A O   1 
HETATM 870 O O   . HOH B 2 .   ? 5.209   -21.718 -5.728  1.00 46.68 ? 254 HOH A O   1 
HETATM 871 O O   . HOH B 2 .   ? 6.704   15.855  -2.473  1.00 31.09 ? 255 HOH A O   1 
HETATM 872 O O   . HOH B 2 .   ? -13.634 -9.439  3.636   1.00 45.27 ? 256 HOH A O   1 
HETATM 873 O O   . HOH B 2 .   ? -2.554  9.184   -7.012  1.00 37.51 ? 257 HOH A O   1 
HETATM 874 O O   . HOH B 2 .   ? 11.917  -8.630  -17.519 1.00 43.62 ? 258 HOH A O   1 
HETATM 875 O O   . HOH B 2 .   ? 8.157   -9.449  -16.241 1.00 44.46 ? 259 HOH A O   1 
HETATM 876 O O   . HOH B 2 .   ? 19.770  0.203   6.474   1.00 84.62 ? 260 HOH A O   1 
HETATM 877 O O   . HOH B 2 .   ? 0.014   -11.509 -11.686 1.00 42.33 ? 261 HOH A O   1 
HETATM 878 O O   . HOH B 2 .   ? 0.365   10.226  -7.470  1.00 36.77 ? 262 HOH A O   1 
HETATM 879 O O   . HOH B 2 .   ? -19.443 -11.706 -1.914  1.00 40.19 ? 263 HOH A O   1 
HETATM 880 O O   . HOH B 2 .   ? -15.287 -9.086  7.717   1.00 39.87 ? 264 HOH A O   1 
HETATM 881 O O   . HOH B 2 .   ? 0.881   -8.378  9.958   1.00 55.19 ? 265 HOH A O   1 
HETATM 882 O O   . HOH B 2 .   ? 14.342  -0.229  5.318   1.00 38.66 ? 266 HOH A O   1 
HETATM 883 O O   . HOH B 2 .   ? 2.018   -17.078 -6.962  1.00 40.02 ? 267 HOH A O   1 
HETATM 884 O O   . HOH B 2 .   ? 0.578   11.872  -5.266  1.00 23.68 ? 268 HOH A O   1 
HETATM 885 O O   . HOH B 2 .   ? -16.243 -9.291  -9.669  1.00 25.06 ? 269 HOH A O   1 
HETATM 886 O O   . HOH B 2 .   ? -2.100  10.307  -4.801  1.00 32.64 ? 270 HOH A O   1 
HETATM 887 O O   . HOH B 2 .   ? -21.040 -8.634  -2.328  1.00 35.97 ? 271 HOH A O   1 
HETATM 888 O O   . HOH B 2 .   ? -6.820  -6.997  -7.193  1.00 37.39 ? 272 HOH A O   1 
HETATM 889 O O   . HOH B 2 .   ? -7.318  -10.404 3.697   1.00 46.83 ? 273 HOH A O   1 
HETATM 890 O O   . HOH B 2 .   ? -9.802  -11.343 -0.126  1.00 33.27 ? 274 HOH A O   1 
HETATM 891 O O   . HOH B 2 .   ? 14.188  18.268  -1.889  1.00 40.59 ? 275 HOH A O   1 
HETATM 892 O O   . HOH B 2 .   ? -9.646  -9.872  2.463   1.00 40.10 ? 276 HOH A O   1 
HETATM 893 O O   . HOH B 2 .   ? -0.778  15.089  -4.692  1.00 35.08 ? 277 HOH A O   1 
HETATM 894 O O   . HOH B 2 .   ? 9.985   -11.985 -10.659 1.00 47.88 ? 278 HOH A O   1 
HETATM 895 O O   . HOH B 2 .   ? -7.802  4.966   2.959   1.00 47.99 ? 279 HOH A O   1 
HETATM 896 O O   . HOH B 2 .   ? -1.491  -8.933  -12.024 1.00 41.56 ? 280 HOH A O   1 
HETATM 897 O O   . HOH B 2 .   ? 4.180   -13.667 0.224   1.00 37.92 ? 281 HOH A O   1 
HETATM 898 O O   . HOH B 2 .   ? -15.085 -10.988 5.223   1.00 42.30 ? 282 HOH A O   1 
HETATM 899 O O   . HOH B 2 .   ? 1.848   -5.515  -14.973 1.00 39.12 ? 283 HOH A O   1 
HETATM 900 O O   . HOH B 2 .   ? 6.554   -8.835  6.001   1.00 45.37 ? 284 HOH A O   1 
HETATM 901 O O   . HOH B 2 .   ? -0.817  17.977  -0.431  1.00 70.57 ? 285 HOH A O   1 
HETATM 902 O O   . HOH B 2 .   ? 8.509   -14.391 -8.998  1.00 48.19 ? 286 HOH A O   1 
HETATM 903 O O   . HOH B 2 .   ? -16.660 -11.163 1.137   1.00 20.84 ? 287 HOH A O   1 
HETATM 904 O O   . HOH B 2 .   ? -2.463  -13.851 4.424   1.00 47.85 ? 288 HOH A O   1 
HETATM 905 O O   . HOH B 2 .   ? 11.437  -4.994  9.209   1.00 47.33 ? 289 HOH A O   1 
HETATM 906 O O   . HOH B 2 .   ? 4.537   -9.760  4.820   1.00 72.05 ? 290 HOH A O   1 
HETATM 907 O O   . HOH B 2 .   ? -17.055 -7.122  -10.927 1.00 45.22 ? 291 HOH A O   1 
HETATM 908 O O   . HOH B 2 .   ? -3.071  -5.536  13.969  1.00 54.64 ? 292 HOH A O   1 
HETATM 909 O O   . HOH B 2 .   ? -6.248  -11.211 1.399   1.00 47.38 ? 293 HOH A O   1 
HETATM 910 O O   . HOH B 2 .   ? 6.864   -10.691 0.407   1.00 45.00 ? 294 HOH A O   1 
HETATM 911 O O   . HOH B 2 .   ? -3.420  -9.407  10.429  1.00 54.06 ? 295 HOH A O   1 
HETATM 912 O O   . HOH B 2 .   ? -21.093 -2.725  -8.728  1.00 63.07 ? 296 HOH A O   1 
HETATM 913 O O   . HOH B 2 .   ? -11.311 -11.072 4.111   1.00 41.77 ? 297 HOH A O   1 
HETATM 914 O O   . HOH B 2 .   ? -11.331 1.259   12.252  1.00 70.12 ? 298 HOH A O   1 
HETATM 915 O O   . HOH B 2 .   ? 0.149   -15.408 -4.965  1.00 57.42 ? 299 HOH A O   1 
HETATM 916 O O   . HOH B 2 .   ? -13.307 -14.068 5.036   1.00 56.66 ? 300 HOH A O   1 
HETATM 917 O O   . HOH B 2 .   ? 1.777   7.209   7.198   1.00 45.52 ? 301 HOH A O   1 
HETATM 918 O O   . HOH B 2 .   ? -10.085 1.263   -4.745  1.00 29.47 ? 302 HOH A O   1 
HETATM 919 O O   . HOH B 2 .   ? 7.573   16.229  1.569   1.00 58.25 ? 303 HOH A O   1 
HETATM 920 O O   . HOH B 2 .   ? 3.738   -13.932 2.989   1.00 50.38 ? 304 HOH A O   1 
HETATM 921 O O   . HOH B 2 .   ? 6.591   -13.176 -0.803  1.00 49.35 ? 305 HOH A O   1 
HETATM 922 O O   . HOH B 2 .   ? -26.444 -4.387  -1.855  1.00 52.88 ? 306 HOH A O   1 
HETATM 923 O O   . HOH B 2 .   ? 4.311   8.924   7.576   1.00 60.11 ? 307 HOH A O   1 
HETATM 924 O O   . HOH B 2 .   ? -14.218 10.409  14.297  1.00 48.81 ? 308 HOH A O   1 
HETATM 925 O O   . HOH B 2 .   ? 5.815   -15.940 -3.271  1.00 51.05 ? 309 HOH A O   1 
HETATM 926 O O   . HOH B 2 .   ? -1.710  -4.878  -9.430  1.00 56.56 ? 310 HOH A O   1 
HETATM 927 O O   . HOH B 2 .   ? -15.162 -7.109  9.682   1.00 71.71 ? 311 HOH A O   1 
HETATM 928 O O   . HOH B 2 .   ? -3.368  12.641  -3.914  1.00 41.94 ? 312 HOH A O   1 
HETATM 929 O O   . HOH B 2 .   ? 6.038   -13.168 -20.445 1.00 56.75 ? 313 HOH A O   1 
HETATM 930 O O   . HOH B 2 .   ? -4.790  10.572  3.290   1.00 93.15 ? 314 HOH A O   1 
HETATM 931 O O   . HOH B 2 .   ? -9.704  5.910   6.595   1.00 51.91 ? 315 HOH A O   1 
HETATM 932 O O   . HOH B 2 .   ? 3.585   16.736  -0.299  1.00 48.56 ? 316 HOH A O   1 
HETATM 933 O O   . HOH B 2 .   ? -3.887  6.811   -6.963  1.00 69.02 ? 317 HOH A O   1 
HETATM 934 O O   . HOH B 2 .   ? 11.120  -2.166  8.531   1.00 48.90 ? 318 HOH A O   1 
HETATM 935 O O   . HOH B 2 .   ? 8.356   8.328   7.531   1.00 61.07 ? 319 HOH A O   1 
HETATM 936 O O   . HOH B 2 .   ? 0.366   -11.654 -14.592 1.00 49.10 ? 320 HOH A O   1 
HETATM 937 O O   . HOH B 2 .   ? -6.075  7.304   3.078   1.00 57.17 ? 321 HOH A O   1 
HETATM 938 O O   . HOH B 2 .   ? -6.602  -3.723  15.811  1.00 68.86 ? 322 HOH A O   1 
HETATM 939 O O   . HOH B 2 .   ? -22.319 -2.603  0.876   1.00 52.65 ? 323 HOH A O   1 
HETATM 940 O O   . HOH B 2 .   ? 12.802  14.213  0.995   1.00 65.16 ? 324 HOH A O   1 
HETATM 941 O O   . HOH B 2 .   ? -9.430  -2.006  12.189  1.00 60.77 ? 325 HOH A O   1 
HETATM 942 O O   . HOH B 2 .   ? -9.622  5.042   9.396   1.00 61.95 ? 326 HOH A O   1 
HETATM 943 O O   . HOH B 2 .   ? -9.203  11.415  4.640   1.00 65.09 ? 327 HOH A O   1 
HETATM 944 O O   . HOH B 2 .   ? 9.062   11.038  4.519   1.00 61.88 ? 328 HOH A O   1 
HETATM 945 O O   . HOH B 2 .   ? -11.232 -4.856  14.970  1.00 63.42 ? 329 HOH A O   1 
HETATM 946 O O   . HOH B 2 .   ? 4.319   -16.071 -15.885 1.00 33.93 ? 330 HOH A O   1 
# 
